data_2DC2
#
_entry.id   2DC2
#
_entity_poly.entity_id   1
_entity_poly.type   'polypeptide(L)'
_entity_poly.pdbx_seq_one_letter_code
;MKKSQGVGPIRKVLLLKEDHEGLGISITGGKEHGVPILISEIHPGQPADRCGGLHVGDAILAVNGVNLRDTKHKEAVTIL
SQQRGEIEFEVVYVALEHHHHHH
;
_entity_poly.pdbx_strand_id   A
#
# COMPACT_ATOMS: atom_id res chain seq x y z
N PRO A 9 -0.07 16.28 0.67
CA PRO A 9 -1.27 16.01 1.51
C PRO A 9 -1.45 14.51 1.78
N ILE A 10 -1.40 14.13 3.06
CA ILE A 10 -1.55 12.72 3.44
C ILE A 10 -3.02 12.31 3.44
N ARG A 11 -3.31 11.14 2.87
CA ARG A 11 -4.67 10.62 2.81
C ARG A 11 -4.79 9.29 3.55
N LYS A 12 -5.75 9.22 4.48
CA LYS A 12 -5.97 8.00 5.26
C LYS A 12 -7.16 7.21 4.69
N VAL A 13 -6.88 6.01 4.18
CA VAL A 13 -7.92 5.16 3.60
C VAL A 13 -7.87 3.75 4.17
N LEU A 14 -9.02 3.27 4.65
CA LEU A 14 -9.12 1.93 5.23
C LEU A 14 -9.65 0.94 4.20
N LEU A 15 -8.86 -0.10 3.89
CA LEU A 15 -9.25 -1.12 2.93
C LEU A 15 -9.46 -2.47 3.60
N LEU A 16 -10.52 -3.18 3.20
CA LEU A 16 -10.83 -4.49 3.76
C LEU A 16 -10.31 -5.61 2.85
N LYS A 17 -9.35 -6.38 3.35
CA LYS A 17 -8.77 -7.48 2.57
C LYS A 17 -9.22 -8.82 3.14
N GLU A 18 -9.44 -9.79 2.25
CA GLU A 18 -9.88 -11.12 2.65
C GLU A 18 -8.82 -12.17 2.35
N ASP A 19 -8.89 -13.30 3.04
CA ASP A 19 -7.95 -14.40 2.84
C ASP A 19 -7.97 -14.88 1.39
N HIS A 20 -9.15 -14.92 0.80
CA HIS A 20 -9.33 -15.36 -0.59
C HIS A 20 -8.91 -14.26 -1.58
N GLU A 21 -9.04 -12.98 -1.16
CA GLU A 21 -8.68 -11.86 -2.02
C GLU A 21 -7.22 -11.46 -1.82
N GLY A 22 -6.67 -10.77 -2.82
CA GLY A 22 -5.27 -10.33 -2.74
C GLY A 22 -5.15 -8.84 -2.51
N LEU A 23 -3.94 -8.30 -2.72
CA LEU A 23 -3.70 -6.88 -2.53
C LEU A 23 -4.48 -6.05 -3.55
N GLY A 24 -4.46 -6.47 -4.81
CA GLY A 24 -5.17 -5.77 -5.86
C GLY A 24 -4.38 -4.60 -6.43
N ILE A 25 -3.15 -4.39 -5.97
CA ILE A 25 -2.32 -3.30 -6.44
C ILE A 25 -0.84 -3.71 -6.43
N SER A 26 -0.08 -3.17 -7.40
CA SER A 26 1.34 -3.48 -7.50
C SER A 26 2.18 -2.26 -7.10
N ILE A 27 3.27 -2.52 -6.37
CA ILE A 27 4.14 -1.44 -5.91
C ILE A 27 5.54 -1.56 -6.51
N THR A 28 6.25 -0.43 -6.57
CA THR A 28 7.60 -0.39 -7.13
C THR A 28 8.49 0.60 -6.38
N GLY A 29 9.80 0.37 -6.44
CA GLY A 29 10.76 1.24 -5.75
C GLY A 29 11.73 0.46 -4.89
N GLY A 30 12.20 1.08 -3.80
CA GLY A 30 13.12 0.42 -2.90
C GLY A 30 13.75 1.37 -1.89
N LYS A 31 13.36 1.23 -0.62
CA LYS A 31 13.89 2.07 0.45
C LYS A 31 15.41 1.95 0.54
N GLU A 32 15.92 0.74 0.32
CA GLU A 32 17.36 0.49 0.36
C GLU A 32 18.11 1.37 -0.66
N HIS A 33 17.44 1.67 -1.78
CA HIS A 33 18.03 2.51 -2.82
C HIS A 33 18.04 3.99 -2.41
N GLY A 34 17.12 4.35 -1.51
CA GLY A 34 17.04 5.73 -1.06
C GLY A 34 15.75 6.43 -1.48
N VAL A 35 14.69 5.64 -1.70
CA VAL A 35 13.41 6.19 -2.11
C VAL A 35 12.25 5.35 -1.56
N PRO A 36 11.16 6.00 -1.11
CA PRO A 36 9.98 5.31 -0.57
C PRO A 36 9.21 4.56 -1.65
N ILE A 37 8.43 3.55 -1.24
CA ILE A 37 7.65 2.75 -2.18
C ILE A 37 6.33 3.46 -2.51
N LEU A 38 5.95 3.44 -3.79
CA LEU A 38 4.71 4.08 -4.23
C LEU A 38 3.88 3.15 -5.12
N ILE A 39 2.58 3.43 -5.21
CA ILE A 39 1.67 2.64 -6.04
C ILE A 39 1.71 3.10 -7.49
N SER A 40 1.92 2.15 -8.41
CA SER A 40 1.98 2.45 -9.83
C SER A 40 0.97 1.63 -10.63
N GLU A 41 0.86 0.33 -10.32
CA GLU A 41 -0.07 -0.54 -11.02
C GLU A 41 -1.29 -0.86 -10.16
N ILE A 42 -2.45 -0.98 -10.79
CA ILE A 42 -3.69 -1.29 -10.09
C ILE A 42 -4.45 -2.42 -10.79
N HIS A 43 -4.83 -3.44 -10.04
CA HIS A 43 -5.56 -4.58 -10.58
C HIS A 43 -7.06 -4.31 -10.63
N PRO A 44 -7.65 -4.23 -11.83
CA PRO A 44 -9.08 -3.98 -11.99
C PRO A 44 -9.93 -5.17 -11.55
N GLY A 45 -10.82 -4.94 -10.60
CA GLY A 45 -11.68 -5.99 -10.10
C GLY A 45 -11.18 -6.58 -8.78
N GLN A 46 -10.60 -5.74 -7.94
CA GLN A 46 -10.08 -6.16 -6.66
C GLN A 46 -10.46 -5.15 -5.57
N PRO A 47 -10.16 -5.45 -4.29
CA PRO A 47 -10.48 -4.54 -3.17
C PRO A 47 -10.01 -3.10 -3.42
N ALA A 48 -8.89 -2.96 -4.14
CA ALA A 48 -8.34 -1.64 -4.44
C ALA A 48 -9.34 -0.79 -5.23
N ASP A 49 -9.95 -1.38 -6.25
CA ASP A 49 -10.94 -0.69 -7.08
C ASP A 49 -12.21 -0.40 -6.29
N ARG A 50 -12.63 -1.38 -5.47
CA ARG A 50 -13.82 -1.26 -4.65
C ARG A 50 -13.71 -0.08 -3.67
N CYS A 51 -12.48 0.18 -3.20
CA CYS A 51 -12.25 1.28 -2.26
C CYS A 51 -12.38 2.64 -2.95
N GLY A 52 -12.10 2.69 -4.25
CA GLY A 52 -12.18 3.95 -4.99
C GLY A 52 -11.16 4.98 -4.53
N GLY A 53 -10.13 4.54 -3.79
CA GLY A 53 -9.11 5.45 -3.30
C GLY A 53 -7.72 5.11 -3.82
N LEU A 54 -7.45 3.83 -4.04
CA LEU A 54 -6.15 3.39 -4.54
C LEU A 54 -5.93 3.88 -5.97
N HIS A 55 -5.27 5.03 -6.10
CA HIS A 55 -4.98 5.64 -7.39
C HIS A 55 -3.50 5.53 -7.74
N VAL A 56 -3.19 5.61 -9.04
CA VAL A 56 -1.81 5.54 -9.49
C VAL A 56 -1.03 6.77 -9.03
N GLY A 57 0.16 6.55 -8.49
CA GLY A 57 0.98 7.67 -8.02
C GLY A 57 0.74 7.98 -6.55
N ASP A 58 0.72 6.92 -5.72
CA ASP A 58 0.51 7.08 -4.28
C ASP A 58 1.77 6.70 -3.51
N ALA A 59 2.27 7.63 -2.68
CA ALA A 59 3.49 7.36 -1.90
C ALA A 59 3.14 6.78 -0.54
N ILE A 60 3.65 5.57 -0.27
CA ILE A 60 3.38 4.90 1.00
C ILE A 60 4.21 5.51 2.13
N LEU A 61 3.58 5.64 3.30
CA LEU A 61 4.24 6.19 4.49
C LEU A 61 4.09 5.25 5.68
N ALA A 62 2.85 4.85 5.98
CA ALA A 62 2.57 3.96 7.10
C ALA A 62 1.42 3.00 6.78
N VAL A 63 1.51 1.78 7.32
CA VAL A 63 0.49 0.76 7.11
C VAL A 63 0.12 0.10 8.43
N ASN A 64 -1.13 0.28 8.84
CA ASN A 64 -1.62 -0.28 10.10
C ASN A 64 -0.76 0.19 11.29
N GLY A 65 -0.33 1.46 11.23
CA GLY A 65 0.51 2.01 12.29
C GLY A 65 1.98 1.65 12.13
N VAL A 66 2.30 0.69 11.25
CA VAL A 66 3.68 0.28 11.03
C VAL A 66 4.37 1.19 10.02
N ASN A 67 5.54 1.72 10.40
CA ASN A 67 6.30 2.62 9.53
C ASN A 67 6.98 1.85 8.40
N LEU A 68 6.81 2.32 7.17
CA LEU A 68 7.41 1.68 6.00
C LEU A 68 8.66 2.43 5.52
N ARG A 69 8.75 3.72 5.85
CA ARG A 69 9.90 4.54 5.44
C ARG A 69 11.20 3.99 6.02
N ASP A 70 11.13 3.38 7.21
CA ASP A 70 12.31 2.82 7.86
C ASP A 70 12.48 1.33 7.55
N THR A 71 11.68 0.80 6.62
CA THR A 71 11.77 -0.61 6.25
C THR A 71 12.11 -0.76 4.77
N LYS A 72 12.61 -1.94 4.38
CA LYS A 72 12.98 -2.20 2.99
C LYS A 72 11.77 -2.70 2.20
N HIS A 73 11.84 -2.61 0.87
CA HIS A 73 10.74 -3.07 0.01
C HIS A 73 10.36 -4.51 0.31
N LYS A 74 11.37 -5.38 0.42
CA LYS A 74 11.14 -6.80 0.71
C LYS A 74 10.46 -6.96 2.08
N GLU A 75 10.93 -6.19 3.06
CA GLU A 75 10.38 -6.24 4.41
C GLU A 75 8.93 -5.75 4.42
N ALA A 76 8.64 -4.72 3.63
CA ALA A 76 7.30 -4.14 3.55
C ALA A 76 6.30 -5.15 2.98
N VAL A 77 6.75 -5.99 2.06
CA VAL A 77 5.89 -7.01 1.46
C VAL A 77 5.39 -7.98 2.52
N THR A 78 6.30 -8.40 3.40
CA THR A 78 5.97 -9.33 4.48
C THR A 78 5.02 -8.67 5.49
N ILE A 79 5.34 -7.43 5.89
CA ILE A 79 4.52 -6.70 6.84
C ILE A 79 3.10 -6.49 6.30
N LEU A 80 3.00 -6.10 5.03
CA LEU A 80 1.70 -5.88 4.40
C LEU A 80 0.85 -7.15 4.43
N SER A 81 1.51 -8.29 4.24
CA SER A 81 0.83 -9.58 4.24
C SER A 81 0.32 -9.95 5.65
N GLN A 82 1.01 -9.44 6.68
CA GLN A 82 0.61 -9.71 8.07
C GLN A 82 -0.76 -9.09 8.38
N GLN A 83 -1.08 -7.98 7.72
CA GLN A 83 -2.35 -7.29 7.92
C GLN A 83 -3.51 -8.16 7.42
N ARG A 84 -4.37 -8.58 8.35
CA ARG A 84 -5.52 -9.42 8.02
C ARG A 84 -6.83 -8.68 8.29
N GLY A 85 -7.87 -9.04 7.54
CA GLY A 85 -9.17 -8.42 7.70
C GLY A 85 -9.14 -6.93 7.42
N GLU A 86 -9.14 -6.13 8.49
CA GLU A 86 -9.11 -4.67 8.35
C GLU A 86 -7.66 -4.19 8.28
N ILE A 87 -7.33 -3.49 7.19
CA ILE A 87 -5.99 -2.97 7.00
C ILE A 87 -6.01 -1.46 6.77
N GLU A 88 -5.25 -0.73 7.57
CA GLU A 88 -5.17 0.72 7.45
C GLU A 88 -3.99 1.12 6.55
N PHE A 89 -4.28 1.86 5.50
CA PHE A 89 -3.24 2.30 4.56
C PHE A 89 -3.12 3.82 4.53
N GLU A 90 -1.88 4.30 4.67
CA GLU A 90 -1.61 5.74 4.66
C GLU A 90 -0.64 6.09 3.52
N VAL A 91 -1.13 6.86 2.56
CA VAL A 91 -0.31 7.28 1.41
C VAL A 91 -0.53 8.75 1.08
N VAL A 92 0.30 9.28 0.17
CA VAL A 92 0.21 10.68 -0.24
C VAL A 92 0.17 10.80 -1.78
N TYR A 93 -0.76 11.61 -2.29
CA TYR A 93 -0.90 11.81 -3.73
C TYR A 93 0.34 12.50 -4.31
N VAL A 94 0.96 11.86 -5.30
CA VAL A 94 2.15 12.41 -5.94
C VAL A 94 1.91 12.65 -7.43
N ALA A 95 2.30 13.84 -7.90
CA ALA A 95 2.12 14.20 -9.31
C ALA A 95 3.21 15.17 -9.77
N PRO A 9 -1.21 16.87 2.30
CA PRO A 9 -2.27 16.18 1.53
C PRO A 9 -2.25 14.66 1.77
N ILE A 10 -2.51 14.26 3.03
CA ILE A 10 -2.53 12.85 3.40
C ILE A 10 -3.91 12.24 3.14
N ARG A 11 -3.92 11.01 2.66
CA ARG A 11 -5.16 10.31 2.37
C ARG A 11 -5.27 9.02 3.19
N LYS A 12 -6.32 8.91 3.98
CA LYS A 12 -6.55 7.73 4.81
C LYS A 12 -7.57 6.80 4.17
N VAL A 13 -7.12 5.62 3.76
CA VAL A 13 -8.00 4.63 3.12
C VAL A 13 -7.90 3.26 3.80
N LEU A 14 -9.03 2.59 3.95
CA LEU A 14 -9.09 1.28 4.58
C LEU A 14 -9.33 0.18 3.54
N LEU A 15 -8.47 -0.84 3.53
CA LEU A 15 -8.58 -1.93 2.58
C LEU A 15 -8.92 -3.25 3.31
N LEU A 16 -9.84 -4.02 2.74
CA LEU A 16 -10.25 -5.29 3.31
C LEU A 16 -9.64 -6.46 2.54
N LYS A 17 -8.76 -7.21 3.21
CA LYS A 17 -8.11 -8.36 2.59
C LYS A 17 -8.79 -9.66 3.00
N GLU A 18 -9.03 -10.53 2.01
CA GLU A 18 -9.67 -11.82 2.26
C GLU A 18 -8.73 -12.97 1.94
N ASP A 19 -8.92 -14.10 2.62
CA ASP A 19 -8.08 -15.28 2.38
C ASP A 19 -8.22 -15.75 0.94
N HIS A 20 -9.41 -15.58 0.37
CA HIS A 20 -9.67 -16.00 -1.01
C HIS A 20 -9.18 -14.94 -2.02
N GLU A 21 -9.14 -13.68 -1.60
CA GLU A 21 -8.69 -12.60 -2.47
C GLU A 21 -7.22 -12.26 -2.25
N GLY A 22 -6.64 -11.49 -3.18
CA GLY A 22 -5.25 -11.10 -3.07
C GLY A 22 -5.07 -9.66 -2.65
N LEU A 23 -3.96 -9.05 -3.09
CA LEU A 23 -3.67 -7.65 -2.76
C LEU A 23 -4.48 -6.70 -3.62
N GLY A 24 -4.31 -6.81 -4.95
CA GLY A 24 -5.04 -5.95 -5.86
C GLY A 24 -4.33 -4.64 -6.18
N ILE A 25 -3.12 -4.47 -5.65
CA ILE A 25 -2.35 -3.24 -5.88
C ILE A 25 -0.87 -3.55 -6.09
N SER A 26 -0.23 -2.80 -6.98
CA SER A 26 1.19 -2.99 -7.28
C SER A 26 2.01 -1.80 -6.79
N ILE A 27 3.15 -2.08 -6.16
CA ILE A 27 4.02 -1.03 -5.64
C ILE A 27 5.45 -1.16 -6.19
N THR A 28 6.16 -0.04 -6.24
CA THR A 28 7.53 -0.02 -6.73
C THR A 28 8.42 0.90 -5.88
N GLY A 29 9.69 0.51 -5.73
CA GLY A 29 10.63 1.29 -4.95
C GLY A 29 11.24 0.51 -3.79
N GLY A 30 11.69 1.23 -2.76
CA GLY A 30 12.29 0.58 -1.61
C GLY A 30 13.37 1.42 -0.96
N LYS A 31 13.24 1.66 0.34
CA LYS A 31 14.21 2.46 1.09
C LYS A 31 15.63 1.91 0.92
N GLU A 32 15.74 0.58 0.84
CA GLU A 32 17.03 -0.07 0.66
C GLU A 32 17.69 0.33 -0.66
N HIS A 33 16.86 0.61 -1.66
CA HIS A 33 17.35 1.01 -2.98
C HIS A 33 17.76 2.49 -2.98
N GLY A 34 17.03 3.31 -2.22
CA GLY A 34 17.33 4.73 -2.16
C GLY A 34 16.10 5.62 -2.28
N VAL A 35 15.01 5.07 -2.85
CA VAL A 35 13.78 5.83 -3.03
C VAL A 35 12.60 5.12 -2.36
N PRO A 36 11.65 5.88 -1.78
CA PRO A 36 10.47 5.31 -1.11
C PRO A 36 9.60 4.49 -2.05
N ILE A 37 8.83 3.55 -1.50
CA ILE A 37 7.96 2.70 -2.29
C ILE A 37 6.64 3.40 -2.57
N LEU A 38 6.23 3.40 -3.85
CA LEU A 38 4.98 4.03 -4.27
C LEU A 38 4.16 3.11 -5.17
N ILE A 39 2.85 3.33 -5.21
CA ILE A 39 1.95 2.52 -6.03
C ILE A 39 1.98 2.97 -7.49
N SER A 40 2.33 2.05 -8.39
CA SER A 40 2.41 2.35 -9.82
C SER A 40 1.24 1.73 -10.58
N GLU A 41 0.73 0.60 -10.10
CA GLU A 41 -0.39 -0.08 -10.75
C GLU A 41 -1.44 -0.53 -9.74
N ILE A 42 -2.70 -0.58 -10.18
CA ILE A 42 -3.80 -1.01 -9.32
C ILE A 42 -4.71 -2.00 -10.05
N HIS A 43 -4.74 -3.23 -9.57
CA HIS A 43 -5.57 -4.28 -10.20
C HIS A 43 -7.06 -4.05 -9.91
N PRO A 44 -7.89 -4.12 -10.96
CA PRO A 44 -9.34 -3.91 -10.84
C PRO A 44 -10.07 -5.12 -10.24
N GLY A 45 -11.36 -4.94 -9.96
CA GLY A 45 -12.15 -6.02 -9.38
C GLY A 45 -11.67 -6.44 -7.99
N GLN A 46 -10.89 -5.56 -7.35
CA GLN A 46 -10.36 -5.83 -6.03
C GLN A 46 -10.73 -4.71 -5.07
N PRO A 47 -10.51 -4.91 -3.75
CA PRO A 47 -10.83 -3.89 -2.74
C PRO A 47 -10.21 -2.52 -3.06
N ALA A 48 -9.07 -2.55 -3.76
CA ALA A 48 -8.39 -1.31 -4.13
C ALA A 48 -9.24 -0.45 -5.06
N ASP A 49 -9.82 -1.07 -6.08
CA ASP A 49 -10.68 -0.37 -7.02
C ASP A 49 -11.92 0.16 -6.34
N ARG A 50 -12.49 -0.66 -5.44
CA ARG A 50 -13.70 -0.28 -4.71
C ARG A 50 -13.40 0.83 -3.69
N CYS A 51 -12.16 0.88 -3.20
CA CYS A 51 -11.78 1.90 -2.23
C CYS A 51 -11.70 3.30 -2.86
N GLY A 52 -11.42 3.35 -4.17
CA GLY A 52 -11.32 4.63 -4.85
C GLY A 52 -9.98 5.32 -4.63
N GLY A 53 -9.62 5.54 -3.37
CA GLY A 53 -8.37 6.19 -3.03
C GLY A 53 -7.15 5.56 -3.70
N LEU A 54 -7.23 4.26 -3.99
CA LEU A 54 -6.12 3.56 -4.63
C LEU A 54 -5.93 4.04 -6.07
N HIS A 55 -5.12 5.09 -6.24
CA HIS A 55 -4.86 5.67 -7.55
C HIS A 55 -3.38 5.58 -7.91
N VAL A 56 -3.10 5.62 -9.22
CA VAL A 56 -1.72 5.54 -9.71
C VAL A 56 -0.91 6.74 -9.21
N GLY A 57 0.26 6.46 -8.64
CA GLY A 57 1.11 7.53 -8.13
C GLY A 57 0.86 7.82 -6.66
N ASP A 58 0.78 6.76 -5.86
CA ASP A 58 0.53 6.91 -4.43
C ASP A 58 1.81 6.61 -3.64
N ALA A 59 2.22 7.55 -2.79
CA ALA A 59 3.42 7.37 -1.97
C ALA A 59 3.11 6.74 -0.62
N ILE A 60 3.74 5.59 -0.35
CA ILE A 60 3.52 4.88 0.90
C ILE A 60 4.31 5.52 2.04
N LEU A 61 3.62 5.76 3.16
CA LEU A 61 4.25 6.37 4.33
C LEU A 61 4.05 5.48 5.56
N ALA A 62 2.80 5.09 5.83
CA ALA A 62 2.49 4.24 6.98
C ALA A 62 1.33 3.28 6.65
N VAL A 63 1.37 2.11 7.28
CA VAL A 63 0.33 1.10 7.08
C VAL A 63 -0.07 0.47 8.40
N ASN A 64 -1.33 0.68 8.81
CA ASN A 64 -1.84 0.14 10.06
C ASN A 64 -1.01 0.63 11.25
N GLY A 65 -0.50 1.86 11.15
CA GLY A 65 0.30 2.42 12.23
C GLY A 65 1.80 2.11 12.09
N VAL A 66 2.14 1.13 11.24
CA VAL A 66 3.53 0.75 11.03
C VAL A 66 4.16 1.59 9.93
N ASN A 67 5.38 2.09 10.19
CA ASN A 67 6.09 2.91 9.23
C ASN A 67 6.74 2.06 8.15
N LEU A 68 6.50 2.42 6.89
CA LEU A 68 7.07 1.67 5.76
C LEU A 68 8.21 2.44 5.09
N ARG A 69 8.27 3.76 5.29
CA ARG A 69 9.32 4.59 4.72
C ARG A 69 10.69 4.16 5.23
N ASP A 70 10.75 3.72 6.49
CA ASP A 70 12.01 3.28 7.10
C ASP A 70 12.32 1.82 6.75
N THR A 71 11.28 1.03 6.48
CA THR A 71 11.45 -0.38 6.15
C THR A 71 11.90 -0.55 4.70
N LYS A 72 12.34 -1.76 4.36
CA LYS A 72 12.80 -2.07 3.00
C LYS A 72 11.66 -2.65 2.16
N HIS A 73 11.81 -2.61 0.84
CA HIS A 73 10.80 -3.14 -0.06
C HIS A 73 10.46 -4.60 0.28
N LYS A 74 11.50 -5.40 0.47
CA LYS A 74 11.32 -6.82 0.81
C LYS A 74 10.66 -6.98 2.18
N GLU A 75 11.07 -6.14 3.13
CA GLU A 75 10.50 -6.18 4.48
C GLU A 75 9.04 -5.78 4.47
N ALA A 76 8.69 -4.81 3.63
CA ALA A 76 7.31 -4.34 3.53
C ALA A 76 6.38 -5.44 3.02
N VAL A 77 6.92 -6.33 2.19
CA VAL A 77 6.13 -7.43 1.64
C VAL A 77 5.62 -8.34 2.76
N THR A 78 6.49 -8.63 3.73
CA THR A 78 6.13 -9.47 4.86
C THR A 78 5.08 -8.78 5.73
N ILE A 79 5.29 -7.48 5.99
CA ILE A 79 4.36 -6.70 6.81
C ILE A 79 2.99 -6.60 6.13
N LEU A 80 3.01 -6.32 4.83
CA LEU A 80 1.76 -6.20 4.06
C LEU A 80 0.92 -7.47 4.20
N SER A 81 1.57 -8.64 4.11
CA SER A 81 0.87 -9.91 4.23
C SER A 81 0.36 -10.12 5.66
N GLN A 82 1.06 -9.57 6.64
CA GLN A 82 0.67 -9.69 8.04
C GLN A 82 -0.65 -8.97 8.32
N GLN A 83 -0.98 -7.99 7.49
CA GLN A 83 -2.23 -7.23 7.66
C GLN A 83 -3.45 -8.14 7.49
N ARG A 84 -4.00 -8.59 8.63
CA ARG A 84 -5.16 -9.48 8.62
C ARG A 84 -6.45 -8.70 8.90
N GLY A 85 -7.55 -9.15 8.28
CA GLY A 85 -8.83 -8.50 8.46
C GLY A 85 -8.85 -7.08 7.92
N GLU A 86 -8.83 -6.10 8.82
CA GLU A 86 -8.84 -4.70 8.42
C GLU A 86 -7.41 -4.20 8.19
N ILE A 87 -7.24 -3.35 7.20
CA ILE A 87 -5.93 -2.80 6.87
C ILE A 87 -6.01 -1.30 6.58
N GLU A 88 -5.26 -0.51 7.34
CA GLU A 88 -5.23 0.94 7.17
C GLU A 88 -4.06 1.35 6.30
N PHE A 89 -4.34 2.07 5.22
CA PHE A 89 -3.29 2.53 4.30
C PHE A 89 -3.16 4.06 4.35
N GLU A 90 -1.92 4.52 4.53
CA GLU A 90 -1.64 5.96 4.57
C GLU A 90 -0.70 6.35 3.44
N VAL A 91 -1.20 7.17 2.53
CA VAL A 91 -0.41 7.62 1.38
C VAL A 91 -0.73 9.07 1.01
N VAL A 92 0.09 9.65 0.12
CA VAL A 92 -0.11 11.02 -0.33
C VAL A 92 0.03 11.12 -1.84
N TYR A 93 -0.85 11.90 -2.47
CA TYR A 93 -0.82 12.09 -3.92
C TYR A 93 0.42 12.88 -4.35
N VAL A 94 1.21 12.30 -5.25
CA VAL A 94 2.42 12.94 -5.74
C VAL A 94 2.32 13.27 -7.22
N ALA A 95 2.89 14.40 -7.62
CA ALA A 95 2.87 14.84 -9.01
C ALA A 95 4.17 15.54 -9.40
N PRO A 9 -0.11 16.80 1.42
CA PRO A 9 -1.52 16.34 1.64
C PRO A 9 -1.60 14.82 1.72
N ILE A 10 -1.48 14.28 2.93
CA ILE A 10 -1.55 12.83 3.14
C ILE A 10 -2.99 12.35 3.17
N ARG A 11 -3.22 11.16 2.60
CA ARG A 11 -4.56 10.57 2.56
C ARG A 11 -4.61 9.26 3.35
N LYS A 12 -5.69 9.06 4.10
CA LYS A 12 -5.87 7.84 4.90
C LYS A 12 -7.07 7.03 4.40
N VAL A 13 -6.80 5.81 3.93
CA VAL A 13 -7.85 4.93 3.42
C VAL A 13 -7.72 3.53 4.00
N LEU A 14 -8.87 2.91 4.32
CA LEU A 14 -8.88 1.56 4.88
C LEU A 14 -9.15 0.52 3.79
N LEU A 15 -8.34 -0.55 3.79
CA LEU A 15 -8.49 -1.61 2.80
C LEU A 15 -8.94 -2.92 3.49
N LEU A 16 -10.10 -3.42 3.08
CA LEU A 16 -10.63 -4.66 3.65
C LEU A 16 -10.59 -5.78 2.61
N LYS A 17 -9.77 -6.79 2.87
CA LYS A 17 -9.62 -7.92 1.96
C LYS A 17 -9.82 -9.25 2.67
N GLU A 18 -10.40 -10.23 1.97
CA GLU A 18 -10.64 -11.54 2.54
C GLU A 18 -9.36 -12.37 2.62
N ASP A 19 -9.39 -13.45 3.38
CA ASP A 19 -8.24 -14.33 3.54
C ASP A 19 -7.76 -14.84 2.18
N HIS A 20 -8.70 -15.10 1.28
CA HIS A 20 -8.39 -15.60 -0.06
C HIS A 20 -7.96 -14.46 -0.99
N GLU A 21 -8.46 -13.25 -0.74
CA GLU A 21 -8.13 -12.08 -1.56
C GLU A 21 -6.70 -11.62 -1.33
N GLY A 22 -6.22 -10.72 -2.21
CA GLY A 22 -4.87 -10.21 -2.11
C GLY A 22 -4.80 -8.70 -1.99
N LEU A 23 -3.65 -8.12 -2.35
CA LEU A 23 -3.44 -6.67 -2.28
C LEU A 23 -4.40 -5.91 -3.20
N GLY A 24 -4.28 -6.15 -4.50
CA GLY A 24 -5.15 -5.48 -5.47
C GLY A 24 -4.41 -4.48 -6.34
N ILE A 25 -3.20 -4.10 -5.96
CA ILE A 25 -2.41 -3.14 -6.73
C ILE A 25 -0.92 -3.50 -6.71
N SER A 26 -0.17 -2.90 -7.63
CA SER A 26 1.27 -3.15 -7.73
C SER A 26 2.05 -1.93 -7.22
N ILE A 27 3.10 -2.20 -6.43
CA ILE A 27 3.93 -1.13 -5.88
C ILE A 27 5.37 -1.24 -6.36
N THR A 28 6.07 -0.12 -6.41
CA THR A 28 7.46 -0.10 -6.85
C THR A 28 8.29 0.93 -6.06
N GLY A 29 9.55 0.58 -5.80
CA GLY A 29 10.43 1.46 -5.05
C GLY A 29 11.47 0.70 -4.25
N GLY A 30 12.13 1.38 -3.31
CA GLY A 30 13.14 0.74 -2.49
C GLY A 30 13.83 1.70 -1.55
N LYS A 31 13.59 1.52 -0.24
CA LYS A 31 14.19 2.38 0.78
C LYS A 31 15.72 2.34 0.70
N GLU A 32 16.28 1.16 0.41
CA GLU A 32 17.73 1.00 0.31
C GLU A 32 18.28 1.79 -0.88
N HIS A 33 17.48 1.94 -1.93
CA HIS A 33 17.89 2.68 -3.11
C HIS A 33 17.90 4.19 -2.84
N GLY A 34 17.05 4.63 -1.92
CA GLY A 34 16.98 6.05 -1.58
C GLY A 34 15.68 6.71 -2.03
N VAL A 35 14.63 5.90 -2.21
CA VAL A 35 13.33 6.41 -2.64
C VAL A 35 12.19 5.55 -2.09
N PRO A 36 11.17 6.19 -1.47
CA PRO A 36 10.03 5.46 -0.91
C PRO A 36 9.25 4.69 -1.97
N ILE A 37 8.54 3.64 -1.54
CA ILE A 37 7.76 2.82 -2.45
C ILE A 37 6.39 3.46 -2.72
N LEU A 38 6.00 3.50 -3.99
CA LEU A 38 4.72 4.08 -4.38
C LEU A 38 3.96 3.17 -5.35
N ILE A 39 2.64 3.39 -5.43
CA ILE A 39 1.78 2.59 -6.31
C ILE A 39 1.86 3.08 -7.76
N SER A 40 2.24 2.17 -8.66
CA SER A 40 2.36 2.50 -10.08
C SER A 40 1.23 1.89 -10.91
N GLU A 41 0.72 0.73 -10.47
CA GLU A 41 -0.36 0.05 -11.18
C GLU A 41 -1.50 -0.34 -10.25
N ILE A 42 -2.70 -0.48 -10.81
CA ILE A 42 -3.88 -0.86 -10.04
C ILE A 42 -4.62 -2.02 -10.72
N HIS A 43 -4.64 -3.17 -10.04
CA HIS A 43 -5.30 -4.36 -10.58
C HIS A 43 -6.81 -4.31 -10.32
N PRO A 44 -7.63 -4.50 -11.36
CA PRO A 44 -9.10 -4.47 -11.24
C PRO A 44 -9.66 -5.72 -10.56
N GLY A 45 -10.89 -5.60 -10.04
CA GLY A 45 -11.52 -6.72 -9.38
C GLY A 45 -10.95 -7.02 -8.01
N GLN A 46 -10.51 -5.96 -7.32
CA GLN A 46 -9.93 -6.09 -5.99
C GLN A 46 -10.38 -4.94 -5.08
N PRO A 47 -10.08 -5.03 -3.77
CA PRO A 47 -10.45 -3.99 -2.81
C PRO A 47 -9.99 -2.59 -3.22
N ALA A 48 -8.85 -2.53 -3.94
CA ALA A 48 -8.31 -1.25 -4.39
C ALA A 48 -9.32 -0.48 -5.24
N ASP A 49 -9.96 -1.18 -6.17
CA ASP A 49 -10.96 -0.57 -7.04
C ASP A 49 -12.23 -0.24 -6.25
N ARG A 50 -12.63 -1.14 -5.37
CA ARG A 50 -13.83 -0.95 -4.54
C ARG A 50 -13.66 0.23 -3.59
N CYS A 51 -12.43 0.52 -3.18
CA CYS A 51 -12.15 1.62 -2.26
C CYS A 51 -12.35 2.97 -2.94
N GLY A 52 -12.14 3.03 -4.26
CA GLY A 52 -12.30 4.27 -4.99
C GLY A 52 -11.33 5.36 -4.53
N GLY A 53 -10.29 4.96 -3.80
CA GLY A 53 -9.30 5.92 -3.30
C GLY A 53 -7.89 5.62 -3.77
N LEU A 54 -7.58 4.34 -3.97
CA LEU A 54 -6.25 3.94 -4.42
C LEU A 54 -6.01 4.39 -5.87
N HIS A 55 -5.42 5.57 -6.03
CA HIS A 55 -5.15 6.12 -7.35
C HIS A 55 -3.69 5.88 -7.75
N VAL A 56 -3.44 5.89 -9.06
CA VAL A 56 -2.09 5.70 -9.59
C VAL A 56 -1.16 6.82 -9.15
N GLY A 57 0.04 6.46 -8.71
CA GLY A 57 0.99 7.46 -8.27
C GLY A 57 0.78 7.82 -6.80
N ASP A 58 0.71 6.80 -5.95
CA ASP A 58 0.52 7.00 -4.51
C ASP A 58 1.77 6.61 -3.74
N ALA A 59 2.29 7.54 -2.94
CA ALA A 59 3.50 7.27 -2.15
C ALA A 59 3.14 6.74 -0.78
N ILE A 60 3.62 5.53 -0.47
CA ILE A 60 3.36 4.89 0.81
C ILE A 60 4.15 5.54 1.94
N LEU A 61 3.52 5.59 3.12
CA LEU A 61 4.16 6.15 4.30
C LEU A 61 4.05 5.19 5.49
N ALA A 62 2.82 4.76 5.79
CA ALA A 62 2.59 3.83 6.90
C ALA A 62 1.49 2.82 6.59
N VAL A 63 1.65 1.59 7.10
CA VAL A 63 0.68 0.52 6.89
C VAL A 63 0.32 -0.14 8.21
N ASN A 64 -0.96 -0.03 8.60
CA ASN A 64 -1.44 -0.61 9.86
C ASN A 64 -0.64 -0.07 11.05
N GLY A 65 -0.25 1.21 10.97
CA GLY A 65 0.51 1.83 12.05
C GLY A 65 2.01 1.63 11.90
N VAL A 66 2.43 0.68 11.06
CA VAL A 66 3.85 0.40 10.85
C VAL A 66 4.45 1.33 9.79
N ASN A 67 5.62 1.88 10.08
CA ASN A 67 6.30 2.78 9.15
C ASN A 67 6.99 2.01 8.03
N LEU A 68 6.77 2.44 6.79
CA LEU A 68 7.38 1.79 5.63
C LEU A 68 8.74 2.42 5.31
N ARG A 69 8.91 3.69 5.67
CA ARG A 69 10.16 4.40 5.41
C ARG A 69 11.30 3.84 6.26
N ASP A 70 10.96 3.27 7.42
CA ASP A 70 11.98 2.70 8.31
C ASP A 70 12.23 1.21 8.03
N THR A 71 11.71 0.72 6.91
CA THR A 71 11.88 -0.70 6.53
C THR A 71 12.16 -0.82 5.03
N LYS A 72 12.46 -2.04 4.58
CA LYS A 72 12.74 -2.29 3.17
C LYS A 72 11.50 -2.78 2.43
N HIS A 73 11.52 -2.68 1.11
CA HIS A 73 10.39 -3.12 0.28
C HIS A 73 10.04 -4.59 0.55
N LYS A 74 11.05 -5.45 0.47
CA LYS A 74 10.85 -6.88 0.69
C LYS A 74 10.27 -7.14 2.08
N GLU A 75 10.78 -6.43 3.09
CA GLU A 75 10.31 -6.58 4.46
C GLU A 75 8.87 -6.06 4.59
N ALA A 76 8.58 -4.96 3.88
CA ALA A 76 7.25 -4.36 3.92
C ALA A 76 6.20 -5.31 3.35
N VAL A 77 6.58 -6.11 2.35
CA VAL A 77 5.66 -7.06 1.74
C VAL A 77 5.18 -8.08 2.77
N THR A 78 6.10 -8.51 3.64
CA THR A 78 5.77 -9.48 4.69
C THR A 78 4.78 -8.87 5.68
N ILE A 79 5.03 -7.62 6.09
CA ILE A 79 4.14 -6.93 7.03
C ILE A 79 2.74 -6.77 6.45
N LEU A 80 2.67 -6.44 5.16
CA LEU A 80 1.38 -6.26 4.48
C LEU A 80 0.58 -7.56 4.52
N SER A 81 1.26 -8.68 4.34
CA SER A 81 0.61 -10.00 4.36
C SER A 81 0.07 -10.33 5.75
N GLN A 82 0.73 -9.82 6.79
CA GLN A 82 0.30 -10.05 8.17
C GLN A 82 -1.06 -9.42 8.45
N GLN A 83 -1.37 -8.32 7.74
CA GLN A 83 -2.64 -7.62 7.93
C GLN A 83 -3.80 -8.48 7.42
N ARG A 84 -4.63 -8.93 8.35
CA ARG A 84 -5.79 -9.76 8.01
C ARG A 84 -7.10 -8.98 8.12
N GLY A 85 -8.07 -9.35 7.29
CA GLY A 85 -9.36 -8.68 7.30
C GLY A 85 -9.26 -7.21 6.95
N GLU A 86 -9.32 -6.35 7.97
CA GLU A 86 -9.23 -4.91 7.77
C GLU A 86 -7.77 -4.45 7.86
N ILE A 87 -7.35 -3.65 6.89
CA ILE A 87 -5.98 -3.16 6.84
C ILE A 87 -5.96 -1.64 6.65
N GLU A 88 -5.13 -0.95 7.44
CA GLU A 88 -5.02 0.51 7.33
C GLU A 88 -3.87 0.89 6.42
N PHE A 89 -4.18 1.66 5.38
CA PHE A 89 -3.17 2.10 4.41
C PHE A 89 -3.05 3.62 4.38
N GLU A 90 -1.83 4.12 4.47
CA GLU A 90 -1.56 5.55 4.45
C GLU A 90 -0.61 5.90 3.30
N VAL A 91 -1.11 6.68 2.34
CA VAL A 91 -0.31 7.08 1.18
C VAL A 91 -0.52 8.57 0.85
N VAL A 92 0.30 9.09 -0.06
CA VAL A 92 0.23 10.50 -0.46
C VAL A 92 0.29 10.64 -1.99
N TYR A 93 -0.46 11.60 -2.53
CA TYR A 93 -0.49 11.85 -3.98
C TYR A 93 0.84 12.43 -4.46
N VAL A 94 1.44 11.78 -5.46
CA VAL A 94 2.72 12.23 -6.01
C VAL A 94 2.54 12.71 -7.45
N ALA A 95 2.84 13.98 -7.69
CA ALA A 95 2.73 14.56 -9.02
C ALA A 95 3.66 15.76 -9.20
N PRO A 9 -1.17 16.09 -0.60
CA PRO A 9 -2.39 15.70 0.14
C PRO A 9 -2.34 14.25 0.63
N ILE A 10 -2.13 14.08 1.94
CA ILE A 10 -2.05 12.75 2.54
C ILE A 10 -3.42 12.26 2.99
N ARG A 11 -3.81 11.08 2.50
CA ARG A 11 -5.10 10.49 2.84
C ARG A 11 -4.92 9.09 3.43
N LYS A 12 -5.89 8.68 4.25
CA LYS A 12 -5.85 7.36 4.89
C LYS A 12 -7.01 6.50 4.40
N VAL A 13 -6.68 5.35 3.80
CA VAL A 13 -7.69 4.45 3.27
C VAL A 13 -7.46 3.01 3.76
N LEU A 14 -8.54 2.35 4.18
CA LEU A 14 -8.45 0.97 4.66
C LEU A 14 -8.91 -0.02 3.58
N LEU A 15 -8.15 -1.10 3.43
CA LEU A 15 -8.46 -2.13 2.43
C LEU A 15 -8.86 -3.43 3.13
N LEU A 16 -10.05 -3.94 2.78
CA LEU A 16 -10.56 -5.18 3.36
C LEU A 16 -10.41 -6.33 2.38
N LYS A 17 -9.58 -7.31 2.74
CA LYS A 17 -9.35 -8.47 1.88
C LYS A 17 -9.52 -9.77 2.66
N GLU A 18 -10.25 -10.72 2.07
CA GLU A 18 -10.49 -12.02 2.70
C GLU A 18 -9.40 -13.02 2.31
N ASP A 19 -9.44 -14.19 2.94
CA ASP A 19 -8.47 -15.25 2.66
C ASP A 19 -8.48 -15.62 1.18
N HIS A 20 -9.67 -15.60 0.57
CA HIS A 20 -9.81 -15.93 -0.85
C HIS A 20 -9.32 -14.79 -1.73
N GLU A 21 -9.46 -13.54 -1.24
CA GLU A 21 -9.02 -12.36 -2.00
C GLU A 21 -7.51 -12.16 -1.90
N GLY A 22 -7.01 -11.11 -2.56
CA GLY A 22 -5.59 -10.82 -2.54
C GLY A 22 -5.29 -9.35 -2.26
N LEU A 23 -4.24 -8.83 -2.92
CA LEU A 23 -3.83 -7.44 -2.75
C LEU A 23 -4.69 -6.49 -3.59
N GLY A 24 -4.56 -6.59 -4.92
CA GLY A 24 -5.33 -5.74 -5.82
C GLY A 24 -4.50 -4.63 -6.45
N ILE A 25 -3.31 -4.36 -5.91
CA ILE A 25 -2.44 -3.31 -6.45
C ILE A 25 -0.98 -3.74 -6.43
N SER A 26 -0.17 -3.11 -7.28
CA SER A 26 1.27 -3.42 -7.35
C SER A 26 2.11 -2.24 -6.91
N ILE A 27 3.15 -2.51 -6.13
CA ILE A 27 4.05 -1.47 -5.63
C ILE A 27 5.47 -1.64 -6.17
N THR A 28 6.18 -0.52 -6.30
CA THR A 28 7.55 -0.54 -6.80
C THR A 28 8.42 0.50 -6.08
N GLY A 29 9.69 0.16 -5.87
CA GLY A 29 10.61 1.05 -5.19
C GLY A 29 11.37 0.37 -4.07
N GLY A 30 12.13 1.15 -3.29
CA GLY A 30 12.88 0.59 -2.19
C GLY A 30 13.66 1.64 -1.42
N LYS A 31 13.31 1.83 -0.14
CA LYS A 31 13.97 2.82 0.71
C LYS A 31 15.50 2.66 0.69
N GLU A 32 15.96 1.41 0.65
CA GLU A 32 17.40 1.13 0.62
C GLU A 32 18.06 1.76 -0.60
N HIS A 33 17.30 1.87 -1.69
CA HIS A 33 17.80 2.48 -2.93
C HIS A 33 17.94 3.99 -2.79
N GLY A 34 17.06 4.60 -1.97
CA GLY A 34 17.10 6.04 -1.76
C GLY A 34 15.73 6.67 -1.75
N VAL A 35 14.75 6.02 -2.40
CA VAL A 35 13.40 6.54 -2.47
C VAL A 35 12.39 5.54 -1.90
N PRO A 36 11.27 6.05 -1.32
CA PRO A 36 10.23 5.20 -0.73
C PRO A 36 9.47 4.39 -1.79
N ILE A 37 8.87 3.28 -1.38
CA ILE A 37 8.11 2.43 -2.29
C ILE A 37 6.71 2.99 -2.51
N LEU A 38 6.31 3.12 -3.78
CA LEU A 38 4.99 3.65 -4.11
C LEU A 38 4.24 2.73 -5.10
N ILE A 39 2.92 2.91 -5.17
CA ILE A 39 2.08 2.10 -6.05
C ILE A 39 2.09 2.65 -7.48
N SER A 40 2.47 1.81 -8.43
CA SER A 40 2.52 2.21 -9.84
C SER A 40 1.38 1.58 -10.64
N GLU A 41 0.93 0.39 -10.23
CA GLU A 41 -0.16 -0.30 -10.93
C GLU A 41 -1.31 -0.62 -9.99
N ILE A 42 -2.53 -0.55 -10.52
CA ILE A 42 -3.73 -0.84 -9.75
C ILE A 42 -4.64 -1.81 -10.50
N HIS A 43 -4.80 -3.02 -9.94
CA HIS A 43 -5.64 -4.04 -10.57
C HIS A 43 -7.11 -3.85 -10.17
N PRO A 44 -7.98 -3.53 -11.15
CA PRO A 44 -9.42 -3.31 -10.90
C PRO A 44 -10.12 -4.56 -10.38
N GLY A 45 -11.41 -4.41 -10.04
CA GLY A 45 -12.18 -5.53 -9.52
C GLY A 45 -11.67 -6.01 -8.19
N GLN A 46 -11.18 -5.07 -7.37
CA GLN A 46 -10.65 -5.40 -6.05
C GLN A 46 -11.02 -4.31 -5.05
N PRO A 47 -10.72 -4.51 -3.75
CA PRO A 47 -11.03 -3.53 -2.69
C PRO A 47 -10.53 -2.13 -3.01
N ALA A 48 -9.41 -2.04 -3.76
CA ALA A 48 -8.84 -0.75 -4.14
C ALA A 48 -9.83 0.09 -4.94
N ASP A 49 -10.48 -0.55 -5.92
CA ASP A 49 -11.47 0.13 -6.76
C ASP A 49 -12.73 0.45 -5.95
N ARG A 50 -13.13 -0.47 -5.08
CA ARG A 50 -14.30 -0.28 -4.24
C ARG A 50 -14.14 0.89 -3.29
N CYS A 51 -12.90 1.14 -2.85
CA CYS A 51 -12.61 2.23 -1.93
C CYS A 51 -12.67 3.59 -2.63
N GLY A 52 -12.38 3.60 -3.93
CA GLY A 52 -12.40 4.84 -4.70
C GLY A 52 -11.33 5.84 -4.24
N GLY A 53 -10.34 5.36 -3.49
CA GLY A 53 -9.29 6.23 -2.99
C GLY A 53 -7.92 5.83 -3.50
N LEU A 54 -7.69 4.53 -3.67
CA LEU A 54 -6.40 4.05 -4.14
C LEU A 54 -6.16 4.46 -5.60
N HIS A 55 -5.28 5.45 -5.79
CA HIS A 55 -4.97 5.98 -7.11
C HIS A 55 -3.51 5.70 -7.48
N VAL A 56 -3.23 5.69 -8.78
CA VAL A 56 -1.88 5.44 -9.27
C VAL A 56 -0.91 6.53 -8.80
N GLY A 57 0.30 6.12 -8.41
CA GLY A 57 1.30 7.07 -7.94
C GLY A 57 1.11 7.42 -6.47
N ASP A 58 0.95 6.39 -5.63
CA ASP A 58 0.75 6.58 -4.20
C ASP A 58 1.97 6.10 -3.41
N ALA A 59 2.52 6.96 -2.56
CA ALA A 59 3.68 6.61 -1.76
C ALA A 59 3.25 6.03 -0.42
N ILE A 60 3.79 4.85 -0.09
CA ILE A 60 3.45 4.17 1.16
C ILE A 60 4.11 4.84 2.37
N LEU A 61 3.30 5.59 3.12
CA LEU A 61 3.79 6.27 4.31
C LEU A 61 3.73 5.34 5.53
N ALA A 62 2.56 4.73 5.74
CA ALA A 62 2.36 3.81 6.87
C ALA A 62 1.33 2.73 6.54
N VAL A 63 1.54 1.53 7.07
CA VAL A 63 0.64 0.40 6.85
C VAL A 63 0.20 -0.22 8.18
N ASN A 64 -1.10 -0.12 8.48
CA ASN A 64 -1.66 -0.67 9.71
C ASN A 64 -0.93 -0.10 10.94
N GLY A 65 -0.56 1.19 10.86
CA GLY A 65 0.14 1.83 11.96
C GLY A 65 1.65 1.65 11.91
N VAL A 66 2.13 0.72 11.08
CA VAL A 66 3.56 0.46 10.95
C VAL A 66 4.19 1.40 9.93
N ASN A 67 5.26 2.09 10.34
CA ASN A 67 5.96 3.03 9.47
C ASN A 67 6.74 2.29 8.38
N LEU A 68 6.75 2.84 7.17
CA LEU A 68 7.47 2.24 6.05
C LEU A 68 8.60 3.14 5.55
N ARG A 69 8.75 4.32 6.17
CA ARG A 69 9.81 5.26 5.77
C ARG A 69 11.19 4.75 6.18
N ASP A 70 11.27 4.06 7.32
CA ASP A 70 12.55 3.53 7.81
C ASP A 70 12.68 2.03 7.54
N THR A 71 11.77 1.47 6.72
CA THR A 71 11.81 0.04 6.40
C THR A 71 12.23 -0.17 4.94
N LYS A 72 12.63 -1.41 4.63
CA LYS A 72 13.07 -1.75 3.27
C LYS A 72 11.91 -2.32 2.45
N HIS A 73 12.06 -2.32 1.12
CA HIS A 73 11.02 -2.85 0.23
C HIS A 73 10.66 -4.28 0.61
N LYS A 74 11.67 -5.13 0.78
CA LYS A 74 11.45 -6.52 1.15
C LYS A 74 10.69 -6.62 2.47
N GLU A 75 11.08 -5.78 3.44
CA GLU A 75 10.44 -5.76 4.75
C GLU A 75 8.99 -5.29 4.63
N ALA A 76 8.74 -4.32 3.76
CA ALA A 76 7.39 -3.79 3.55
C ALA A 76 6.46 -4.87 3.01
N VAL A 77 6.96 -5.67 2.07
CA VAL A 77 6.17 -6.75 1.49
C VAL A 77 5.76 -7.78 2.54
N THR A 78 6.69 -8.09 3.45
CA THR A 78 6.42 -9.07 4.52
C THR A 78 5.39 -8.52 5.49
N ILE A 79 5.57 -7.27 5.93
CA ILE A 79 4.64 -6.64 6.87
C ILE A 79 3.24 -6.54 6.25
N LEU A 80 3.19 -6.20 4.95
CA LEU A 80 1.92 -6.07 4.25
C LEU A 80 1.13 -7.39 4.27
N SER A 81 1.83 -8.50 4.06
CA SER A 81 1.19 -9.82 4.05
C SER A 81 0.63 -10.16 5.44
N GLN A 82 1.29 -9.69 6.49
CA GLN A 82 0.85 -9.93 7.87
C GLN A 82 -0.51 -9.28 8.13
N GLN A 83 -0.79 -8.18 7.43
CA GLN A 83 -2.07 -7.47 7.61
C GLN A 83 -3.25 -8.35 7.22
N ARG A 84 -4.08 -8.69 8.21
CA ARG A 84 -5.24 -9.54 7.99
C ARG A 84 -6.54 -8.81 8.33
N GLY A 85 -7.63 -9.22 7.66
CA GLY A 85 -8.92 -8.61 7.90
C GLY A 85 -8.95 -7.12 7.56
N GLU A 86 -8.89 -6.28 8.58
CA GLU A 86 -8.90 -4.83 8.39
C GLU A 86 -7.47 -4.32 8.25
N ILE A 87 -7.17 -3.71 7.10
CA ILE A 87 -5.84 -3.17 6.85
C ILE A 87 -5.90 -1.68 6.56
N GLU A 88 -5.17 -0.89 7.35
CA GLU A 88 -5.14 0.56 7.18
C GLU A 88 -3.96 0.97 6.31
N PHE A 89 -4.25 1.65 5.20
CA PHE A 89 -3.20 2.10 4.28
C PHE A 89 -3.15 3.62 4.20
N GLU A 90 -1.95 4.16 4.37
CA GLU A 90 -1.74 5.61 4.31
C GLU A 90 -0.77 5.95 3.19
N VAL A 91 -1.26 6.68 2.19
CA VAL A 91 -0.44 7.06 1.05
C VAL A 91 -0.68 8.52 0.64
N VAL A 92 0.24 9.06 -0.16
CA VAL A 92 0.14 10.45 -0.63
C VAL A 92 0.37 10.54 -2.14
N TYR A 93 -0.33 11.48 -2.79
CA TYR A 93 -0.19 11.67 -4.24
C TYR A 93 1.17 12.27 -4.58
N VAL A 94 1.87 11.64 -5.53
CA VAL A 94 3.19 12.11 -5.95
C VAL A 94 3.20 12.40 -7.45
N ALA A 95 3.90 13.47 -7.84
CA ALA A 95 4.00 13.87 -9.24
C ALA A 95 5.43 14.25 -9.61
N PRO A 9 -0.92 17.21 1.43
CA PRO A 9 -2.31 16.70 1.62
C PRO A 9 -2.34 15.19 1.88
N ILE A 10 -2.16 14.80 3.14
CA ILE A 10 -2.16 13.39 3.52
C ILE A 10 -3.58 12.84 3.61
N ARG A 11 -3.79 11.66 2.99
CA ARG A 11 -5.11 11.03 3.01
C ARG A 11 -5.03 9.61 3.57
N LYS A 12 -5.97 9.28 4.44
CA LYS A 12 -6.02 7.95 5.07
C LYS A 12 -7.08 7.08 4.40
N VAL A 13 -6.67 5.89 3.95
CA VAL A 13 -7.59 4.96 3.29
C VAL A 13 -7.53 3.57 3.92
N LEU A 14 -8.68 2.91 4.00
CA LEU A 14 -8.76 1.56 4.56
C LEU A 14 -9.16 0.54 3.51
N LEU A 15 -8.42 -0.57 3.45
CA LEU A 15 -8.69 -1.63 2.49
C LEU A 15 -8.98 -2.95 3.20
N LEU A 16 -9.94 -3.71 2.65
CA LEU A 16 -10.32 -4.99 3.23
C LEU A 16 -9.82 -6.16 2.37
N LYS A 17 -8.96 -6.99 2.95
CA LYS A 17 -8.41 -8.14 2.23
C LYS A 17 -8.80 -9.45 2.90
N GLU A 18 -8.97 -10.50 2.10
CA GLU A 18 -9.34 -11.82 2.61
C GLU A 18 -8.22 -12.83 2.40
N ASP A 19 -8.26 -13.92 3.18
CA ASP A 19 -7.24 -14.98 3.08
C ASP A 19 -7.18 -15.53 1.65
N HIS A 20 -8.36 -15.66 1.01
CA HIS A 20 -8.44 -16.17 -0.35
C HIS A 20 -8.09 -15.09 -1.38
N GLU A 21 -8.33 -13.83 -1.03
CA GLU A 21 -8.06 -12.70 -1.92
C GLU A 21 -6.62 -12.22 -1.79
N GLY A 22 -6.16 -11.44 -2.76
CA GLY A 22 -4.81 -10.90 -2.75
C GLY A 22 -4.76 -9.41 -2.44
N LEU A 23 -3.61 -8.79 -2.66
CA LEU A 23 -3.43 -7.36 -2.40
C LEU A 23 -4.38 -6.52 -3.25
N GLY A 24 -4.27 -6.65 -4.57
CA GLY A 24 -5.13 -5.89 -5.48
C GLY A 24 -4.45 -4.67 -6.07
N ILE A 25 -3.17 -4.44 -5.72
CA ILE A 25 -2.42 -3.29 -6.24
C ILE A 25 -0.95 -3.65 -6.45
N SER A 26 -0.26 -2.84 -7.24
CA SER A 26 1.16 -3.06 -7.52
C SER A 26 1.99 -1.87 -7.07
N ILE A 27 3.13 -2.16 -6.44
CA ILE A 27 4.03 -1.10 -5.95
C ILE A 27 5.40 -1.21 -6.60
N THR A 28 6.11 -0.09 -6.67
CA THR A 28 7.45 -0.05 -7.26
C THR A 28 8.40 0.81 -6.42
N GLY A 29 9.70 0.50 -6.50
CA GLY A 29 10.69 1.24 -5.75
C GLY A 29 11.55 0.35 -4.87
N GLY A 30 12.38 0.97 -4.03
CA GLY A 30 13.24 0.21 -3.14
C GLY A 30 13.89 1.09 -2.07
N LYS A 31 13.53 0.85 -0.82
CA LYS A 31 14.08 1.62 0.30
C LYS A 31 15.59 1.47 0.38
N GLU A 32 16.11 0.30 -0.01
CA GLU A 32 17.56 0.05 0.01
C GLU A 32 18.29 1.04 -0.89
N HIS A 33 17.63 1.48 -1.95
CA HIS A 33 18.23 2.44 -2.89
C HIS A 33 18.22 3.85 -2.30
N GLY A 34 17.25 4.13 -1.43
CA GLY A 34 17.15 5.44 -0.82
C GLY A 34 15.92 6.21 -1.26
N VAL A 35 14.83 5.49 -1.55
CA VAL A 35 13.57 6.10 -1.99
C VAL A 35 12.38 5.31 -1.49
N PRO A 36 11.27 6.00 -1.13
CA PRO A 36 10.05 5.35 -0.64
C PRO A 36 9.33 4.57 -1.74
N ILE A 37 8.52 3.60 -1.34
CA ILE A 37 7.77 2.78 -2.29
C ILE A 37 6.47 3.47 -2.68
N LEU A 38 6.12 3.40 -3.97
CA LEU A 38 4.90 4.03 -4.47
C LEU A 38 4.09 3.06 -5.34
N ILE A 39 2.80 3.36 -5.52
CA ILE A 39 1.91 2.53 -6.32
C ILE A 39 1.92 2.96 -7.78
N SER A 40 2.26 2.04 -8.68
CA SER A 40 2.32 2.32 -10.11
C SER A 40 1.18 1.62 -10.86
N GLU A 41 0.76 0.45 -10.38
CA GLU A 41 -0.31 -0.31 -11.02
C GLU A 41 -1.39 -0.68 -10.01
N ILE A 42 -2.64 -0.79 -10.47
CA ILE A 42 -3.76 -1.12 -9.61
C ILE A 42 -4.66 -2.18 -10.28
N HIS A 43 -4.71 -3.37 -9.69
CA HIS A 43 -5.52 -4.46 -10.23
C HIS A 43 -7.02 -4.13 -10.13
N PRO A 44 -7.71 -4.11 -11.28
CA PRO A 44 -9.15 -3.80 -11.33
C PRO A 44 -10.02 -4.92 -10.74
N GLY A 45 -11.22 -4.55 -10.31
CA GLY A 45 -12.13 -5.54 -9.73
C GLY A 45 -11.59 -6.11 -8.44
N GLN A 46 -10.93 -5.27 -7.65
CA GLN A 46 -10.35 -5.68 -6.38
C GLN A 46 -10.68 -4.64 -5.29
N PRO A 47 -10.27 -4.90 -4.03
CA PRO A 47 -10.52 -3.97 -2.91
C PRO A 47 -10.13 -2.53 -3.23
N ALA A 48 -9.09 -2.37 -4.06
CA ALA A 48 -8.61 -1.04 -4.45
C ALA A 48 -9.69 -0.28 -5.23
N ASP A 49 -10.32 -0.96 -6.19
CA ASP A 49 -11.37 -0.35 -7.00
C ASP A 49 -12.63 -0.11 -6.16
N ARG A 50 -12.95 -1.08 -5.31
CA ARG A 50 -14.14 -0.98 -4.45
C ARG A 50 -14.10 0.29 -3.60
N CYS A 51 -12.91 0.68 -3.14
CA CYS A 51 -12.76 1.88 -2.32
C CYS A 51 -12.72 3.14 -3.17
N GLY A 52 -12.26 3.01 -4.42
CA GLY A 52 -12.18 4.16 -5.31
C GLY A 52 -11.12 5.17 -4.88
N GLY A 53 -10.22 4.76 -3.98
CA GLY A 53 -9.17 5.64 -3.50
C GLY A 53 -7.80 5.27 -4.03
N LEU A 54 -7.58 3.98 -4.29
CA LEU A 54 -6.31 3.50 -4.81
C LEU A 54 -6.07 4.04 -6.23
N HIS A 55 -5.24 5.07 -6.32
CA HIS A 55 -4.92 5.69 -7.61
C HIS A 55 -3.46 5.49 -7.96
N VAL A 56 -3.14 5.59 -9.26
CA VAL A 56 -1.78 5.41 -9.72
C VAL A 56 -0.92 6.62 -9.33
N GLY A 57 0.28 6.35 -8.84
CA GLY A 57 1.18 7.41 -8.42
C GLY A 57 0.94 7.82 -6.97
N ASP A 58 0.85 6.82 -6.09
CA ASP A 58 0.63 7.07 -4.66
C ASP A 58 1.87 6.68 -3.85
N ALA A 59 2.30 7.56 -2.95
CA ALA A 59 3.48 7.30 -2.13
C ALA A 59 3.11 6.63 -0.81
N ILE A 60 3.71 5.46 -0.55
CA ILE A 60 3.45 4.71 0.67
C ILE A 60 4.16 5.34 1.87
N LEU A 61 3.42 5.51 2.97
CA LEU A 61 3.98 6.10 4.19
C LEU A 61 3.95 5.10 5.35
N ALA A 62 2.74 4.77 5.81
CA ALA A 62 2.57 3.83 6.93
C ALA A 62 1.45 2.82 6.64
N VAL A 63 1.63 1.59 7.13
CA VAL A 63 0.66 0.54 6.95
C VAL A 63 0.10 0.09 8.29
N ASN A 64 -1.20 0.30 8.51
CA ASN A 64 -1.85 -0.06 9.76
C ASN A 64 -1.12 0.56 10.95
N GLY A 65 -0.65 1.79 10.78
CA GLY A 65 0.07 2.48 11.85
C GLY A 65 1.56 2.16 11.89
N VAL A 66 1.98 1.11 11.17
CA VAL A 66 3.39 0.72 11.14
C VAL A 66 4.17 1.50 10.09
N ASN A 67 5.36 1.98 10.45
CA ASN A 67 6.19 2.75 9.53
C ASN A 67 6.89 1.83 8.53
N LEU A 68 6.94 2.26 7.27
CA LEU A 68 7.59 1.49 6.21
C LEU A 68 8.80 2.23 5.62
N ARG A 69 9.07 3.45 6.11
CA ARG A 69 10.20 4.24 5.62
C ARG A 69 11.53 3.63 6.04
N ASP A 70 11.56 2.97 7.19
CA ASP A 70 12.78 2.34 7.71
C ASP A 70 12.82 0.84 7.38
N THR A 71 11.91 0.36 6.54
CA THR A 71 11.85 -1.04 6.17
C THR A 71 12.28 -1.24 4.71
N LYS A 72 12.69 -2.47 4.36
CA LYS A 72 13.12 -2.79 3.00
C LYS A 72 11.93 -3.17 2.12
N HIS A 73 12.12 -3.11 0.80
CA HIS A 73 11.05 -3.45 -0.15
C HIS A 73 10.50 -4.84 0.13
N LYS A 74 11.39 -5.83 0.24
CA LYS A 74 10.99 -7.21 0.51
C LYS A 74 10.37 -7.32 1.90
N GLU A 75 10.96 -6.64 2.87
CA GLU A 75 10.47 -6.65 4.25
C GLU A 75 9.08 -6.03 4.33
N ALA A 76 8.86 -4.96 3.54
CA ALA A 76 7.58 -4.27 3.51
C ALA A 76 6.45 -5.18 3.03
N VAL A 77 6.79 -6.12 2.15
CA VAL A 77 5.80 -7.07 1.62
C VAL A 77 5.21 -7.90 2.76
N THR A 78 6.09 -8.35 3.66
CA THR A 78 5.66 -9.13 4.82
C THR A 78 4.75 -8.31 5.73
N ILE A 79 5.12 -7.04 5.93
CA ILE A 79 4.33 -6.14 6.77
C ILE A 79 2.90 -6.03 6.26
N LEU A 80 2.76 -5.85 4.95
CA LEU A 80 1.44 -5.73 4.32
C LEU A 80 0.60 -6.98 4.59
N SER A 81 1.24 -8.15 4.50
CA SER A 81 0.55 -9.43 4.73
C SER A 81 0.24 -9.65 6.21
N GLN A 82 0.85 -8.87 7.10
CA GLN A 82 0.63 -9.02 8.55
C GLN A 82 -0.79 -8.59 8.92
N GLN A 83 -1.35 -7.64 8.16
CA GLN A 83 -2.70 -7.14 8.41
C GLN A 83 -3.76 -8.13 7.93
N ARG A 84 -4.78 -8.35 8.76
CA ARG A 84 -5.86 -9.27 8.42
C ARG A 84 -7.23 -8.62 8.63
N GLY A 85 -8.20 -9.01 7.80
CA GLY A 85 -9.54 -8.45 7.90
C GLY A 85 -9.57 -6.98 7.55
N GLU A 86 -9.40 -6.14 8.57
CA GLU A 86 -9.38 -4.69 8.37
C GLU A 86 -7.96 -4.18 8.25
N ILE A 87 -7.62 -3.66 7.07
CA ILE A 87 -6.28 -3.13 6.82
C ILE A 87 -6.31 -1.62 6.60
N GLU A 88 -5.50 -0.90 7.36
CA GLU A 88 -5.43 0.56 7.23
C GLU A 88 -4.20 0.97 6.41
N PHE A 89 -4.40 1.91 5.49
CA PHE A 89 -3.32 2.39 4.64
C PHE A 89 -3.21 3.91 4.66
N GLU A 90 -1.98 4.42 4.76
CA GLU A 90 -1.74 5.84 4.79
C GLU A 90 -0.77 6.24 3.67
N VAL A 91 -1.27 7.04 2.72
CA VAL A 91 -0.46 7.49 1.59
C VAL A 91 -0.83 8.92 1.17
N VAL A 92 -0.05 9.49 0.25
CA VAL A 92 -0.29 10.85 -0.24
C VAL A 92 -0.03 10.94 -1.75
N TYR A 93 -0.92 11.64 -2.45
CA TYR A 93 -0.79 11.81 -3.90
C TYR A 93 0.45 12.64 -4.24
N VAL A 94 1.33 12.06 -5.05
CA VAL A 94 2.55 12.74 -5.46
C VAL A 94 2.49 13.16 -6.92
N ALA A 95 2.60 14.46 -7.17
CA ALA A 95 2.56 15.00 -8.53
C ALA A 95 3.34 16.31 -8.63
N PRO A 9 -0.40 17.27 1.90
CA PRO A 9 -1.63 16.67 2.49
C PRO A 9 -1.59 15.14 2.49
N ILE A 10 -1.75 14.54 3.67
CA ILE A 10 -1.74 13.09 3.81
C ILE A 10 -3.14 12.54 4.00
N ARG A 11 -3.41 11.39 3.38
CA ARG A 11 -4.72 10.74 3.48
C ARG A 11 -4.57 9.30 3.99
N LYS A 12 -5.57 8.86 4.76
CA LYS A 12 -5.57 7.50 5.32
C LYS A 12 -6.72 6.68 4.74
N VAL A 13 -6.39 5.67 3.96
CA VAL A 13 -7.41 4.81 3.33
C VAL A 13 -7.35 3.39 3.90
N LEU A 14 -8.53 2.78 4.09
CA LEU A 14 -8.62 1.42 4.61
C LEU A 14 -8.99 0.42 3.51
N LEU A 15 -8.20 -0.63 3.37
CA LEU A 15 -8.44 -1.66 2.36
C LEU A 15 -8.83 -2.99 3.01
N LEU A 16 -9.97 -3.53 2.60
CA LEU A 16 -10.45 -4.80 3.13
C LEU A 16 -10.32 -5.91 2.09
N LYS A 17 -9.46 -6.89 2.37
CA LYS A 17 -9.25 -8.01 1.46
C LYS A 17 -9.46 -9.36 2.16
N GLU A 18 -10.17 -10.25 1.49
CA GLU A 18 -10.46 -11.58 2.04
C GLU A 18 -9.28 -12.52 1.82
N ASP A 19 -9.34 -13.71 2.43
CA ASP A 19 -8.29 -14.70 2.31
C ASP A 19 -8.04 -15.06 0.83
N HIS A 20 -9.12 -15.16 0.06
CA HIS A 20 -9.03 -15.48 -1.35
C HIS A 20 -8.53 -14.29 -2.17
N GLU A 21 -8.85 -13.07 -1.71
CA GLU A 21 -8.42 -11.85 -2.40
C GLU A 21 -6.95 -11.54 -2.13
N GLY A 22 -6.39 -10.62 -2.93
CA GLY A 22 -4.99 -10.24 -2.78
C GLY A 22 -4.82 -8.81 -2.30
N LEU A 23 -3.69 -8.21 -2.65
CA LEU A 23 -3.40 -6.82 -2.26
C LEU A 23 -4.32 -5.83 -2.96
N GLY A 24 -4.58 -6.06 -4.24
CA GLY A 24 -5.45 -5.17 -5.00
C GLY A 24 -4.68 -4.20 -5.89
N ILE A 25 -3.40 -3.96 -5.56
CA ILE A 25 -2.57 -3.06 -6.34
C ILE A 25 -1.10 -3.53 -6.36
N SER A 26 -0.29 -2.87 -7.19
CA SER A 26 1.13 -3.21 -7.30
C SER A 26 1.99 -2.01 -6.94
N ILE A 27 3.08 -2.26 -6.19
CA ILE A 27 3.98 -1.20 -5.77
C ILE A 27 5.38 -1.36 -6.36
N THR A 28 6.12 -0.26 -6.46
CA THR A 28 7.48 -0.27 -7.01
C THR A 28 8.42 0.58 -6.18
N GLY A 29 9.73 0.37 -6.38
CA GLY A 29 10.74 1.13 -5.65
C GLY A 29 11.36 0.36 -4.50
N GLY A 30 11.97 1.08 -3.55
CA GLY A 30 12.59 0.42 -2.41
C GLY A 30 13.50 1.35 -1.62
N LYS A 31 13.34 1.35 -0.30
CA LYS A 31 14.15 2.19 0.60
C LYS A 31 15.64 1.89 0.41
N GLU A 32 15.98 0.62 0.20
CA GLU A 32 17.38 0.22 0.01
C GLU A 32 17.97 0.88 -1.24
N HIS A 33 17.13 1.12 -2.24
CA HIS A 33 17.57 1.75 -3.49
C HIS A 33 17.73 3.26 -3.32
N GLY A 34 16.98 3.84 -2.38
CA GLY A 34 17.05 5.27 -2.14
C GLY A 34 15.78 6.01 -2.56
N VAL A 35 14.66 5.29 -2.61
CA VAL A 35 13.39 5.89 -3.01
C VAL A 35 12.21 5.18 -2.32
N PRO A 36 11.25 5.94 -1.77
CA PRO A 36 10.08 5.36 -1.09
C PRO A 36 9.24 4.49 -2.03
N ILE A 37 8.47 3.57 -1.45
CA ILE A 37 7.63 2.67 -2.23
C ILE A 37 6.30 3.34 -2.58
N LEU A 38 5.91 3.27 -3.85
CA LEU A 38 4.67 3.88 -4.32
C LEU A 38 3.84 2.90 -5.16
N ILE A 39 2.54 3.20 -5.30
CA ILE A 39 1.64 2.36 -6.08
C ILE A 39 1.53 2.87 -7.53
N SER A 40 1.91 2.03 -8.48
CA SER A 40 1.85 2.39 -9.89
C SER A 40 0.77 1.59 -10.63
N GLU A 41 0.68 0.30 -10.32
CA GLU A 41 -0.31 -0.58 -10.96
C GLU A 41 -1.48 -0.88 -10.01
N ILE A 42 -2.66 -1.09 -10.59
CA ILE A 42 -3.86 -1.40 -9.80
C ILE A 42 -4.59 -2.61 -10.38
N HIS A 43 -4.76 -3.64 -9.55
CA HIS A 43 -5.44 -4.86 -9.97
C HIS A 43 -6.95 -4.63 -10.08
N PRO A 44 -7.51 -4.71 -11.29
CA PRO A 44 -8.95 -4.51 -11.52
C PRO A 44 -9.81 -5.61 -10.92
N GLY A 45 -10.95 -5.23 -10.34
CA GLY A 45 -11.84 -6.19 -9.73
C GLY A 45 -11.38 -6.64 -8.35
N GLN A 46 -10.68 -5.75 -7.66
CA GLN A 46 -10.15 -6.05 -6.32
C GLN A 46 -10.57 -4.94 -5.34
N PRO A 47 -10.31 -5.13 -4.02
CA PRO A 47 -10.66 -4.14 -2.99
C PRO A 47 -10.12 -2.75 -3.31
N ALA A 48 -8.98 -2.69 -4.00
CA ALA A 48 -8.36 -1.41 -4.37
C ALA A 48 -9.28 -0.60 -5.29
N ASP A 49 -9.84 -1.28 -6.30
CA ASP A 49 -10.74 -0.62 -7.24
C ASP A 49 -12.05 -0.25 -6.56
N ARG A 50 -12.55 -1.15 -5.71
CA ARG A 50 -13.80 -0.91 -4.99
C ARG A 50 -13.67 0.26 -4.01
N CYS A 51 -12.47 0.46 -3.47
CA CYS A 51 -12.22 1.54 -2.53
C CYS A 51 -12.26 2.91 -3.22
N GLY A 52 -11.94 2.95 -4.50
CA GLY A 52 -11.95 4.20 -5.25
C GLY A 52 -10.71 5.05 -5.02
N GLY A 53 -10.43 5.35 -3.75
CA GLY A 53 -9.26 6.16 -3.40
C GLY A 53 -7.96 5.62 -3.97
N LEU A 54 -7.89 4.30 -4.16
CA LEU A 54 -6.69 3.67 -4.70
C LEU A 54 -6.42 4.15 -6.13
N HIS A 55 -5.54 5.15 -6.25
CA HIS A 55 -5.20 5.72 -7.54
C HIS A 55 -3.71 5.55 -7.85
N VAL A 56 -3.37 5.62 -9.13
CA VAL A 56 -1.96 5.49 -9.55
C VAL A 56 -1.16 6.71 -9.10
N GLY A 57 -0.03 6.46 -8.44
CA GLY A 57 0.80 7.56 -7.96
C GLY A 57 0.62 7.82 -6.47
N ASP A 58 0.53 6.74 -5.69
CA ASP A 58 0.35 6.85 -4.24
C ASP A 58 1.63 6.43 -3.51
N ALA A 59 2.17 7.32 -2.69
CA ALA A 59 3.40 7.04 -1.93
C ALA A 59 3.09 6.52 -0.54
N ILE A 60 3.67 5.37 -0.19
CA ILE A 60 3.45 4.77 1.13
C ILE A 60 4.28 5.47 2.20
N LEU A 61 3.70 5.61 3.39
CA LEU A 61 4.38 6.25 4.51
C LEU A 61 4.28 5.38 5.77
N ALA A 62 3.06 4.96 6.12
CA ALA A 62 2.85 4.12 7.30
C ALA A 62 1.92 2.95 6.99
N VAL A 63 2.18 1.81 7.65
CA VAL A 63 1.37 0.60 7.47
C VAL A 63 0.68 0.24 8.78
N ASN A 64 -0.66 0.31 8.77
CA ASN A 64 -1.46 -0.01 9.96
C ASN A 64 -0.99 0.81 11.17
N GLY A 65 -0.55 2.05 10.91
CA GLY A 65 -0.07 2.91 11.99
C GLY A 65 1.43 2.80 12.25
N VAL A 66 2.06 1.74 11.73
CA VAL A 66 3.49 1.53 11.91
C VAL A 66 4.30 2.24 10.82
N ASN A 67 5.36 2.92 11.22
CA ASN A 67 6.22 3.65 10.27
C ASN A 67 7.02 2.68 9.39
N LEU A 68 7.07 2.97 8.09
CA LEU A 68 7.81 2.13 7.15
C LEU A 68 8.91 2.93 6.42
N ARG A 69 9.27 4.10 6.95
CA ARG A 69 10.31 4.93 6.34
C ARG A 69 11.69 4.30 6.49
N ASP A 70 11.91 3.57 7.58
CA ASP A 70 13.20 2.92 7.83
C ASP A 70 13.17 1.43 7.45
N THR A 71 12.13 1.00 6.73
CA THR A 71 11.99 -0.39 6.33
C THR A 71 12.34 -0.56 4.85
N LYS A 72 12.61 -1.80 4.43
CA LYS A 72 12.94 -2.09 3.03
C LYS A 72 11.73 -2.57 2.25
N HIS A 73 11.80 -2.50 0.92
CA HIS A 73 10.69 -2.93 0.06
C HIS A 73 10.28 -4.37 0.38
N LYS A 74 11.25 -5.27 0.41
CA LYS A 74 10.98 -6.69 0.71
C LYS A 74 10.37 -6.83 2.10
N GLU A 75 10.89 -6.06 3.07
CA GLU A 75 10.39 -6.10 4.44
C GLU A 75 8.95 -5.59 4.51
N ALA A 76 8.65 -4.57 3.70
CA ALA A 76 7.30 -4.00 3.67
C ALA A 76 6.28 -5.02 3.18
N VAL A 77 6.69 -5.88 2.25
CA VAL A 77 5.79 -6.91 1.71
C VAL A 77 5.38 -7.88 2.83
N THR A 78 6.33 -8.20 3.71
CA THR A 78 6.05 -9.10 4.82
C THR A 78 5.01 -8.51 5.75
N ILE A 79 5.13 -7.20 6.01
CA ILE A 79 4.18 -6.50 6.88
C ILE A 79 2.75 -6.63 6.34
N LEU A 80 2.60 -6.43 5.04
CA LEU A 80 1.30 -6.53 4.39
C LEU A 80 0.67 -7.91 4.62
N SER A 81 1.50 -8.96 4.57
CA SER A 81 1.04 -10.33 4.77
C SER A 81 0.44 -10.50 6.17
N GLN A 82 1.04 -9.84 7.16
CA GLN A 82 0.57 -9.91 8.55
C GLN A 82 -0.81 -9.26 8.70
N GLN A 83 -1.14 -8.32 7.81
CA GLN A 83 -2.42 -7.63 7.84
C GLN A 83 -3.58 -8.60 7.54
N ARG A 84 -4.62 -8.56 8.38
CA ARG A 84 -5.78 -9.44 8.21
C ARG A 84 -7.07 -8.63 8.12
N GLY A 85 -7.99 -9.11 7.28
CA GLY A 85 -9.28 -8.44 7.12
C GLY A 85 -9.14 -7.01 6.64
N GLU A 86 -9.28 -6.06 7.58
CA GLU A 86 -9.15 -4.64 7.25
C GLU A 86 -7.71 -4.17 7.44
N ILE A 87 -7.16 -3.58 6.39
CA ILE A 87 -5.79 -3.08 6.42
C ILE A 87 -5.75 -1.57 6.24
N GLU A 88 -5.15 -0.88 7.21
CA GLU A 88 -5.02 0.57 7.15
C GLU A 88 -3.69 0.97 6.53
N PHE A 89 -3.75 1.78 5.48
CA PHE A 89 -2.54 2.22 4.80
C PHE A 89 -2.52 3.74 4.65
N GLU A 90 -1.41 4.35 5.05
CA GLU A 90 -1.24 5.79 4.96
C GLU A 90 -0.39 6.16 3.74
N VAL A 91 -1.00 6.86 2.78
CA VAL A 91 -0.31 7.27 1.57
C VAL A 91 -0.67 8.71 1.17
N VAL A 92 0.05 9.24 0.18
CA VAL A 92 -0.19 10.61 -0.29
C VAL A 92 -0.25 10.66 -1.83
N TYR A 93 -1.04 11.60 -2.35
CA TYR A 93 -1.18 11.76 -3.80
C TYR A 93 0.08 12.38 -4.41
N VAL A 94 0.70 11.66 -5.34
CA VAL A 94 1.92 12.13 -5.99
C VAL A 94 1.73 12.17 -7.52
N ALA A 95 2.09 13.30 -8.13
CA ALA A 95 1.98 13.46 -9.57
C ALA A 95 3.34 13.68 -10.22
N PRO A 9 -0.14 16.81 1.07
CA PRO A 9 -1.54 16.32 1.21
C PRO A 9 -1.59 14.81 1.48
N ILE A 10 -1.84 14.44 2.73
CA ILE A 10 -1.92 13.03 3.12
C ILE A 10 -3.36 12.54 3.12
N ARG A 11 -3.57 11.30 2.66
CA ARG A 11 -4.91 10.71 2.62
C ARG A 11 -4.94 9.41 3.42
N LYS A 12 -5.87 9.33 4.37
CA LYS A 12 -6.03 8.14 5.21
C LYS A 12 -7.13 7.24 4.66
N VAL A 13 -6.74 6.07 4.14
CA VAL A 13 -7.70 5.13 3.58
C VAL A 13 -7.45 3.71 4.12
N LEU A 14 -8.54 3.01 4.45
CA LEU A 14 -8.43 1.65 4.97
C LEU A 14 -8.66 0.62 3.86
N LEU A 15 -7.88 -0.47 3.91
CA LEU A 15 -7.99 -1.53 2.92
C LEU A 15 -8.33 -2.87 3.59
N LEU A 16 -9.21 -3.64 2.94
CA LEU A 16 -9.62 -4.94 3.47
C LEU A 16 -9.01 -6.07 2.64
N LYS A 17 -8.34 -7.00 3.32
CA LYS A 17 -7.71 -8.14 2.65
C LYS A 17 -8.35 -9.45 3.10
N GLU A 18 -8.79 -10.24 2.12
CA GLU A 18 -9.42 -11.54 2.41
C GLU A 18 -8.51 -12.69 2.02
N ASP A 19 -8.69 -13.85 2.64
CA ASP A 19 -7.87 -15.03 2.35
C ASP A 19 -7.95 -15.40 0.87
N HIS A 20 -9.14 -15.28 0.29
CA HIS A 20 -9.35 -15.59 -1.13
C HIS A 20 -8.86 -14.45 -2.03
N GLU A 21 -8.88 -13.22 -1.52
CA GLU A 21 -8.45 -12.06 -2.29
C GLU A 21 -6.98 -11.71 -2.00
N GLY A 22 -6.49 -10.64 -2.63
CA GLY A 22 -5.11 -10.22 -2.44
C GLY A 22 -4.96 -8.72 -2.31
N LEU A 23 -3.81 -8.20 -2.74
CA LEU A 23 -3.53 -6.75 -2.67
C LEU A 23 -4.42 -5.98 -3.64
N GLY A 24 -4.34 -6.35 -4.93
CA GLY A 24 -5.14 -5.69 -5.95
C GLY A 24 -4.38 -4.62 -6.72
N ILE A 25 -3.23 -4.20 -6.20
CA ILE A 25 -2.40 -3.18 -6.86
C ILE A 25 -0.92 -3.52 -6.78
N SER A 26 -0.15 -3.02 -7.73
CA SER A 26 1.29 -3.25 -7.77
C SER A 26 2.06 -2.03 -7.29
N ILE A 27 3.08 -2.25 -6.47
CA ILE A 27 3.90 -1.16 -5.94
C ILE A 27 5.36 -1.31 -6.34
N THR A 28 6.05 -0.17 -6.49
CA THR A 28 7.45 -0.17 -6.88
C THR A 28 8.26 0.82 -6.03
N GLY A 29 9.53 0.47 -5.77
CA GLY A 29 10.39 1.33 -4.97
C GLY A 29 11.46 0.54 -4.24
N GLY A 30 11.96 1.09 -3.13
CA GLY A 30 12.99 0.41 -2.36
C GLY A 30 13.77 1.35 -1.45
N LYS A 31 13.67 1.12 -0.14
CA LYS A 31 14.39 1.94 0.85
C LYS A 31 15.90 1.89 0.62
N GLU A 32 16.41 0.73 0.17
CA GLU A 32 17.84 0.57 -0.08
C GLU A 32 18.35 1.61 -1.08
N HIS A 33 17.47 2.04 -1.98
CA HIS A 33 17.84 3.04 -2.99
C HIS A 33 17.73 4.45 -2.42
N GLY A 34 16.83 4.63 -1.46
CA GLY A 34 16.63 5.94 -0.84
C GLY A 34 15.32 6.59 -1.26
N VAL A 35 14.34 5.78 -1.64
CA VAL A 35 13.03 6.30 -2.06
C VAL A 35 11.90 5.37 -1.61
N PRO A 36 10.83 5.92 -0.99
CA PRO A 36 9.68 5.14 -0.52
C PRO A 36 8.99 4.40 -1.67
N ILE A 37 8.33 3.29 -1.34
CA ILE A 37 7.61 2.51 -2.34
C ILE A 37 6.23 3.11 -2.62
N LEU A 38 5.90 3.27 -3.89
CA LEU A 38 4.60 3.84 -4.28
C LEU A 38 3.87 2.94 -5.27
N ILE A 39 2.55 3.12 -5.36
CA ILE A 39 1.71 2.34 -6.26
C ILE A 39 1.73 2.92 -7.66
N SER A 40 1.98 2.06 -8.65
CA SER A 40 2.03 2.49 -10.06
C SER A 40 0.98 1.76 -10.89
N GLU A 41 0.81 0.46 -10.64
CA GLU A 41 -0.17 -0.34 -11.38
C GLU A 41 -1.39 -0.64 -10.52
N ILE A 42 -2.56 -0.68 -11.17
CA ILE A 42 -3.82 -0.96 -10.47
C ILE A 42 -4.60 -2.06 -11.19
N HIS A 43 -4.71 -3.22 -10.54
CA HIS A 43 -5.43 -4.36 -11.12
C HIS A 43 -6.93 -4.26 -10.83
N PRO A 44 -7.78 -4.36 -11.88
CA PRO A 44 -9.24 -4.27 -11.73
C PRO A 44 -9.85 -5.51 -11.08
N GLY A 45 -11.04 -5.34 -10.50
CA GLY A 45 -11.73 -6.44 -9.85
C GLY A 45 -11.13 -6.80 -8.50
N GLN A 46 -10.70 -5.78 -7.76
CA GLN A 46 -10.09 -5.99 -6.44
C GLN A 46 -10.48 -4.87 -5.48
N PRO A 47 -10.17 -5.01 -4.18
CA PRO A 47 -10.48 -4.00 -3.16
C PRO A 47 -10.00 -2.60 -3.56
N ALA A 48 -8.89 -2.55 -4.31
CA ALA A 48 -8.33 -1.27 -4.75
C ALA A 48 -9.35 -0.45 -5.54
N ASP A 49 -10.03 -1.11 -6.48
CA ASP A 49 -11.04 -0.44 -7.31
C ASP A 49 -12.26 -0.07 -6.46
N ARG A 50 -12.67 -0.99 -5.60
CA ARG A 50 -13.82 -0.77 -4.72
C ARG A 50 -13.55 0.37 -3.73
N CYS A 51 -12.28 0.53 -3.33
CA CYS A 51 -11.90 1.58 -2.39
C CYS A 51 -12.01 2.97 -3.02
N GLY A 52 -11.84 3.05 -4.34
CA GLY A 52 -11.92 4.34 -5.03
C GLY A 52 -10.66 5.16 -4.88
N GLY A 53 -10.30 5.48 -3.63
CA GLY A 53 -9.11 6.27 -3.34
C GLY A 53 -7.83 5.66 -3.92
N LEU A 54 -7.82 4.36 -4.16
CA LEU A 54 -6.65 3.68 -4.72
C LEU A 54 -6.38 4.18 -6.14
N HIS A 55 -5.47 5.15 -6.25
CA HIS A 55 -5.10 5.74 -7.53
C HIS A 55 -3.62 5.53 -7.84
N VAL A 56 -3.27 5.60 -9.12
CA VAL A 56 -1.90 5.43 -9.55
C VAL A 56 -1.05 6.62 -9.09
N GLY A 57 0.13 6.32 -8.54
CA GLY A 57 1.02 7.37 -8.06
C GLY A 57 0.79 7.70 -6.60
N ASP A 58 0.65 6.66 -5.77
CA ASP A 58 0.43 6.82 -4.33
C ASP A 58 1.66 6.34 -3.56
N ALA A 59 2.25 7.21 -2.75
CA ALA A 59 3.44 6.85 -1.97
C ALA A 59 3.06 6.32 -0.59
N ILE A 60 3.50 5.09 -0.31
CA ILE A 60 3.21 4.45 0.98
C ILE A 60 3.98 5.12 2.12
N LEU A 61 3.26 5.41 3.21
CA LEU A 61 3.86 6.05 4.38
C LEU A 61 3.82 5.11 5.59
N ALA A 62 2.63 4.62 5.93
CA ALA A 62 2.46 3.71 7.05
C ALA A 62 1.29 2.76 6.84
N VAL A 63 1.43 1.53 7.35
CA VAL A 63 0.38 0.51 7.21
C VAL A 63 0.00 -0.04 8.59
N ASN A 64 -1.27 0.11 8.95
CA ASN A 64 -1.79 -0.35 10.24
C ASN A 64 -1.01 0.28 11.41
N GLY A 65 -0.58 1.53 11.22
CA GLY A 65 0.17 2.23 12.25
C GLY A 65 1.67 1.93 12.20
N VAL A 66 2.08 0.95 11.41
CA VAL A 66 3.49 0.58 11.29
C VAL A 66 4.17 1.38 10.19
N ASN A 67 5.37 1.88 10.47
CA ASN A 67 6.13 2.68 9.51
C ASN A 67 6.88 1.78 8.52
N LEU A 68 6.80 2.14 7.24
CA LEU A 68 7.46 1.36 6.18
C LEU A 68 8.66 2.11 5.60
N ARG A 69 8.79 3.41 5.90
CA ARG A 69 9.89 4.22 5.40
C ARG A 69 11.25 3.69 5.87
N ASP A 70 11.27 3.05 7.03
CA ASP A 70 12.51 2.48 7.59
C ASP A 70 12.65 0.99 7.27
N THR A 71 11.77 0.48 6.39
CA THR A 71 11.81 -0.93 6.01
C THR A 71 12.04 -1.08 4.51
N LYS A 72 12.53 -2.24 4.10
CA LYS A 72 12.80 -2.51 2.69
C LYS A 72 11.53 -2.99 1.98
N HIS A 73 11.53 -2.91 0.65
CA HIS A 73 10.37 -3.33 -0.14
C HIS A 73 9.98 -4.77 0.19
N LYS A 74 10.96 -5.67 0.16
CA LYS A 74 10.71 -7.08 0.48
C LYS A 74 10.17 -7.25 1.89
N GLU A 75 10.72 -6.49 2.84
CA GLU A 75 10.27 -6.53 4.23
C GLU A 75 8.86 -5.99 4.37
N ALA A 76 8.56 -4.93 3.62
CA ALA A 76 7.23 -4.30 3.67
C ALA A 76 6.15 -5.27 3.20
N VAL A 77 6.48 -6.11 2.20
CA VAL A 77 5.53 -7.08 1.67
C VAL A 77 5.10 -8.06 2.77
N THR A 78 6.07 -8.48 3.59
CA THR A 78 5.79 -9.41 4.68
C THR A 78 4.91 -8.75 5.75
N ILE A 79 5.23 -7.49 6.09
CA ILE A 79 4.45 -6.76 7.09
C ILE A 79 3.01 -6.57 6.63
N LEU A 80 2.84 -6.23 5.35
CA LEU A 80 1.51 -6.02 4.77
C LEU A 80 0.69 -7.30 4.82
N SER A 81 1.37 -8.44 4.60
CA SER A 81 0.71 -9.74 4.64
C SER A 81 0.18 -10.07 6.05
N GLN A 82 0.90 -9.59 7.07
CA GLN A 82 0.50 -9.82 8.47
C GLN A 82 -0.83 -9.13 8.79
N GLN A 83 -1.11 -8.02 8.09
CA GLN A 83 -2.35 -7.28 8.31
C GLN A 83 -3.58 -8.14 7.98
N ARG A 84 -4.35 -8.47 9.02
CA ARG A 84 -5.54 -9.30 8.86
C ARG A 84 -6.81 -8.51 9.13
N GLY A 85 -7.90 -8.88 8.45
CA GLY A 85 -9.17 -8.20 8.63
C GLY A 85 -9.12 -6.74 8.22
N GLU A 86 -9.05 -5.85 9.22
CA GLU A 86 -8.99 -4.42 8.97
C GLU A 86 -7.54 -3.98 8.84
N ILE A 87 -7.24 -3.30 7.73
CA ILE A 87 -5.89 -2.82 7.48
C ILE A 87 -5.89 -1.32 7.18
N GLU A 88 -5.04 -0.59 7.89
CA GLU A 88 -4.93 0.86 7.70
C GLU A 88 -3.84 1.20 6.71
N PHE A 89 -4.14 2.11 5.79
CA PHE A 89 -3.16 2.52 4.77
C PHE A 89 -3.04 4.04 4.70
N GLU A 90 -1.81 4.54 4.76
CA GLU A 90 -1.55 5.97 4.70
C GLU A 90 -0.62 6.29 3.53
N VAL A 91 -1.14 7.04 2.56
CA VAL A 91 -0.37 7.40 1.37
C VAL A 91 -0.62 8.85 0.97
N VAL A 92 0.17 9.34 0.00
CA VAL A 92 0.04 10.71 -0.50
C VAL A 92 0.08 10.77 -2.02
N TYR A 93 -0.73 11.68 -2.59
CA TYR A 93 -0.78 11.84 -4.04
C TYR A 93 0.39 12.69 -4.54
N VAL A 94 1.17 12.11 -5.47
CA VAL A 94 2.33 12.81 -6.03
C VAL A 94 2.18 12.97 -7.54
N ALA A 95 2.44 14.18 -8.04
CA ALA A 95 2.35 14.47 -9.46
C ALA A 95 3.09 15.75 -9.83
N PRO A 9 0.65 16.60 2.41
CA PRO A 9 -0.80 16.25 2.37
C PRO A 9 -1.02 14.74 2.42
N ILE A 10 -0.95 14.16 3.62
CA ILE A 10 -1.13 12.73 3.81
C ILE A 10 -2.61 12.36 3.78
N ARG A 11 -2.92 11.21 3.20
CA ARG A 11 -4.29 10.72 3.10
C ARG A 11 -4.46 9.38 3.83
N LYS A 12 -5.63 9.20 4.46
CA LYS A 12 -5.93 7.98 5.19
C LYS A 12 -7.04 7.19 4.48
N VAL A 13 -6.70 6.00 3.99
CA VAL A 13 -7.66 5.15 3.28
C VAL A 13 -7.73 3.76 3.90
N LEU A 14 -8.95 3.29 4.20
CA LEU A 14 -9.15 1.97 4.79
C LEU A 14 -9.52 0.94 3.73
N LEU A 15 -8.84 -0.21 3.78
CA LEU A 15 -9.10 -1.29 2.82
C LEU A 15 -9.31 -2.63 3.54
N LEU A 16 -10.20 -3.46 3.00
CA LEU A 16 -10.50 -4.76 3.59
C LEU A 16 -9.94 -5.89 2.72
N LYS A 17 -8.98 -6.62 3.28
CA LYS A 17 -8.35 -7.74 2.57
C LYS A 17 -9.03 -9.06 2.93
N GLU A 18 -9.27 -9.89 1.91
CA GLU A 18 -9.93 -11.18 2.10
C GLU A 18 -9.02 -12.32 1.67
N ASP A 19 -9.23 -13.51 2.24
CA ASP A 19 -8.43 -14.69 1.90
C ASP A 19 -8.51 -15.00 0.40
N HIS A 20 -9.70 -14.80 -0.18
CA HIS A 20 -9.90 -15.05 -1.61
C HIS A 20 -9.42 -13.87 -2.46
N GLU A 21 -9.43 -12.65 -1.89
CA GLU A 21 -9.00 -11.45 -2.61
C GLU A 21 -7.59 -11.05 -2.18
N GLY A 22 -6.63 -11.21 -3.09
CA GLY A 22 -5.25 -10.86 -2.81
C GLY A 22 -5.03 -9.37 -2.59
N LEU A 23 -3.81 -8.90 -2.89
CA LEU A 23 -3.47 -7.49 -2.73
C LEU A 23 -4.36 -6.58 -3.59
N GLY A 24 -4.32 -6.78 -4.90
CA GLY A 24 -5.14 -5.99 -5.82
C GLY A 24 -4.38 -4.81 -6.43
N ILE A 25 -3.19 -4.51 -5.91
CA ILE A 25 -2.38 -3.40 -6.41
C ILE A 25 -0.91 -3.80 -6.49
N SER A 26 -0.17 -3.16 -7.41
CA SER A 26 1.25 -3.45 -7.57
C SER A 26 2.08 -2.21 -7.24
N ILE A 27 3.18 -2.43 -6.51
CA ILE A 27 4.07 -1.34 -6.11
C ILE A 27 5.47 -1.51 -6.69
N THR A 28 6.19 -0.38 -6.82
CA THR A 28 7.54 -0.40 -7.36
C THR A 28 8.45 0.56 -6.60
N GLY A 29 9.73 0.21 -6.49
CA GLY A 29 10.68 1.04 -5.79
C GLY A 29 11.46 0.27 -4.72
N GLY A 30 12.13 1.01 -3.83
CA GLY A 30 12.90 0.36 -2.77
C GLY A 30 13.58 1.35 -1.85
N LYS A 31 13.15 1.39 -0.59
CA LYS A 31 13.73 2.30 0.40
C LYS A 31 15.23 2.05 0.60
N GLU A 32 15.65 0.80 0.42
CA GLU A 32 17.07 0.44 0.57
C GLU A 32 17.95 1.28 -0.37
N HIS A 33 17.39 1.65 -1.53
CA HIS A 33 18.11 2.45 -2.51
C HIS A 33 18.12 3.94 -2.12
N GLY A 34 17.16 4.35 -1.31
CA GLY A 34 17.07 5.73 -0.88
C GLY A 34 15.81 6.44 -1.36
N VAL A 35 14.77 5.67 -1.71
CA VAL A 35 13.52 6.23 -2.19
C VAL A 35 12.32 5.40 -1.72
N PRO A 36 11.21 6.04 -1.33
CA PRO A 36 10.00 5.35 -0.88
C PRO A 36 9.31 4.57 -2.00
N ILE A 37 8.53 3.57 -1.63
CA ILE A 37 7.81 2.75 -2.61
C ILE A 37 6.48 3.39 -2.99
N LEU A 38 6.15 3.38 -4.28
CA LEU A 38 4.91 3.96 -4.78
C LEU A 38 4.13 2.97 -5.65
N ILE A 39 2.80 3.12 -5.67
CA ILE A 39 1.94 2.24 -6.46
C ILE A 39 1.79 2.77 -7.88
N SER A 40 2.16 1.96 -8.87
CA SER A 40 2.06 2.35 -10.27
C SER A 40 1.00 1.52 -11.03
N GLU A 41 0.75 0.30 -10.58
CA GLU A 41 -0.24 -0.57 -11.23
C GLU A 41 -1.48 -0.74 -10.34
N ILE A 42 -2.65 -0.82 -10.97
CA ILE A 42 -3.92 -0.99 -10.25
C ILE A 42 -4.76 -2.08 -10.91
N HIS A 43 -5.10 -3.12 -10.16
CA HIS A 43 -5.91 -4.21 -10.69
C HIS A 43 -7.38 -4.04 -10.31
N PRO A 44 -8.26 -3.79 -11.30
CA PRO A 44 -9.69 -3.61 -11.08
C PRO A 44 -10.38 -4.90 -10.66
N GLY A 45 -11.47 -4.78 -9.89
CA GLY A 45 -12.21 -5.93 -9.43
C GLY A 45 -11.94 -6.26 -7.96
N GLN A 46 -10.70 -6.07 -7.53
CA GLN A 46 -10.31 -6.34 -6.15
C GLN A 46 -10.67 -5.15 -5.26
N PRO A 47 -10.44 -5.28 -3.92
CA PRO A 47 -10.73 -4.21 -2.95
C PRO A 47 -10.14 -2.85 -3.36
N ALA A 48 -8.99 -2.88 -4.05
CA ALA A 48 -8.32 -1.66 -4.50
C ALA A 48 -9.25 -0.80 -5.36
N ASP A 49 -9.92 -1.45 -6.32
CA ASP A 49 -10.85 -0.75 -7.20
C ASP A 49 -12.10 -0.30 -6.45
N ARG A 50 -12.62 -1.19 -5.60
CA ARG A 50 -13.80 -0.89 -4.80
C ARG A 50 -13.56 0.29 -3.85
N CYS A 51 -12.30 0.45 -3.42
CA CYS A 51 -11.94 1.54 -2.52
C CYS A 51 -12.01 2.90 -3.22
N GLY A 52 -11.79 2.91 -4.55
CA GLY A 52 -11.83 4.14 -5.31
C GLY A 52 -10.58 4.99 -5.14
N GLY A 53 -10.25 5.32 -3.88
CA GLY A 53 -9.08 6.13 -3.58
C GLY A 53 -7.78 5.54 -4.11
N LEU A 54 -7.76 4.22 -4.34
CA LEU A 54 -6.56 3.56 -4.86
C LEU A 54 -6.27 4.01 -6.29
N HIS A 55 -5.46 5.07 -6.39
CA HIS A 55 -5.10 5.65 -7.69
C HIS A 55 -3.61 5.48 -7.97
N VAL A 56 -3.24 5.51 -9.25
CA VAL A 56 -1.84 5.38 -9.66
C VAL A 56 -1.02 6.55 -9.12
N GLY A 57 0.18 6.26 -8.62
CA GLY A 57 1.05 7.30 -8.09
C GLY A 57 0.81 7.54 -6.61
N ASP A 58 0.72 6.46 -5.83
CA ASP A 58 0.50 6.57 -4.40
C ASP A 58 1.72 6.10 -3.61
N ALA A 59 2.27 6.98 -2.77
CA ALA A 59 3.45 6.66 -1.96
C ALA A 59 3.05 6.20 -0.56
N ILE A 60 3.46 4.98 -0.19
CA ILE A 60 3.14 4.43 1.12
C ILE A 60 4.03 5.03 2.21
N LEU A 61 3.41 5.40 3.33
CA LEU A 61 4.13 5.98 4.46
C LEU A 61 3.92 5.14 5.73
N ALA A 62 2.65 4.85 6.05
CA ALA A 62 2.32 4.05 7.24
C ALA A 62 1.15 3.11 6.97
N VAL A 63 1.17 1.95 7.60
CA VAL A 63 0.10 0.95 7.43
C VAL A 63 -0.28 0.36 8.78
N ASN A 64 -1.54 0.60 9.19
CA ASN A 64 -2.04 0.10 10.47
C ASN A 64 -1.21 0.64 11.63
N GLY A 65 -0.71 1.86 11.49
CA GLY A 65 0.10 2.47 12.54
C GLY A 65 1.59 2.11 12.43
N VAL A 66 1.92 1.11 11.61
CA VAL A 66 3.30 0.68 11.43
C VAL A 66 4.01 1.58 10.41
N ASN A 67 5.21 2.05 10.76
CA ASN A 67 5.98 2.91 9.88
C ASN A 67 6.61 2.11 8.75
N LEU A 68 6.37 2.55 7.51
CA LEU A 68 6.92 1.87 6.34
C LEU A 68 7.80 2.80 5.51
N ARG A 69 7.96 4.05 5.97
CA ARG A 69 8.79 5.02 5.26
C ARG A 69 10.27 4.68 5.38
N ASP A 70 10.67 4.07 6.50
CA ASP A 70 12.07 3.70 6.72
C ASP A 70 12.30 2.19 6.55
N THR A 71 11.32 1.48 6.00
CA THR A 71 11.43 0.04 5.78
C THR A 71 11.78 -0.27 4.33
N LYS A 72 12.50 -1.37 4.11
CA LYS A 72 12.89 -1.80 2.76
C LYS A 72 11.71 -2.41 1.99
N HIS A 73 11.83 -2.47 0.67
CA HIS A 73 10.78 -3.04 -0.18
C HIS A 73 10.43 -4.46 0.26
N LYS A 74 11.44 -5.30 0.43
CA LYS A 74 11.23 -6.69 0.86
C LYS A 74 10.59 -6.74 2.25
N GLU A 75 10.99 -5.81 3.12
CA GLU A 75 10.45 -5.73 4.47
C GLU A 75 8.95 -5.41 4.43
N ALA A 76 8.55 -4.57 3.48
CA ALA A 76 7.15 -4.18 3.33
C ALA A 76 6.28 -5.38 2.98
N VAL A 77 6.83 -6.30 2.18
CA VAL A 77 6.09 -7.51 1.78
C VAL A 77 5.74 -8.35 3.00
N THR A 78 6.70 -8.50 3.92
CA THR A 78 6.48 -9.28 5.13
C THR A 78 5.44 -8.61 6.03
N ILE A 79 5.60 -7.31 6.26
CA ILE A 79 4.67 -6.55 7.10
C ILE A 79 3.26 -6.57 6.50
N LEU A 80 3.16 -6.41 5.19
CA LEU A 80 1.87 -6.42 4.50
C LEU A 80 1.14 -7.74 4.74
N SER A 81 1.88 -8.84 4.74
CA SER A 81 1.31 -10.16 4.96
C SER A 81 0.76 -10.29 6.39
N GLN A 82 1.42 -9.63 7.33
CA GLN A 82 0.99 -9.66 8.74
C GLN A 82 -0.38 -8.99 8.91
N GLN A 83 -0.70 -8.04 8.02
CA GLN A 83 -1.98 -7.34 8.09
C GLN A 83 -3.15 -8.29 7.83
N ARG A 84 -3.74 -8.82 8.90
CA ARG A 84 -4.85 -9.75 8.80
C ARG A 84 -6.20 -9.04 8.99
N GLY A 85 -7.22 -9.49 8.26
CA GLY A 85 -8.54 -8.88 8.36
C GLY A 85 -8.56 -7.43 7.92
N GLU A 86 -8.73 -6.53 8.89
CA GLU A 86 -8.76 -5.10 8.61
C GLU A 86 -7.35 -4.55 8.42
N ILE A 87 -7.17 -3.72 7.40
CA ILE A 87 -5.85 -3.13 7.12
C ILE A 87 -5.98 -1.65 6.77
N GLU A 88 -5.29 -0.81 7.53
CA GLU A 88 -5.29 0.63 7.31
C GLU A 88 -4.10 1.05 6.46
N PHE A 89 -4.36 1.68 5.32
CA PHE A 89 -3.28 2.12 4.43
C PHE A 89 -3.18 3.64 4.39
N GLU A 90 -1.97 4.15 4.61
CA GLU A 90 -1.72 5.59 4.60
C GLU A 90 -0.75 5.94 3.48
N VAL A 91 -1.23 6.71 2.50
CA VAL A 91 -0.40 7.12 1.36
C VAL A 91 -0.64 8.60 1.01
N VAL A 92 0.20 9.13 0.11
CA VAL A 92 0.09 10.51 -0.34
C VAL A 92 0.24 10.62 -1.85
N TYR A 93 -0.61 11.46 -2.48
CA TYR A 93 -0.57 11.65 -3.93
C TYR A 93 0.71 12.38 -4.35
N VAL A 94 1.51 11.71 -5.19
CA VAL A 94 2.76 12.29 -5.67
C VAL A 94 2.69 12.63 -7.15
N ALA A 95 2.98 13.88 -7.49
CA ALA A 95 2.94 14.34 -8.87
C ALA A 95 4.21 15.13 -9.22
N PRO A 9 -0.33 16.98 1.90
CA PRO A 9 -1.66 16.34 1.80
C PRO A 9 -1.60 14.85 2.09
N ILE A 10 -2.08 14.45 3.27
CA ILE A 10 -2.08 13.04 3.66
C ILE A 10 -3.50 12.47 3.67
N ARG A 11 -3.69 11.38 2.92
CA ARG A 11 -5.00 10.74 2.82
C ARG A 11 -4.97 9.35 3.46
N LYS A 12 -5.91 9.11 4.38
CA LYS A 12 -5.99 7.82 5.07
C LYS A 12 -7.16 7.00 4.55
N VAL A 13 -6.85 5.87 3.90
CA VAL A 13 -7.88 4.99 3.35
C VAL A 13 -7.76 3.58 3.95
N LEU A 14 -8.91 3.00 4.31
CA LEU A 14 -8.94 1.66 4.89
C LEU A 14 -9.29 0.62 3.83
N LEU A 15 -8.49 -0.45 3.78
CA LEU A 15 -8.70 -1.52 2.81
C LEU A 15 -9.04 -2.83 3.50
N LEU A 16 -10.00 -3.57 2.94
CA LEU A 16 -10.42 -4.84 3.50
C LEU A 16 -9.96 -6.01 2.62
N LYS A 17 -9.07 -6.83 3.17
CA LYS A 17 -8.53 -7.99 2.45
C LYS A 17 -8.81 -9.28 3.19
N GLU A 18 -9.18 -10.33 2.45
CA GLU A 18 -9.48 -11.64 3.03
C GLU A 18 -8.39 -12.64 2.67
N ASP A 19 -8.42 -13.80 3.34
CA ASP A 19 -7.44 -14.86 3.09
C ASP A 19 -7.49 -15.32 1.63
N HIS A 20 -8.68 -15.37 1.06
CA HIS A 20 -8.86 -15.79 -0.33
C HIS A 20 -8.40 -14.71 -1.31
N GLU A 21 -8.52 -13.44 -0.91
CA GLU A 21 -8.13 -12.32 -1.77
C GLU A 21 -6.70 -11.86 -1.49
N GLY A 22 -6.16 -11.04 -2.39
CA GLY A 22 -4.79 -10.54 -2.24
C GLY A 22 -4.72 -9.03 -2.21
N LEU A 23 -3.56 -8.48 -2.61
CA LEU A 23 -3.36 -7.04 -2.63
C LEU A 23 -4.18 -6.38 -3.74
N GLY A 24 -3.83 -6.68 -5.00
CA GLY A 24 -4.54 -6.12 -6.13
C GLY A 24 -3.90 -4.84 -6.68
N ILE A 25 -2.75 -4.45 -6.14
CA ILE A 25 -2.06 -3.25 -6.58
C ILE A 25 -0.55 -3.49 -6.67
N SER A 26 0.10 -2.85 -7.66
CA SER A 26 1.54 -2.99 -7.84
C SER A 26 2.29 -1.80 -7.26
N ILE A 27 3.43 -2.08 -6.61
CA ILE A 27 4.24 -1.03 -5.99
C ILE A 27 5.63 -0.93 -6.66
N THR A 28 6.24 0.25 -6.54
CA THR A 28 7.55 0.50 -7.14
C THR A 28 8.49 1.20 -6.15
N GLY A 29 9.80 1.01 -6.32
CA GLY A 29 10.78 1.63 -5.45
C GLY A 29 11.30 0.69 -4.37
N GLY A 30 11.74 1.25 -3.24
CA GLY A 30 12.24 0.43 -2.16
C GLY A 30 13.28 1.14 -1.31
N LYS A 31 13.18 0.96 0.02
CA LYS A 31 14.12 1.57 0.96
C LYS A 31 15.56 1.14 0.68
N GLU A 32 15.75 -0.12 0.30
CA GLU A 32 17.09 -0.64 0.00
C GLU A 32 17.71 0.11 -1.18
N HIS A 33 16.87 0.57 -2.11
CA HIS A 33 17.34 1.30 -3.27
C HIS A 33 17.60 2.78 -2.93
N GLY A 34 16.87 3.29 -1.93
CA GLY A 34 17.03 4.68 -1.53
C GLY A 34 15.86 5.56 -1.95
N VAL A 35 14.68 4.97 -2.13
CA VAL A 35 13.49 5.71 -2.53
C VAL A 35 12.23 5.09 -1.93
N PRO A 36 11.27 5.93 -1.48
CA PRO A 36 10.01 5.45 -0.88
C PRO A 36 9.20 4.62 -1.86
N ILE A 37 8.35 3.74 -1.32
CA ILE A 37 7.50 2.89 -2.15
C ILE A 37 6.23 3.61 -2.57
N LEU A 38 5.85 3.47 -3.85
CA LEU A 38 4.65 4.12 -4.37
C LEU A 38 3.88 3.17 -5.31
N ILE A 39 2.57 3.40 -5.42
CA ILE A 39 1.71 2.59 -6.28
C ILE A 39 1.77 3.08 -7.73
N SER A 40 2.24 2.21 -8.63
CA SER A 40 2.34 2.56 -10.05
C SER A 40 1.28 1.84 -10.89
N GLU A 41 0.87 0.64 -10.45
CA GLU A 41 -0.13 -0.13 -11.17
C GLU A 41 -1.32 -0.48 -10.30
N ILE A 42 -2.52 -0.49 -10.89
CA ILE A 42 -3.75 -0.81 -10.17
C ILE A 42 -4.53 -1.90 -10.91
N HIS A 43 -4.62 -3.09 -10.32
CA HIS A 43 -5.34 -4.20 -10.94
C HIS A 43 -6.83 -4.15 -10.58
N PRO A 44 -7.71 -4.27 -11.59
CA PRO A 44 -9.16 -4.25 -11.38
C PRO A 44 -9.69 -5.56 -10.79
N GLY A 45 -10.98 -5.57 -10.44
CA GLY A 45 -11.59 -6.75 -9.85
C GLY A 45 -10.97 -7.13 -8.52
N GLN A 46 -10.49 -6.12 -7.78
CA GLN A 46 -9.88 -6.34 -6.48
C GLN A 46 -10.35 -5.28 -5.48
N PRO A 47 -10.05 -5.47 -4.18
CA PRO A 47 -10.45 -4.53 -3.13
C PRO A 47 -10.01 -3.08 -3.43
N ALA A 48 -8.94 -2.94 -4.21
CA ALA A 48 -8.43 -1.62 -4.57
C ALA A 48 -9.49 -0.81 -5.33
N ASP A 49 -10.12 -1.46 -6.31
CA ASP A 49 -11.16 -0.80 -7.10
C ASP A 49 -12.39 -0.51 -6.25
N ARG A 50 -12.74 -1.47 -5.38
CA ARG A 50 -13.89 -1.32 -4.49
C ARG A 50 -13.76 -0.10 -3.59
N CYS A 51 -12.51 0.23 -3.21
CA CYS A 51 -12.26 1.39 -2.35
C CYS A 51 -12.26 2.69 -3.15
N GLY A 52 -11.89 2.63 -4.44
CA GLY A 52 -11.87 3.81 -5.28
C GLY A 52 -10.60 4.66 -5.08
N GLY A 53 -10.29 4.98 -3.83
CA GLY A 53 -9.11 5.78 -3.51
C GLY A 53 -7.82 5.23 -4.10
N LEU A 54 -7.78 3.92 -4.36
CA LEU A 54 -6.58 3.29 -4.92
C LEU A 54 -6.32 3.81 -6.34
N HIS A 55 -5.54 4.88 -6.42
CA HIS A 55 -5.21 5.50 -7.70
C HIS A 55 -3.72 5.38 -8.01
N VAL A 56 -3.37 5.47 -9.29
CA VAL A 56 -1.97 5.38 -9.71
C VAL A 56 -1.21 6.65 -9.32
N GLY A 57 0.01 6.48 -8.80
CA GLY A 57 0.82 7.62 -8.41
C GLY A 57 0.66 7.99 -6.94
N ASP A 58 0.57 6.96 -6.07
CA ASP A 58 0.40 7.19 -4.64
C ASP A 58 1.66 6.76 -3.87
N ALA A 59 2.10 7.59 -2.92
CA ALA A 59 3.29 7.27 -2.12
C ALA A 59 2.92 6.79 -0.73
N ILE A 60 3.40 5.59 -0.37
CA ILE A 60 3.11 5.00 0.95
C ILE A 60 4.01 5.60 2.03
N LEU A 61 3.50 5.63 3.27
CA LEU A 61 4.25 6.17 4.40
C LEU A 61 4.11 5.27 5.64
N ALA A 62 2.86 4.93 5.99
CA ALA A 62 2.61 4.07 7.15
C ALA A 62 1.42 3.13 6.90
N VAL A 63 1.49 1.92 7.47
CA VAL A 63 0.44 0.94 7.32
C VAL A 63 0.12 0.27 8.65
N ASN A 64 -1.11 0.48 9.13
CA ASN A 64 -1.56 -0.09 10.41
C ASN A 64 -0.64 0.35 11.54
N GLY A 65 -0.13 1.59 11.45
CA GLY A 65 0.76 2.10 12.49
C GLY A 65 2.24 1.84 12.20
N VAL A 66 2.52 0.87 11.32
CA VAL A 66 3.90 0.54 10.98
C VAL A 66 4.46 1.53 9.95
N ASN A 67 5.70 1.97 10.17
CA ASN A 67 6.35 2.92 9.26
C ASN A 67 6.92 2.21 8.03
N LEU A 68 6.72 2.82 6.86
CA LEU A 68 7.20 2.27 5.60
C LEU A 68 8.64 2.71 5.33
N ARG A 69 8.99 3.92 5.75
CA ARG A 69 10.34 4.46 5.55
C ARG A 69 11.38 3.69 6.38
N ASP A 70 10.95 3.11 7.50
CA ASP A 70 11.85 2.35 8.37
C ASP A 70 11.91 0.87 7.97
N THR A 71 11.32 0.52 6.82
CA THR A 71 11.32 -0.86 6.35
C THR A 71 11.69 -0.94 4.86
N LYS A 72 12.23 -2.09 4.45
CA LYS A 72 12.63 -2.29 3.06
C LYS A 72 11.44 -2.74 2.21
N HIS A 73 11.55 -2.59 0.89
CA HIS A 73 10.49 -2.98 -0.04
C HIS A 73 10.08 -4.43 0.20
N LYS A 74 11.06 -5.34 0.20
CA LYS A 74 10.80 -6.77 0.41
C LYS A 74 10.17 -7.01 1.78
N GLU A 75 10.68 -6.32 2.80
CA GLU A 75 10.16 -6.45 4.17
C GLU A 75 8.74 -5.89 4.27
N ALA A 76 8.48 -4.79 3.58
CA ALA A 76 7.17 -4.16 3.59
C ALA A 76 6.11 -5.07 2.99
N VAL A 77 6.50 -5.87 1.99
CA VAL A 77 5.57 -6.79 1.35
C VAL A 77 5.06 -7.82 2.36
N THR A 78 5.97 -8.33 3.17
CA THR A 78 5.62 -9.30 4.19
C THR A 78 4.70 -8.68 5.24
N ILE A 79 5.07 -7.49 5.72
CA ILE A 79 4.28 -6.79 6.73
C ILE A 79 2.87 -6.51 6.21
N LEU A 80 2.77 -5.95 5.01
CA LEU A 80 1.48 -5.65 4.40
C LEU A 80 0.60 -6.89 4.34
N SER A 81 1.21 -8.05 4.10
CA SER A 81 0.48 -9.32 4.03
C SER A 81 0.03 -9.80 5.42
N GLN A 82 0.69 -9.29 6.47
CA GLN A 82 0.35 -9.68 7.84
C GLN A 82 -0.96 -9.01 8.26
N GLN A 83 -1.24 -7.84 7.70
CA GLN A 83 -2.45 -7.10 8.00
C GLN A 83 -3.68 -7.83 7.45
N ARG A 84 -4.43 -8.46 8.36
CA ARG A 84 -5.63 -9.21 7.98
C ARG A 84 -6.90 -8.46 8.37
N GLY A 85 -7.96 -8.68 7.59
CA GLY A 85 -9.23 -8.02 7.85
C GLY A 85 -9.15 -6.51 7.71
N GLU A 86 -9.17 -5.81 8.84
CA GLU A 86 -9.09 -4.35 8.84
C GLU A 86 -7.64 -3.90 8.66
N ILE A 87 -7.36 -3.23 7.54
CA ILE A 87 -6.02 -2.75 7.25
C ILE A 87 -6.01 -1.24 7.04
N GLU A 88 -5.20 -0.54 7.84
CA GLU A 88 -5.09 0.91 7.74
C GLU A 88 -3.92 1.30 6.83
N PHE A 89 -4.21 2.04 5.77
CA PHE A 89 -3.18 2.47 4.82
C PHE A 89 -3.04 3.98 4.78
N GLU A 90 -1.80 4.47 4.91
CA GLU A 90 -1.52 5.89 4.88
C GLU A 90 -0.60 6.23 3.69
N VAL A 91 -1.12 7.00 2.75
CA VAL A 91 -0.35 7.39 1.56
C VAL A 91 -0.53 8.88 1.24
N VAL A 92 0.29 9.38 0.31
CA VAL A 92 0.23 10.78 -0.11
C VAL A 92 0.38 10.91 -1.63
N TYR A 93 -0.52 11.67 -2.25
CA TYR A 93 -0.49 11.88 -3.70
C TYR A 93 0.69 12.75 -4.10
N VAL A 94 1.53 12.23 -4.99
CA VAL A 94 2.70 12.97 -5.47
C VAL A 94 2.53 13.42 -6.91
N ALA A 95 3.01 14.63 -7.20
CA ALA A 95 2.92 15.19 -8.54
C ALA A 95 4.01 16.22 -8.79
N PRO A 9 -0.37 16.40 0.38
CA PRO A 9 -1.73 16.05 0.87
C PRO A 9 -1.75 14.68 1.55
N ILE A 10 -2.55 14.56 2.62
CA ILE A 10 -2.66 13.31 3.36
C ILE A 10 -3.93 12.53 2.97
N ARG A 11 -3.75 11.25 2.64
CA ARG A 11 -4.87 10.40 2.25
C ARG A 11 -4.95 9.15 3.14
N LYS A 12 -6.08 8.98 3.82
CA LYS A 12 -6.29 7.84 4.70
C LYS A 12 -7.34 6.89 4.12
N VAL A 13 -6.90 5.70 3.70
CA VAL A 13 -7.80 4.71 3.12
C VAL A 13 -7.56 3.33 3.73
N LEU A 14 -8.64 2.63 4.08
CA LEU A 14 -8.55 1.29 4.66
C LEU A 14 -8.77 0.23 3.59
N LEU A 15 -7.99 -0.85 3.67
CA LEU A 15 -8.09 -1.94 2.71
C LEU A 15 -8.70 -3.18 3.37
N LEU A 16 -9.84 -3.62 2.85
CA LEU A 16 -10.53 -4.80 3.38
C LEU A 16 -10.42 -5.96 2.41
N LYS A 17 -9.74 -7.02 2.83
CA LYS A 17 -9.56 -8.21 1.98
C LYS A 17 -9.64 -9.49 2.80
N GLU A 18 -10.05 -10.57 2.16
CA GLU A 18 -10.17 -11.88 2.80
C GLU A 18 -8.95 -12.74 2.51
N ASP A 19 -8.89 -13.90 3.18
CA ASP A 19 -7.78 -14.84 2.99
C ASP A 19 -7.67 -15.27 1.53
N HIS A 20 -8.82 -15.47 0.89
CA HIS A 20 -8.87 -15.88 -0.51
C HIS A 20 -8.48 -14.72 -1.44
N GLU A 21 -8.77 -13.49 -1.01
CA GLU A 21 -8.44 -12.31 -1.81
C GLU A 21 -6.95 -11.99 -1.75
N GLY A 22 -6.51 -11.08 -2.62
CA GLY A 22 -5.10 -10.69 -2.66
C GLY A 22 -4.88 -9.22 -2.33
N LEU A 23 -3.84 -8.64 -2.91
CA LEU A 23 -3.50 -7.23 -2.68
C LEU A 23 -4.42 -6.30 -3.48
N GLY A 24 -4.39 -6.43 -4.80
CA GLY A 24 -5.22 -5.59 -5.65
C GLY A 24 -4.47 -4.49 -6.36
N ILE A 25 -3.24 -4.21 -5.92
CA ILE A 25 -2.41 -3.17 -6.52
C ILE A 25 -0.93 -3.58 -6.55
N SER A 26 -0.14 -2.86 -7.34
CA SER A 26 1.28 -3.13 -7.45
C SER A 26 2.10 -1.90 -7.05
N ILE A 27 3.16 -2.12 -6.28
CA ILE A 27 4.02 -1.04 -5.82
C ILE A 27 5.45 -1.20 -6.34
N THR A 28 6.15 -0.07 -6.48
CA THR A 28 7.53 -0.08 -6.96
C THR A 28 8.39 0.91 -6.19
N GLY A 29 9.66 0.55 -5.99
CA GLY A 29 10.58 1.42 -5.26
C GLY A 29 11.67 0.63 -4.56
N GLY A 30 12.18 1.17 -3.45
CA GLY A 30 13.22 0.50 -2.70
C GLY A 30 13.95 1.41 -1.75
N LYS A 31 13.67 1.27 -0.45
CA LYS A 31 14.31 2.10 0.58
C LYS A 31 15.84 1.95 0.53
N GLU A 32 16.31 0.74 0.20
CA GLU A 32 17.75 0.48 0.11
C GLU A 32 18.41 1.36 -0.95
N HIS A 33 17.65 1.71 -2.00
CA HIS A 33 18.17 2.55 -3.07
C HIS A 33 18.08 4.03 -2.69
N GLY A 34 17.07 4.38 -1.90
CA GLY A 34 16.87 5.76 -1.49
C GLY A 34 15.62 6.38 -2.07
N VAL A 35 14.58 5.57 -2.28
CA VAL A 35 13.33 6.05 -2.84
C VAL A 35 12.13 5.39 -2.14
N PRO A 36 11.14 6.18 -1.70
CA PRO A 36 9.95 5.67 -1.02
C PRO A 36 9.14 4.74 -1.91
N ILE A 37 8.35 3.85 -1.29
CA ILE A 37 7.52 2.92 -2.04
C ILE A 37 6.20 3.56 -2.43
N LEU A 38 5.76 3.33 -3.67
CA LEU A 38 4.51 3.90 -4.16
C LEU A 38 3.81 2.95 -5.13
N ILE A 39 2.49 3.14 -5.29
CA ILE A 39 1.68 2.31 -6.18
C ILE A 39 1.66 2.89 -7.59
N SER A 40 2.03 2.05 -8.57
CA SER A 40 2.05 2.46 -9.96
C SER A 40 0.94 1.77 -10.77
N GLU A 41 0.62 0.53 -10.42
CA GLU A 41 -0.41 -0.23 -11.12
C GLU A 41 -1.50 -0.71 -10.16
N ILE A 42 -2.74 -0.77 -10.66
CA ILE A 42 -3.87 -1.22 -9.86
C ILE A 42 -4.62 -2.35 -10.57
N HIS A 43 -4.69 -3.52 -9.93
CA HIS A 43 -5.37 -4.68 -10.50
C HIS A 43 -6.89 -4.54 -10.33
N PRO A 44 -7.63 -4.40 -11.44
CA PRO A 44 -9.09 -4.25 -11.42
C PRO A 44 -9.78 -5.46 -10.78
N GLY A 45 -10.94 -5.21 -10.15
CA GLY A 45 -11.69 -6.27 -9.52
C GLY A 45 -11.08 -6.69 -8.18
N GLN A 46 -10.61 -5.72 -7.42
CA GLN A 46 -10.00 -5.98 -6.12
C GLN A 46 -10.36 -4.85 -5.13
N PRO A 47 -10.00 -5.00 -3.84
CA PRO A 47 -10.28 -4.00 -2.81
C PRO A 47 -9.81 -2.60 -3.22
N ALA A 48 -8.71 -2.52 -3.98
CA ALA A 48 -8.18 -1.25 -4.44
C ALA A 48 -9.17 -0.51 -5.32
N ASP A 49 -9.76 -1.24 -6.28
CA ASP A 49 -10.75 -0.66 -7.19
C ASP A 49 -11.99 -0.20 -6.43
N ARG A 50 -12.43 -1.03 -5.47
CA ARG A 50 -13.60 -0.72 -4.67
C ARG A 50 -13.33 0.45 -3.71
N CYS A 51 -12.08 0.61 -3.29
CA CYS A 51 -11.72 1.69 -2.38
C CYS A 51 -11.77 3.06 -3.07
N GLY A 52 -11.55 3.07 -4.38
CA GLY A 52 -11.59 4.33 -5.12
C GLY A 52 -10.32 5.16 -4.95
N GLY A 53 -9.99 5.50 -3.70
CA GLY A 53 -8.80 6.28 -3.41
C GLY A 53 -7.52 5.68 -3.99
N LEU A 54 -7.51 4.36 -4.20
CA LEU A 54 -6.34 3.68 -4.75
C LEU A 54 -6.08 4.14 -6.19
N HIS A 55 -5.27 5.20 -6.33
CA HIS A 55 -4.94 5.76 -7.62
C HIS A 55 -3.45 5.61 -7.93
N VAL A 56 -3.11 5.66 -9.22
CA VAL A 56 -1.72 5.54 -9.65
C VAL A 56 -0.90 6.74 -9.12
N GLY A 57 0.25 6.45 -8.52
CA GLY A 57 1.10 7.51 -7.99
C GLY A 57 0.82 7.80 -6.52
N ASP A 58 0.61 6.74 -5.74
CA ASP A 58 0.36 6.86 -4.30
C ASP A 58 1.54 6.33 -3.50
N ALA A 59 2.16 7.21 -2.70
CA ALA A 59 3.33 6.82 -1.90
C ALA A 59 2.92 6.39 -0.49
N ILE A 60 3.42 5.22 -0.07
CA ILE A 60 3.12 4.68 1.26
C ILE A 60 4.02 5.32 2.33
N LEU A 61 3.49 5.40 3.55
CA LEU A 61 4.23 5.96 4.68
C LEU A 61 4.06 5.11 5.94
N ALA A 62 2.81 4.80 6.29
CA ALA A 62 2.53 3.99 7.47
C ALA A 62 1.39 3.00 7.22
N VAL A 63 1.46 1.84 7.86
CA VAL A 63 0.45 0.80 7.70
C VAL A 63 -0.02 0.31 9.06
N ASN A 64 -1.30 0.55 9.38
CA ASN A 64 -1.88 0.13 10.65
C ASN A 64 -1.06 0.68 11.84
N GLY A 65 -0.48 1.87 11.65
CA GLY A 65 0.33 2.48 12.70
C GLY A 65 1.82 2.14 12.58
N VAL A 66 2.16 1.11 11.80
CA VAL A 66 3.55 0.69 11.63
C VAL A 66 4.23 1.52 10.54
N ASN A 67 5.48 1.91 10.79
CA ASN A 67 6.24 2.72 9.83
C ASN A 67 6.73 1.87 8.67
N LEU A 68 6.51 2.37 7.44
CA LEU A 68 6.94 1.66 6.24
C LEU A 68 8.12 2.37 5.57
N ARG A 69 8.30 3.67 5.84
CA ARG A 69 9.39 4.44 5.25
C ARG A 69 10.76 3.87 5.66
N ASP A 70 10.82 3.24 6.84
CA ASP A 70 12.07 2.66 7.35
C ASP A 70 12.19 1.17 7.01
N THR A 71 11.33 0.67 6.13
CA THR A 71 11.35 -0.73 5.74
C THR A 71 11.76 -0.87 4.27
N LYS A 72 12.17 -2.08 3.87
CA LYS A 72 12.58 -2.34 2.50
C LYS A 72 11.39 -2.77 1.64
N HIS A 73 11.55 -2.68 0.32
CA HIS A 73 10.49 -3.05 -0.62
C HIS A 73 10.01 -4.48 -0.36
N LYS A 74 10.95 -5.42 -0.28
CA LYS A 74 10.61 -6.82 -0.02
C LYS A 74 10.07 -7.01 1.39
N GLU A 75 10.73 -6.36 2.37
CA GLU A 75 10.31 -6.45 3.76
C GLU A 75 8.90 -5.89 3.95
N ALA A 76 8.60 -4.80 3.24
CA ALA A 76 7.29 -4.16 3.33
C ALA A 76 6.18 -5.09 2.84
N VAL A 77 6.51 -5.97 1.88
CA VAL A 77 5.53 -6.91 1.34
C VAL A 77 5.02 -7.85 2.44
N THR A 78 5.94 -8.31 3.29
CA THR A 78 5.59 -9.19 4.39
C THR A 78 4.78 -8.44 5.46
N ILE A 79 5.17 -7.19 5.72
CA ILE A 79 4.47 -6.38 6.71
C ILE A 79 3.04 -6.07 6.27
N LEU A 80 2.88 -5.62 5.02
CA LEU A 80 1.55 -5.30 4.50
C LEU A 80 0.66 -6.55 4.46
N SER A 81 1.26 -7.70 4.14
CA SER A 81 0.52 -8.95 4.08
C SER A 81 0.19 -9.50 5.47
N GLN A 82 0.85 -8.99 6.51
CA GLN A 82 0.60 -9.43 7.89
C GLN A 82 -0.75 -8.93 8.38
N GLN A 83 -1.17 -7.78 7.87
CA GLN A 83 -2.45 -7.18 8.25
C GLN A 83 -3.61 -8.02 7.74
N ARG A 84 -4.40 -8.56 8.67
CA ARG A 84 -5.55 -9.40 8.33
C ARG A 84 -6.87 -8.67 8.56
N GLY A 85 -7.86 -8.97 7.73
CA GLY A 85 -9.17 -8.35 7.86
C GLY A 85 -9.12 -6.86 7.66
N GLU A 86 -9.10 -6.11 8.77
CA GLU A 86 -9.03 -4.66 8.71
C GLU A 86 -7.60 -4.19 8.51
N ILE A 87 -7.33 -3.57 7.37
CA ILE A 87 -6.00 -3.08 7.06
C ILE A 87 -6.00 -1.56 6.86
N GLU A 88 -5.19 -0.87 7.64
CA GLU A 88 -5.09 0.59 7.54
C GLU A 88 -3.85 0.98 6.77
N PHE A 89 -4.03 1.73 5.69
CA PHE A 89 -2.91 2.17 4.87
C PHE A 89 -2.87 3.69 4.77
N GLU A 90 -1.71 4.27 5.05
CA GLU A 90 -1.54 5.72 4.97
C GLU A 90 -0.62 6.07 3.82
N VAL A 91 -1.17 6.77 2.83
CA VAL A 91 -0.41 7.16 1.64
C VAL A 91 -0.66 8.62 1.27
N VAL A 92 0.15 9.15 0.34
CA VAL A 92 0.02 10.52 -0.11
C VAL A 92 0.24 10.62 -1.62
N TYR A 93 -0.55 11.48 -2.27
CA TYR A 93 -0.44 11.67 -3.73
C TYR A 93 0.90 12.30 -4.09
N VAL A 94 1.72 11.56 -4.84
CA VAL A 94 3.03 12.04 -5.26
C VAL A 94 3.04 12.44 -6.73
N ALA A 95 3.72 13.55 -7.04
CA ALA A 95 3.82 14.05 -8.40
C ALA A 95 4.89 15.14 -8.51
N PRO A 9 -0.22 16.41 1.81
CA PRO A 9 -1.38 15.82 1.07
C PRO A 9 -1.53 14.32 1.34
N ILE A 10 -1.60 13.95 2.62
CA ILE A 10 -1.75 12.55 3.01
C ILE A 10 -3.22 12.18 3.19
N ARG A 11 -3.61 11.01 2.67
CA ARG A 11 -4.99 10.53 2.77
C ARG A 11 -5.05 9.16 3.45
N LYS A 12 -6.14 8.92 4.17
CA LYS A 12 -6.33 7.64 4.87
C LYS A 12 -7.27 6.73 4.09
N VAL A 13 -6.77 5.57 3.68
CA VAL A 13 -7.58 4.62 2.92
C VAL A 13 -7.64 3.26 3.62
N LEU A 14 -8.86 2.74 3.79
CA LEU A 14 -9.08 1.45 4.45
C LEU A 14 -9.34 0.36 3.40
N LEU A 15 -8.48 -0.66 3.39
CA LEU A 15 -8.62 -1.77 2.45
C LEU A 15 -9.07 -3.04 3.15
N LEU A 16 -10.22 -3.57 2.72
CA LEU A 16 -10.78 -4.79 3.31
C LEU A 16 -10.64 -5.96 2.33
N LYS A 17 -9.85 -6.96 2.71
CA LYS A 17 -9.64 -8.14 1.88
C LYS A 17 -9.67 -9.42 2.70
N GLU A 18 -10.15 -10.50 2.09
CA GLU A 18 -10.25 -11.80 2.76
C GLU A 18 -8.94 -12.58 2.63
N ASP A 19 -8.85 -13.70 3.33
CA ASP A 19 -7.65 -14.55 3.29
C ASP A 19 -7.37 -15.02 1.86
N HIS A 20 -8.43 -15.33 1.12
CA HIS A 20 -8.29 -15.80 -0.26
C HIS A 20 -7.92 -14.63 -1.20
N GLU A 21 -8.36 -13.42 -0.84
CA GLU A 21 -8.09 -12.23 -1.64
C GLU A 21 -6.61 -11.86 -1.61
N GLY A 22 -6.15 -11.17 -2.65
CA GLY A 22 -4.75 -10.77 -2.74
C GLY A 22 -4.54 -9.30 -2.40
N LEU A 23 -3.43 -8.74 -2.87
CA LEU A 23 -3.09 -7.33 -2.62
C LEU A 23 -4.06 -6.39 -3.32
N GLY A 24 -4.09 -6.45 -4.66
CA GLY A 24 -4.98 -5.59 -5.43
C GLY A 24 -4.25 -4.46 -6.15
N ILE A 25 -3.06 -4.12 -5.68
CA ILE A 25 -2.26 -3.04 -6.28
C ILE A 25 -0.78 -3.41 -6.34
N SER A 26 -0.07 -2.85 -7.33
CA SER A 26 1.36 -3.11 -7.50
C SER A 26 2.18 -1.91 -7.05
N ILE A 27 3.28 -2.18 -6.34
CA ILE A 27 4.17 -1.12 -5.84
C ILE A 27 5.58 -1.27 -6.41
N THR A 28 6.33 -0.17 -6.39
CA THR A 28 7.70 -0.17 -6.89
C THR A 28 8.60 0.76 -6.06
N GLY A 29 9.88 0.42 -5.99
CA GLY A 29 10.83 1.22 -5.23
C GLY A 29 11.51 0.43 -4.12
N GLY A 30 12.06 1.13 -3.13
CA GLY A 30 12.73 0.47 -2.03
C GLY A 30 13.65 1.40 -1.24
N LYS A 31 13.41 1.50 0.06
CA LYS A 31 14.22 2.36 0.92
C LYS A 31 15.70 2.01 0.84
N GLU A 32 16.00 0.70 0.75
CA GLU A 32 17.38 0.23 0.66
C GLU A 32 18.01 0.65 -0.68
N HIS A 33 17.19 0.75 -1.72
CA HIS A 33 17.66 1.14 -3.05
C HIS A 33 17.89 2.66 -3.12
N GLY A 34 17.11 3.42 -2.34
CA GLY A 34 17.25 4.86 -2.32
C GLY A 34 16.03 5.58 -2.86
N VAL A 35 14.88 4.91 -2.84
CA VAL A 35 13.63 5.51 -3.32
C VAL A 35 12.42 4.94 -2.57
N PRO A 36 11.53 5.81 -2.06
CA PRO A 36 10.33 5.38 -1.34
C PRO A 36 9.40 4.53 -2.20
N ILE A 37 8.61 3.66 -1.55
CA ILE A 37 7.68 2.80 -2.26
C ILE A 37 6.38 3.54 -2.58
N LEU A 38 5.87 3.36 -3.80
CA LEU A 38 4.65 4.03 -4.22
C LEU A 38 3.77 3.12 -5.08
N ILE A 39 2.50 3.50 -5.23
CA ILE A 39 1.55 2.73 -6.04
C ILE A 39 1.60 3.18 -7.49
N SER A 40 1.82 2.23 -8.39
CA SER A 40 1.89 2.50 -9.83
C SER A 40 0.78 1.79 -10.59
N GLU A 41 0.59 0.50 -10.29
CA GLU A 41 -0.42 -0.30 -10.95
C GLU A 41 -1.54 -0.68 -9.98
N ILE A 42 -2.77 -0.76 -10.51
CA ILE A 42 -3.93 -1.12 -9.70
C ILE A 42 -4.75 -2.20 -10.39
N HIS A 43 -4.78 -3.40 -9.78
CA HIS A 43 -5.54 -4.52 -10.34
C HIS A 43 -7.04 -4.28 -10.23
N PRO A 44 -7.76 -4.35 -11.37
CA PRO A 44 -9.21 -4.13 -11.40
C PRO A 44 -9.99 -5.27 -10.76
N GLY A 45 -11.12 -4.93 -10.14
CA GLY A 45 -11.95 -5.93 -9.49
C GLY A 45 -11.39 -6.37 -8.15
N GLN A 46 -10.88 -5.40 -7.38
CA GLN A 46 -10.31 -5.68 -6.07
C GLN A 46 -10.71 -4.59 -5.07
N PRO A 47 -10.38 -4.76 -3.78
CA PRO A 47 -10.71 -3.78 -2.73
C PRO A 47 -10.23 -2.37 -3.10
N ALA A 48 -9.13 -2.28 -3.84
CA ALA A 48 -8.58 -0.99 -4.25
C ALA A 48 -9.61 -0.18 -5.04
N ASP A 49 -10.28 -0.84 -6.00
CA ASP A 49 -11.29 -0.18 -6.82
C ASP A 49 -12.54 0.13 -5.99
N ARG A 50 -12.95 -0.84 -5.17
CA ARG A 50 -14.13 -0.66 -4.32
C ARG A 50 -13.97 0.52 -3.37
N CYS A 51 -12.73 0.82 -2.97
CA CYS A 51 -12.46 1.94 -2.07
C CYS A 51 -12.44 3.27 -2.82
N GLY A 52 -12.10 3.23 -4.11
CA GLY A 52 -12.04 4.45 -4.90
C GLY A 52 -10.97 5.43 -4.42
N GLY A 53 -10.01 4.93 -3.63
CA GLY A 53 -8.94 5.77 -3.11
C GLY A 53 -7.57 5.39 -3.66
N LEU A 54 -7.38 4.10 -3.95
CA LEU A 54 -6.10 3.62 -4.48
C LEU A 54 -5.88 4.12 -5.91
N HIS A 55 -5.28 5.30 -6.03
CA HIS A 55 -5.00 5.90 -7.34
C HIS A 55 -3.52 5.80 -7.69
N VAL A 56 -3.22 5.86 -8.98
CA VAL A 56 -1.83 5.78 -9.45
C VAL A 56 -1.03 6.99 -8.96
N GLY A 57 0.17 6.73 -8.46
CA GLY A 57 1.02 7.80 -7.97
C GLY A 57 0.81 8.08 -6.49
N ASP A 58 0.75 7.00 -5.69
CA ASP A 58 0.55 7.13 -4.25
C ASP A 58 1.80 6.71 -3.49
N ALA A 59 2.33 7.61 -2.66
CA ALA A 59 3.54 7.31 -1.88
C ALA A 59 3.18 6.74 -0.51
N ILE A 60 3.66 5.53 -0.24
CA ILE A 60 3.40 4.87 1.04
C ILE A 60 4.20 5.48 2.19
N LEU A 61 3.60 5.51 3.38
CA LEU A 61 4.26 6.06 4.56
C LEU A 61 4.02 5.17 5.79
N ALA A 62 2.75 4.86 6.07
CA ALA A 62 2.41 4.02 7.22
C ALA A 62 1.39 2.94 6.84
N VAL A 63 1.50 1.78 7.48
CA VAL A 63 0.60 0.67 7.22
C VAL A 63 0.10 0.08 8.55
N ASN A 64 -1.21 0.17 8.77
CA ASN A 64 -1.84 -0.34 9.99
C ASN A 64 -1.23 0.35 11.23
N GLY A 65 -0.88 1.63 11.08
CA GLY A 65 -0.29 2.37 12.20
C GLY A 65 1.23 2.27 12.26
N VAL A 66 1.81 1.27 11.59
CA VAL A 66 3.26 1.07 11.59
C VAL A 66 3.92 1.87 10.46
N ASN A 67 4.96 2.62 10.79
CA ASN A 67 5.67 3.42 9.80
C ASN A 67 6.55 2.55 8.91
N LEU A 68 6.60 2.87 7.62
CA LEU A 68 7.39 2.13 6.65
C LEU A 68 8.53 2.98 6.07
N ARG A 69 8.84 4.10 6.74
CA ARG A 69 9.90 4.99 6.29
C ARG A 69 11.28 4.37 6.50
N ASP A 70 11.43 3.60 7.58
CA ASP A 70 12.71 2.95 7.89
C ASP A 70 12.69 1.47 7.49
N THR A 71 11.68 1.06 6.73
CA THR A 71 11.56 -0.33 6.29
C THR A 71 11.98 -0.50 4.83
N LYS A 72 12.41 -1.70 4.47
CA LYS A 72 12.85 -2.00 3.10
C LYS A 72 11.68 -2.50 2.25
N HIS A 73 11.85 -2.43 0.93
CA HIS A 73 10.82 -2.88 -0.02
C HIS A 73 10.40 -4.33 0.28
N LYS A 74 11.38 -5.23 0.36
CA LYS A 74 11.13 -6.64 0.63
C LYS A 74 10.47 -6.81 2.01
N GLU A 75 10.91 -6.01 2.98
CA GLU A 75 10.36 -6.07 4.32
C GLU A 75 8.89 -5.64 4.34
N ALA A 76 8.58 -4.60 3.57
CA ALA A 76 7.22 -4.10 3.49
C ALA A 76 6.26 -5.14 2.90
N VAL A 77 6.76 -5.94 1.96
CA VAL A 77 5.95 -6.99 1.34
C VAL A 77 5.47 -8.00 2.37
N THR A 78 6.38 -8.41 3.26
CA THR A 78 6.06 -9.36 4.31
C THR A 78 5.14 -8.75 5.35
N ILE A 79 5.44 -7.52 5.77
CA ILE A 79 4.63 -6.82 6.77
C ILE A 79 3.21 -6.57 6.26
N LEU A 80 3.08 -6.05 5.04
CA LEU A 80 1.77 -5.77 4.45
C LEU A 80 0.97 -7.06 4.26
N SER A 81 1.68 -8.16 3.96
CA SER A 81 1.02 -9.45 3.75
C SER A 81 0.41 -9.98 5.05
N GLN A 82 1.02 -9.62 6.19
CA GLN A 82 0.53 -10.05 7.50
C GLN A 82 -0.84 -9.44 7.80
N GLN A 83 -1.10 -8.25 7.24
CA GLN A 83 -2.38 -7.57 7.45
C GLN A 83 -3.53 -8.41 6.93
N ARG A 84 -4.40 -8.84 7.84
CA ARG A 84 -5.55 -9.67 7.47
C ARG A 84 -6.87 -8.92 7.75
N GLY A 85 -7.85 -9.13 6.87
CA GLY A 85 -9.15 -8.49 7.04
C GLY A 85 -9.05 -6.97 7.00
N GLU A 86 -9.07 -6.34 8.17
CA GLU A 86 -8.97 -4.89 8.27
C GLU A 86 -7.53 -4.44 8.07
N ILE A 87 -7.31 -3.62 7.06
CA ILE A 87 -5.97 -3.11 6.75
C ILE A 87 -5.98 -1.60 6.58
N GLU A 88 -5.18 -0.91 7.39
CA GLU A 88 -5.08 0.55 7.32
C GLU A 88 -3.91 0.96 6.43
N PHE A 89 -4.18 1.81 5.44
CA PHE A 89 -3.15 2.27 4.53
C PHE A 89 -3.06 3.80 4.50
N GLU A 90 -1.84 4.31 4.68
CA GLU A 90 -1.60 5.75 4.66
C GLU A 90 -0.63 6.11 3.55
N VAL A 91 -1.12 6.89 2.57
CA VAL A 91 -0.28 7.29 1.44
C VAL A 91 -0.51 8.76 1.07
N VAL A 92 0.36 9.28 0.20
CA VAL A 92 0.27 10.67 -0.25
C VAL A 92 0.33 10.75 -1.78
N TYR A 93 -0.51 11.61 -2.37
CA TYR A 93 -0.55 11.79 -3.82
C TYR A 93 0.76 12.37 -4.34
N VAL A 94 1.39 11.66 -5.28
CA VAL A 94 2.66 12.09 -5.86
C VAL A 94 2.58 12.16 -7.39
N ALA A 95 3.03 13.29 -7.94
CA ALA A 95 3.02 13.50 -9.39
C ALA A 95 1.61 13.69 -9.93
N PRO A 9 -0.70 16.00 -0.18
CA PRO A 9 -1.87 15.76 0.72
C PRO A 9 -1.87 14.33 1.30
N ILE A 10 -1.83 14.23 2.63
CA ILE A 10 -1.83 12.93 3.29
C ILE A 10 -3.24 12.34 3.34
N ARG A 11 -3.43 11.20 2.66
CA ARG A 11 -4.73 10.53 2.63
C ARG A 11 -4.62 9.10 3.14
N LYS A 12 -5.46 8.76 4.11
CA LYS A 12 -5.47 7.42 4.69
C LYS A 12 -6.77 6.69 4.35
N VAL A 13 -6.65 5.62 3.57
CA VAL A 13 -7.81 4.83 3.16
C VAL A 13 -7.77 3.45 3.81
N LEU A 14 -8.95 2.93 4.16
CA LEU A 14 -9.07 1.61 4.78
C LEU A 14 -9.40 0.55 3.74
N LEU A 15 -8.55 -0.46 3.64
CA LEU A 15 -8.75 -1.54 2.67
C LEU A 15 -9.14 -2.84 3.38
N LEU A 16 -10.29 -3.39 2.99
CA LEU A 16 -10.78 -4.64 3.57
C LEU A 16 -10.65 -5.80 2.58
N LYS A 17 -9.81 -6.77 2.92
CA LYS A 17 -9.59 -7.93 2.06
C LYS A 17 -9.73 -9.23 2.86
N GLU A 18 -10.37 -10.22 2.25
CA GLU A 18 -10.57 -11.52 2.90
C GLU A 18 -9.31 -12.38 2.81
N ASP A 19 -9.25 -13.43 3.62
CA ASP A 19 -8.10 -14.34 3.63
C ASP A 19 -7.87 -14.94 2.25
N HIS A 20 -8.95 -15.26 1.54
CA HIS A 20 -8.87 -15.82 0.20
C HIS A 20 -8.53 -14.74 -0.83
N GLU A 21 -8.95 -13.50 -0.56
CA GLU A 21 -8.68 -12.38 -1.46
C GLU A 21 -7.25 -11.88 -1.33
N GLY A 22 -6.88 -10.91 -2.18
CA GLY A 22 -5.53 -10.35 -2.14
C GLY A 22 -5.51 -8.83 -2.16
N LEU A 23 -4.50 -8.26 -2.84
CA LEU A 23 -4.35 -6.80 -2.93
C LEU A 23 -5.02 -6.26 -4.21
N GLY A 24 -4.45 -6.61 -5.36
CA GLY A 24 -4.99 -6.14 -6.63
C GLY A 24 -4.22 -4.99 -7.24
N ILE A 25 -3.11 -4.59 -6.62
CA ILE A 25 -2.29 -3.49 -7.13
C ILE A 25 -0.81 -3.82 -7.06
N SER A 26 -0.01 -3.13 -7.88
CA SER A 26 1.44 -3.35 -7.92
C SER A 26 2.18 -2.11 -7.40
N ILE A 27 3.20 -2.34 -6.58
CA ILE A 27 4.00 -1.25 -6.01
C ILE A 27 5.45 -1.34 -6.45
N THR A 28 6.16 -0.20 -6.40
CA THR A 28 7.56 -0.14 -6.80
C THR A 28 8.36 0.81 -5.90
N GLY A 29 9.66 0.57 -5.79
CA GLY A 29 10.52 1.40 -4.97
C GLY A 29 11.49 0.59 -4.12
N GLY A 30 12.13 1.23 -3.15
CA GLY A 30 13.06 0.54 -2.27
C GLY A 30 13.82 1.49 -1.35
N LYS A 31 13.71 1.26 -0.04
CA LYS A 31 14.40 2.09 0.95
C LYS A 31 15.92 2.06 0.75
N GLU A 32 16.43 0.88 0.38
CA GLU A 32 17.86 0.70 0.14
C GLU A 32 18.35 1.64 -0.97
N HIS A 33 17.46 1.93 -1.93
CA HIS A 33 17.80 2.83 -3.04
C HIS A 33 17.72 4.30 -2.61
N GLY A 34 16.86 4.58 -1.63
CA GLY A 34 16.69 5.94 -1.15
C GLY A 34 15.40 6.58 -1.63
N VAL A 35 14.36 5.77 -1.84
CA VAL A 35 13.07 6.27 -2.29
C VAL A 35 11.91 5.45 -1.70
N PRO A 36 10.88 6.12 -1.16
CA PRO A 36 9.71 5.44 -0.57
C PRO A 36 8.97 4.58 -1.60
N ILE A 37 8.22 3.59 -1.11
CA ILE A 37 7.47 2.70 -2.00
C ILE A 37 6.14 3.36 -2.40
N LEU A 38 5.82 3.27 -3.69
CA LEU A 38 4.58 3.86 -4.20
C LEU A 38 3.89 2.93 -5.22
N ILE A 39 2.57 3.10 -5.36
CA ILE A 39 1.79 2.29 -6.29
C ILE A 39 1.93 2.80 -7.72
N SER A 40 2.32 1.91 -8.62
CA SER A 40 2.50 2.27 -10.03
C SER A 40 1.30 1.81 -10.89
N GLU A 41 0.82 0.60 -10.64
CA GLU A 41 -0.31 0.05 -11.41
C GLU A 41 -1.43 -0.45 -10.49
N ILE A 42 -2.66 -0.39 -10.99
CA ILE A 42 -3.83 -0.83 -10.25
C ILE A 42 -4.73 -1.71 -11.12
N HIS A 43 -4.98 -2.94 -10.67
CA HIS A 43 -5.82 -3.87 -11.43
C HIS A 43 -7.31 -3.61 -11.16
N PRO A 44 -8.12 -3.53 -12.24
CA PRO A 44 -9.56 -3.28 -12.13
C PRO A 44 -10.33 -4.49 -11.61
N GLY A 45 -11.42 -4.23 -10.87
CA GLY A 45 -12.23 -5.30 -10.32
C GLY A 45 -11.57 -5.99 -9.15
N GLN A 46 -10.89 -5.21 -8.31
CA GLN A 46 -10.21 -5.73 -7.13
C GLN A 46 -10.51 -4.86 -5.90
N PRO A 47 -10.09 -5.29 -4.70
CA PRO A 47 -10.33 -4.54 -3.46
C PRO A 47 -9.90 -3.07 -3.56
N ALA A 48 -8.85 -2.81 -4.35
CA ALA A 48 -8.35 -1.45 -4.54
C ALA A 48 -9.37 -0.58 -5.27
N ASP A 49 -9.95 -1.12 -6.35
CA ASP A 49 -10.94 -0.40 -7.13
C ASP A 49 -12.25 -0.25 -6.34
N ARG A 50 -12.63 -1.32 -5.62
CA ARG A 50 -13.84 -1.30 -4.81
C ARG A 50 -13.80 -0.20 -3.75
N CYS A 51 -12.60 0.11 -3.25
CA CYS A 51 -12.44 1.14 -2.22
C CYS A 51 -12.53 2.54 -2.82
N GLY A 52 -12.17 2.68 -4.10
CA GLY A 52 -12.23 3.99 -4.75
C GLY A 52 -11.21 4.98 -4.20
N GLY A 53 -10.21 4.47 -3.48
CA GLY A 53 -9.18 5.34 -2.90
C GLY A 53 -7.81 5.10 -3.51
N LEU A 54 -7.50 3.86 -3.85
CA LEU A 54 -6.22 3.52 -4.43
C LEU A 54 -6.09 4.09 -5.84
N HIS A 55 -5.29 5.15 -5.98
CA HIS A 55 -5.08 5.81 -7.26
C HIS A 55 -3.65 5.61 -7.75
N VAL A 56 -3.45 5.74 -9.06
CA VAL A 56 -2.12 5.58 -9.66
C VAL A 56 -1.16 6.65 -9.13
N GLY A 57 0.07 6.24 -8.84
CA GLY A 57 1.06 7.18 -8.33
C GLY A 57 0.81 7.58 -6.87
N ASP A 58 0.67 6.57 -6.01
CA ASP A 58 0.42 6.81 -4.59
C ASP A 58 1.63 6.38 -3.75
N ALA A 59 2.21 7.32 -3.01
CA ALA A 59 3.38 7.02 -2.18
C ALA A 59 2.98 6.60 -0.77
N ILE A 60 3.49 5.45 -0.33
CA ILE A 60 3.20 4.91 0.99
C ILE A 60 4.15 5.46 2.06
N LEU A 61 3.64 5.57 3.30
CA LEU A 61 4.44 6.07 4.42
C LEU A 61 4.24 5.18 5.65
N ALA A 62 2.98 4.93 6.01
CA ALA A 62 2.66 4.11 7.18
C ALA A 62 1.52 3.12 6.86
N VAL A 63 1.60 1.94 7.47
CA VAL A 63 0.59 0.90 7.28
C VAL A 63 0.19 0.27 8.61
N ASN A 64 -1.07 0.45 9.00
CA ASN A 64 -1.59 -0.08 10.26
C ASN A 64 -0.76 0.42 11.44
N GLY A 65 -0.32 1.68 11.36
CA GLY A 65 0.48 2.27 12.42
C GLY A 65 1.97 1.96 12.30
N VAL A 66 2.33 0.98 11.45
CA VAL A 66 3.73 0.61 11.24
C VAL A 66 4.40 1.53 10.22
N ASN A 67 5.62 1.95 10.53
CA ASN A 67 6.38 2.83 9.66
C ASN A 67 6.96 2.07 8.47
N LEU A 68 6.88 2.67 7.28
CA LEU A 68 7.41 2.05 6.06
C LEU A 68 8.58 2.86 5.48
N ARG A 69 8.91 3.99 6.11
CA ARG A 69 10.00 4.85 5.64
C ARG A 69 11.38 4.20 5.88
N ASP A 70 11.51 3.45 6.98
CA ASP A 70 12.78 2.79 7.31
C ASP A 70 12.73 1.28 7.01
N THR A 71 11.70 0.83 6.29
CA THR A 71 11.56 -0.59 5.96
C THR A 71 11.96 -0.85 4.51
N LYS A 72 12.67 -1.94 4.27
CA LYS A 72 13.10 -2.31 2.92
C LYS A 72 11.93 -2.84 2.10
N HIS A 73 12.08 -2.84 0.78
CA HIS A 73 11.02 -3.32 -0.12
C HIS A 73 10.58 -4.74 0.26
N LYS A 74 11.55 -5.64 0.44
CA LYS A 74 11.27 -7.02 0.82
C LYS A 74 10.59 -7.08 2.20
N GLU A 75 11.09 -6.26 3.12
CA GLU A 75 10.54 -6.20 4.48
C GLU A 75 9.08 -5.73 4.46
N ALA A 76 8.79 -4.75 3.60
CA ALA A 76 7.44 -4.20 3.49
C ALA A 76 6.44 -5.25 3.01
N VAL A 77 6.90 -6.16 2.14
CA VAL A 77 6.04 -7.22 1.62
C VAL A 77 5.57 -8.11 2.76
N THR A 78 6.49 -8.45 3.67
CA THR A 78 6.16 -9.29 4.81
C THR A 78 5.16 -8.60 5.73
N ILE A 79 5.38 -7.31 5.99
CA ILE A 79 4.47 -6.53 6.84
C ILE A 79 3.07 -6.45 6.23
N LEU A 80 3.02 -6.25 4.91
CA LEU A 80 1.74 -6.16 4.21
C LEU A 80 0.92 -7.44 4.40
N SER A 81 1.59 -8.59 4.32
CA SER A 81 0.94 -9.89 4.48
C SER A 81 0.48 -10.10 5.93
N GLN A 82 1.16 -9.46 6.89
CA GLN A 82 0.81 -9.58 8.30
C GLN A 82 -0.57 -8.98 8.58
N GLN A 83 -0.96 -7.99 7.77
CA GLN A 83 -2.26 -7.33 7.94
C GLN A 83 -3.41 -8.30 7.61
N ARG A 84 -4.24 -8.57 8.61
CA ARG A 84 -5.38 -9.48 8.45
C ARG A 84 -6.71 -8.74 8.62
N GLY A 85 -7.71 -9.13 7.82
CA GLY A 85 -9.02 -8.51 7.90
C GLY A 85 -8.99 -7.02 7.63
N GLU A 86 -9.15 -6.22 8.69
CA GLU A 86 -9.13 -4.77 8.57
C GLU A 86 -7.70 -4.26 8.48
N ILE A 87 -7.39 -3.54 7.41
CA ILE A 87 -6.06 -3.00 7.21
C ILE A 87 -6.08 -1.51 6.93
N GLU A 88 -5.37 -0.74 7.75
CA GLU A 88 -5.30 0.71 7.60
C GLU A 88 -4.08 1.10 6.77
N PHE A 89 -4.31 1.83 5.67
CA PHE A 89 -3.22 2.24 4.79
C PHE A 89 -3.09 3.77 4.74
N GLU A 90 -1.86 4.25 4.88
CA GLU A 90 -1.59 5.68 4.84
C GLU A 90 -0.63 6.00 3.69
N VAL A 91 -1.13 6.78 2.72
CA VAL A 91 -0.33 7.16 1.55
C VAL A 91 -0.52 8.64 1.19
N VAL A 92 0.32 9.14 0.28
CA VAL A 92 0.25 10.53 -0.16
C VAL A 92 0.41 10.63 -1.68
N TYR A 93 -0.46 11.42 -2.32
CA TYR A 93 -0.42 11.60 -3.77
C TYR A 93 0.87 12.30 -4.19
N VAL A 94 1.70 11.62 -4.98
CA VAL A 94 2.96 12.18 -5.46
C VAL A 94 2.81 12.72 -6.88
N ALA A 95 3.19 13.98 -7.07
CA ALA A 95 3.11 14.62 -8.37
C ALA A 95 4.01 15.85 -8.44
N PRO A 9 -0.45 17.05 1.41
CA PRO A 9 -1.84 16.52 1.37
C PRO A 9 -1.91 15.05 1.80
N ILE A 10 -2.15 14.84 3.10
CA ILE A 10 -2.24 13.49 3.64
C ILE A 10 -3.60 12.86 3.37
N ARG A 11 -3.59 11.66 2.79
CA ARG A 11 -4.84 10.95 2.47
C ARG A 11 -4.95 9.65 3.25
N LYS A 12 -6.08 9.46 3.92
CA LYS A 12 -6.32 8.26 4.72
C LYS A 12 -7.20 7.28 3.96
N VAL A 13 -6.67 6.09 3.67
CA VAL A 13 -7.41 5.07 2.93
C VAL A 13 -7.40 3.72 3.68
N LEU A 14 -8.58 3.14 3.88
CA LEU A 14 -8.69 1.86 4.57
C LEU A 14 -8.99 0.73 3.59
N LEU A 15 -8.09 -0.25 3.54
CA LEU A 15 -8.24 -1.40 2.66
C LEU A 15 -8.58 -2.66 3.46
N LEU A 16 -9.53 -3.45 2.95
CA LEU A 16 -9.94 -4.67 3.62
C LEU A 16 -9.53 -5.90 2.82
N LYS A 17 -8.62 -6.69 3.38
CA LYS A 17 -8.13 -7.90 2.72
C LYS A 17 -8.48 -9.15 3.53
N GLU A 18 -9.02 -10.16 2.83
CA GLU A 18 -9.40 -11.41 3.46
C GLU A 18 -8.37 -12.51 3.15
N ASP A 19 -8.50 -13.64 3.85
CA ASP A 19 -7.58 -14.77 3.64
C ASP A 19 -7.59 -15.22 2.18
N HIS A 20 -8.77 -15.20 1.57
CA HIS A 20 -8.92 -15.60 0.17
C HIS A 20 -8.55 -14.47 -0.80
N GLU A 21 -8.68 -13.22 -0.33
CA GLU A 21 -8.36 -12.07 -1.16
C GLU A 21 -6.89 -11.67 -1.05
N GLY A 22 -6.36 -11.05 -2.10
CA GLY A 22 -4.98 -10.62 -2.11
C GLY A 22 -4.82 -9.12 -1.97
N LEU A 23 -3.75 -8.58 -2.57
CA LEU A 23 -3.48 -7.14 -2.50
C LEU A 23 -4.35 -6.37 -3.50
N GLY A 24 -4.14 -6.60 -4.79
CA GLY A 24 -4.91 -5.92 -5.82
C GLY A 24 -4.22 -4.69 -6.38
N ILE A 25 -2.98 -4.43 -5.95
CA ILE A 25 -2.24 -3.26 -6.43
C ILE A 25 -0.75 -3.59 -6.62
N SER A 26 -0.12 -2.88 -7.55
CA SER A 26 1.31 -3.08 -7.82
C SER A 26 2.13 -1.88 -7.36
N ILE A 27 3.27 -2.15 -6.72
CA ILE A 27 4.15 -1.09 -6.22
C ILE A 27 5.57 -1.25 -6.77
N THR A 28 6.32 -0.15 -6.75
CA THR A 28 7.70 -0.16 -7.24
C THR A 28 8.60 0.75 -6.39
N GLY A 29 9.88 0.40 -6.31
CA GLY A 29 10.82 1.18 -5.52
C GLY A 29 11.51 0.37 -4.45
N GLY A 30 11.84 1.02 -3.33
CA GLY A 30 12.49 0.33 -2.23
C GLY A 30 13.30 1.26 -1.36
N LYS A 31 12.84 1.46 -0.12
CA LYS A 31 13.53 2.35 0.83
C LYS A 31 14.97 1.89 1.07
N GLU A 32 15.20 0.57 0.97
CA GLU A 32 16.54 0.01 1.16
C GLU A 32 17.54 0.61 0.16
N HIS A 33 17.05 0.97 -1.03
CA HIS A 33 17.90 1.57 -2.06
C HIS A 33 18.01 3.08 -1.87
N GLY A 34 17.00 3.68 -1.22
CA GLY A 34 17.00 5.11 -0.99
C GLY A 34 15.85 5.82 -1.69
N VAL A 35 14.75 5.11 -1.91
CA VAL A 35 13.57 5.69 -2.56
C VAL A 35 12.28 5.16 -1.94
N PRO A 36 11.28 6.04 -1.74
CA PRO A 36 9.99 5.65 -1.15
C PRO A 36 9.17 4.76 -2.09
N ILE A 37 8.27 3.97 -1.50
CA ILE A 37 7.42 3.07 -2.29
C ILE A 37 6.20 3.81 -2.81
N LEU A 38 6.00 3.76 -4.12
CA LEU A 38 4.86 4.42 -4.76
C LEU A 38 4.06 3.45 -5.62
N ILE A 39 2.75 3.64 -5.64
CA ILE A 39 1.85 2.77 -6.43
C ILE A 39 1.77 3.25 -7.87
N SER A 40 2.15 2.37 -8.80
CA SER A 40 2.11 2.70 -10.23
C SER A 40 1.00 1.93 -10.95
N GLU A 41 0.78 0.68 -10.55
CA GLU A 41 -0.24 -0.16 -11.17
C GLU A 41 -1.32 -0.55 -10.16
N ILE A 42 -2.55 -0.74 -10.66
CA ILE A 42 -3.67 -1.12 -9.80
C ILE A 42 -4.48 -2.26 -10.45
N HIS A 43 -4.45 -3.43 -9.83
CA HIS A 43 -5.17 -4.60 -10.33
C HIS A 43 -6.68 -4.46 -10.12
N PRO A 44 -7.47 -4.61 -11.20
CA PRO A 44 -8.93 -4.51 -11.14
C PRO A 44 -9.59 -5.73 -10.52
N GLY A 45 -10.87 -5.60 -10.17
CA GLY A 45 -11.61 -6.70 -9.55
C GLY A 45 -11.10 -7.03 -8.16
N GLN A 46 -10.48 -6.05 -7.50
CA GLN A 46 -9.96 -6.23 -6.15
C GLN A 46 -10.37 -5.07 -5.26
N PRO A 47 -10.10 -5.15 -3.95
CA PRO A 47 -10.45 -4.08 -3.00
C PRO A 47 -9.88 -2.71 -3.40
N ALA A 48 -8.82 -2.71 -4.22
CA ALA A 48 -8.17 -1.48 -4.64
C ALA A 48 -9.14 -0.56 -5.41
N ASP A 49 -9.88 -1.11 -6.37
CA ASP A 49 -10.84 -0.31 -7.15
C ASP A 49 -12.04 0.07 -6.29
N ARG A 50 -12.47 -0.84 -5.43
CA ARG A 50 -13.60 -0.59 -4.53
C ARG A 50 -13.24 0.48 -3.49
N CYS A 51 -11.95 0.60 -3.16
CA CYS A 51 -11.50 1.59 -2.19
C CYS A 51 -11.61 3.01 -2.75
N GLY A 52 -11.50 3.14 -4.07
CA GLY A 52 -11.59 4.46 -4.70
C GLY A 52 -10.31 5.26 -4.56
N GLY A 53 -9.92 5.54 -3.31
CA GLY A 53 -8.71 6.31 -3.06
C GLY A 53 -7.47 5.72 -3.72
N LEU A 54 -7.47 4.41 -3.97
CA LEU A 54 -6.34 3.74 -4.61
C LEU A 54 -6.17 4.25 -6.05
N HIS A 55 -5.33 5.28 -6.21
CA HIS A 55 -5.08 5.89 -7.51
C HIS A 55 -3.60 5.77 -7.89
N VAL A 56 -3.32 5.85 -9.19
CA VAL A 56 -1.96 5.78 -9.69
C VAL A 56 -1.12 6.96 -9.19
N GLY A 57 0.13 6.68 -8.80
CA GLY A 57 1.01 7.72 -8.29
C GLY A 57 0.76 8.03 -6.83
N ASP A 58 0.63 6.99 -6.00
CA ASP A 58 0.40 7.17 -4.57
C ASP A 58 1.61 6.73 -3.75
N ALA A 59 2.08 7.60 -2.87
CA ALA A 59 3.24 7.27 -2.02
C ALA A 59 2.81 6.73 -0.67
N ILE A 60 3.32 5.54 -0.32
CA ILE A 60 2.97 4.90 0.95
C ILE A 60 3.79 5.49 2.11
N LEU A 61 3.11 5.73 3.24
CA LEU A 61 3.75 6.28 4.42
C LEU A 61 3.70 5.29 5.59
N ALA A 62 2.50 4.78 5.89
CA ALA A 62 2.32 3.82 6.98
C ALA A 62 1.20 2.82 6.67
N VAL A 63 1.27 1.65 7.30
CA VAL A 63 0.26 0.61 7.10
C VAL A 63 -0.10 -0.05 8.44
N ASN A 64 -1.36 0.10 8.85
CA ASN A 64 -1.84 -0.47 10.12
C ASN A 64 -0.98 -0.03 11.29
N GLY A 65 -0.62 1.26 11.31
CA GLY A 65 0.21 1.79 12.38
C GLY A 65 1.67 1.37 12.28
N VAL A 66 2.02 0.62 11.23
CA VAL A 66 3.38 0.16 11.02
C VAL A 66 4.13 1.08 10.05
N ASN A 67 5.24 1.64 10.51
CA ASN A 67 6.04 2.55 9.69
C ASN A 67 6.66 1.81 8.50
N LEU A 68 6.47 2.35 7.31
CA LEU A 68 7.01 1.74 6.09
C LEU A 68 8.24 2.49 5.57
N ARG A 69 8.44 3.73 6.05
CA ARG A 69 9.58 4.54 5.62
C ARG A 69 10.91 3.88 5.99
N ASP A 70 10.93 3.15 7.12
CA ASP A 70 12.15 2.48 7.57
C ASP A 70 12.17 0.99 7.19
N THR A 71 11.18 0.54 6.39
CA THR A 71 11.12 -0.85 5.96
C THR A 71 11.62 -1.01 4.53
N LYS A 72 12.23 -2.17 4.25
CA LYS A 72 12.75 -2.46 2.93
C LYS A 72 11.64 -2.96 1.99
N HIS A 73 11.88 -2.89 0.68
CA HIS A 73 10.88 -3.33 -0.30
C HIS A 73 10.43 -4.76 -0.02
N LYS A 74 11.40 -5.67 0.17
CA LYS A 74 11.11 -7.07 0.46
C LYS A 74 10.42 -7.22 1.82
N GLU A 75 10.91 -6.46 2.80
CA GLU A 75 10.35 -6.50 4.15
C GLU A 75 8.91 -6.00 4.17
N ALA A 76 8.62 -4.97 3.38
CA ALA A 76 7.28 -4.39 3.31
C ALA A 76 6.28 -5.41 2.76
N VAL A 77 6.73 -6.25 1.82
CA VAL A 77 5.87 -7.27 1.23
C VAL A 77 5.39 -8.25 2.30
N THR A 78 6.30 -8.64 3.20
CA THR A 78 5.97 -9.56 4.28
C THR A 78 4.93 -8.94 5.21
N ILE A 79 5.14 -7.67 5.57
CA ILE A 79 4.22 -6.96 6.45
C ILE A 79 2.84 -6.83 5.81
N LEU A 80 2.82 -6.41 4.54
CA LEU A 80 1.55 -6.24 3.81
C LEU A 80 0.73 -7.53 3.84
N SER A 81 1.40 -8.66 3.65
CA SER A 81 0.72 -9.96 3.66
C SER A 81 0.16 -10.28 5.05
N GLN A 82 0.87 -9.85 6.09
CA GLN A 82 0.45 -10.09 7.47
C GLN A 82 -0.85 -9.33 7.79
N GLN A 83 -1.11 -8.24 7.06
CA GLN A 83 -2.32 -7.44 7.27
C GLN A 83 -3.57 -8.27 6.98
N ARG A 84 -4.25 -8.70 8.04
CA ARG A 84 -5.47 -9.50 7.91
C ARG A 84 -6.69 -8.72 8.37
N GLY A 85 -7.86 -9.10 7.84
CA GLY A 85 -9.10 -8.43 8.22
C GLY A 85 -9.12 -6.98 7.80
N GLU A 86 -8.91 -6.08 8.76
CA GLU A 86 -8.90 -4.65 8.48
C GLU A 86 -7.46 -4.15 8.32
N ILE A 87 -7.22 -3.40 7.25
CA ILE A 87 -5.89 -2.86 6.99
C ILE A 87 -5.95 -1.35 6.79
N GLU A 88 -5.19 -0.62 7.59
CA GLU A 88 -5.16 0.84 7.50
C GLU A 88 -4.00 1.29 6.61
N PHE A 89 -4.32 2.04 5.56
CA PHE A 89 -3.28 2.51 4.63
C PHE A 89 -3.19 4.04 4.64
N GLU A 90 -1.97 4.56 4.71
CA GLU A 90 -1.74 6.00 4.70
C GLU A 90 -0.83 6.38 3.55
N VAL A 91 -1.36 7.15 2.61
CA VAL A 91 -0.59 7.58 1.44
C VAL A 91 -0.86 9.05 1.10
N VAL A 92 -0.06 9.58 0.18
CA VAL A 92 -0.20 10.98 -0.25
C VAL A 92 -0.12 11.09 -1.77
N TYR A 93 -1.01 11.90 -2.37
CA TYR A 93 -1.03 12.08 -3.82
C TYR A 93 0.23 12.79 -4.31
N VAL A 94 0.96 12.15 -5.21
CA VAL A 94 2.19 12.71 -5.75
C VAL A 94 2.06 12.99 -7.25
N ALA A 95 2.56 14.14 -7.69
CA ALA A 95 2.50 14.52 -9.09
C ALA A 95 3.81 15.16 -9.55
N PRO A 9 -0.84 17.03 1.55
CA PRO A 9 -2.13 16.53 2.10
C PRO A 9 -2.16 15.01 2.24
N ILE A 10 -2.12 14.52 3.48
CA ILE A 10 -2.14 13.09 3.75
C ILE A 10 -3.56 12.52 3.73
N ARG A 11 -3.71 11.32 3.18
CA ARG A 11 -5.02 10.67 3.10
C ARG A 11 -5.00 9.31 3.79
N LYS A 12 -6.02 9.06 4.62
CA LYS A 12 -6.13 7.79 5.35
C LYS A 12 -7.19 6.89 4.70
N VAL A 13 -6.75 5.79 4.10
CA VAL A 13 -7.65 4.85 3.45
C VAL A 13 -7.61 3.47 4.10
N LEU A 14 -8.78 2.86 4.27
CA LEU A 14 -8.88 1.54 4.88
C LEU A 14 -9.25 0.49 3.83
N LEU A 15 -8.46 -0.59 3.77
CA LEU A 15 -8.70 -1.66 2.82
C LEU A 15 -9.05 -2.97 3.55
N LEU A 16 -9.96 -3.74 2.94
CA LEU A 16 -10.39 -5.01 3.52
C LEU A 16 -9.85 -6.19 2.71
N LYS A 17 -8.99 -7.01 3.35
CA LYS A 17 -8.40 -8.17 2.70
C LYS A 17 -8.82 -9.47 3.39
N GLU A 18 -9.14 -10.48 2.59
CA GLU A 18 -9.55 -11.78 3.12
C GLU A 18 -8.53 -12.86 2.76
N ASP A 19 -8.66 -14.03 3.39
CA ASP A 19 -7.75 -15.15 3.14
C ASP A 19 -7.75 -15.53 1.66
N HIS A 20 -8.92 -15.48 1.03
CA HIS A 20 -9.05 -15.80 -0.39
C HIS A 20 -8.71 -14.61 -1.29
N GLU A 21 -8.86 -13.39 -0.75
CA GLU A 21 -8.57 -12.17 -1.51
C GLU A 21 -7.12 -11.71 -1.30
N GLY A 22 -6.72 -10.68 -2.04
CA GLY A 22 -5.36 -10.16 -1.93
C GLY A 22 -5.32 -8.64 -1.82
N LEU A 23 -4.26 -8.04 -2.38
CA LEU A 23 -4.09 -6.58 -2.34
C LEU A 23 -4.90 -5.91 -3.45
N GLY A 24 -4.51 -6.14 -4.71
CA GLY A 24 -5.20 -5.55 -5.83
C GLY A 24 -4.41 -4.43 -6.51
N ILE A 25 -3.18 -4.20 -6.07
CA ILE A 25 -2.33 -3.15 -6.66
C ILE A 25 -0.86 -3.56 -6.65
N SER A 26 -0.12 -3.11 -7.65
CA SER A 26 1.31 -3.41 -7.76
C SER A 26 2.14 -2.21 -7.30
N ILE A 27 3.21 -2.50 -6.54
CA ILE A 27 4.09 -1.46 -6.04
C ILE A 27 5.51 -1.59 -6.61
N THR A 28 6.22 -0.46 -6.67
CA THR A 28 7.58 -0.45 -7.19
C THR A 28 8.47 0.51 -6.39
N GLY A 29 9.77 0.21 -6.35
CA GLY A 29 10.72 1.04 -5.62
C GLY A 29 11.61 0.25 -4.70
N GLY A 30 12.08 0.87 -3.62
CA GLY A 30 12.94 0.19 -2.67
C GLY A 30 13.64 1.13 -1.71
N LYS A 31 13.37 0.95 -0.41
CA LYS A 31 13.98 1.77 0.63
C LYS A 31 15.50 1.68 0.61
N GLU A 32 16.02 0.49 0.30
CA GLU A 32 17.47 0.27 0.23
C GLU A 32 18.13 1.23 -0.76
N HIS A 33 17.39 1.61 -1.80
CA HIS A 33 17.90 2.52 -2.82
C HIS A 33 17.85 3.97 -2.34
N GLY A 34 16.91 4.26 -1.43
CA GLY A 34 16.77 5.61 -0.90
C GLY A 34 15.53 6.32 -1.43
N VAL A 35 14.51 5.55 -1.79
CA VAL A 35 13.26 6.11 -2.31
C VAL A 35 12.06 5.34 -1.80
N PRO A 36 11.02 6.06 -1.31
CA PRO A 36 9.80 5.44 -0.79
C PRO A 36 9.07 4.61 -1.85
N ILE A 37 8.24 3.66 -1.41
CA ILE A 37 7.49 2.82 -2.35
C ILE A 37 6.22 3.53 -2.81
N LEU A 38 6.01 3.55 -4.12
CA LEU A 38 4.84 4.22 -4.71
C LEU A 38 3.98 3.25 -5.52
N ILE A 39 2.70 3.59 -5.68
CA ILE A 39 1.76 2.76 -6.45
C ILE A 39 1.78 3.14 -7.92
N SER A 40 2.03 2.16 -8.79
CA SER A 40 2.07 2.38 -10.23
C SER A 40 1.00 1.59 -10.96
N GLU A 41 0.84 0.31 -10.59
CA GLU A 41 -0.15 -0.56 -11.23
C GLU A 41 -1.32 -0.84 -10.29
N ILE A 42 -2.51 -0.94 -10.86
CA ILE A 42 -3.72 -1.22 -10.08
C ILE A 42 -4.55 -2.32 -10.73
N HIS A 43 -4.64 -3.47 -10.06
CA HIS A 43 -5.40 -4.60 -10.59
C HIS A 43 -6.90 -4.33 -10.51
N PRO A 44 -7.61 -4.48 -11.65
CA PRO A 44 -9.05 -4.24 -11.73
C PRO A 44 -9.86 -5.33 -11.00
N GLY A 45 -11.06 -4.96 -10.56
CA GLY A 45 -11.93 -5.89 -9.86
C GLY A 45 -11.37 -6.29 -8.50
N GLN A 46 -10.68 -5.37 -7.85
CA GLN A 46 -10.10 -5.61 -6.53
C GLN A 46 -10.47 -4.49 -5.56
N PRO A 47 -10.10 -4.61 -4.26
CA PRO A 47 -10.40 -3.59 -3.25
C PRO A 47 -9.98 -2.19 -3.68
N ALA A 48 -8.90 -2.09 -4.45
CA ALA A 48 -8.40 -0.80 -4.93
C ALA A 48 -9.47 -0.07 -5.75
N ASP A 49 -10.11 -0.79 -6.66
CA ASP A 49 -11.16 -0.21 -7.50
C ASP A 49 -12.42 0.08 -6.67
N ARG A 50 -12.74 -0.83 -5.74
CA ARG A 50 -13.91 -0.68 -4.89
C ARG A 50 -13.84 0.58 -4.02
N CYS A 51 -12.63 0.95 -3.60
CA CYS A 51 -12.45 2.15 -2.77
C CYS A 51 -12.21 3.39 -3.61
N GLY A 52 -11.64 3.21 -4.81
CA GLY A 52 -11.37 4.33 -5.68
C GLY A 52 -10.30 5.27 -5.14
N GLY A 53 -9.54 4.80 -4.14
CA GLY A 53 -8.49 5.61 -3.55
C GLY A 53 -7.10 5.21 -4.00
N LEU A 54 -6.94 3.93 -4.35
CA LEU A 54 -5.64 3.42 -4.82
C LEU A 54 -5.39 3.85 -6.26
N HIS A 55 -5.13 5.14 -6.45
CA HIS A 55 -4.87 5.72 -7.77
C HIS A 55 -3.40 5.59 -8.15
N VAL A 56 -3.12 5.63 -9.46
CA VAL A 56 -1.74 5.54 -9.95
C VAL A 56 -0.95 6.77 -9.51
N GLY A 57 0.29 6.55 -9.07
CA GLY A 57 1.12 7.65 -8.63
C GLY A 57 0.90 8.00 -7.16
N ASP A 58 0.67 6.97 -6.35
CA ASP A 58 0.45 7.16 -4.91
C ASP A 58 1.74 6.84 -4.14
N ALA A 59 1.93 7.50 -3.00
CA ALA A 59 3.12 7.29 -2.18
C ALA A 59 2.75 6.80 -0.78
N ILE A 60 3.26 5.62 -0.41
CA ILE A 60 2.99 5.04 0.90
C ILE A 60 3.91 5.63 1.97
N LEU A 61 3.39 5.72 3.20
CA LEU A 61 4.16 6.24 4.33
C LEU A 61 4.04 5.31 5.54
N ALA A 62 2.80 4.97 5.92
CA ALA A 62 2.58 4.08 7.07
C ALA A 62 1.53 3.02 6.76
N VAL A 63 1.72 1.82 7.34
CA VAL A 63 0.81 0.71 7.16
C VAL A 63 0.38 0.15 8.51
N ASN A 64 -0.91 0.26 8.81
CA ASN A 64 -1.46 -0.22 10.08
C ASN A 64 -0.75 0.44 11.26
N GLY A 65 -0.35 1.71 11.08
CA GLY A 65 0.33 2.43 12.14
C GLY A 65 1.85 2.30 12.09
N VAL A 66 2.34 1.27 11.40
CA VAL A 66 3.79 1.04 11.29
C VAL A 66 4.38 1.80 10.11
N ASN A 67 5.55 2.43 10.33
CA ASN A 67 6.22 3.20 9.29
C ASN A 67 6.80 2.30 8.21
N LEU A 68 6.54 2.65 6.94
CA LEU A 68 7.05 1.87 5.81
C LEU A 68 8.44 2.37 5.37
N ARG A 69 8.71 3.66 5.58
CA ARG A 69 10.00 4.25 5.21
C ARG A 69 11.13 3.69 6.07
N ASP A 70 10.79 3.11 7.22
CA ASP A 70 11.78 2.54 8.13
C ASP A 70 12.02 1.05 7.85
N THR A 71 11.46 0.54 6.75
CA THR A 71 11.63 -0.87 6.37
C THR A 71 11.98 -1.00 4.89
N LYS A 72 12.45 -2.18 4.49
CA LYS A 72 12.82 -2.44 3.09
C LYS A 72 11.62 -2.94 2.28
N HIS A 73 11.71 -2.84 0.96
CA HIS A 73 10.62 -3.29 0.07
C HIS A 73 10.27 -4.76 0.33
N LYS A 74 11.29 -5.63 0.33
CA LYS A 74 11.08 -7.06 0.57
C LYS A 74 10.49 -7.29 1.96
N GLU A 75 11.03 -6.58 2.96
CA GLU A 75 10.55 -6.71 4.33
C GLU A 75 9.11 -6.19 4.46
N ALA A 76 8.81 -5.12 3.75
CA ALA A 76 7.48 -4.52 3.78
C ALA A 76 6.42 -5.48 3.22
N VAL A 77 6.82 -6.32 2.27
CA VAL A 77 5.91 -7.29 1.68
C VAL A 77 5.38 -8.25 2.74
N THR A 78 6.29 -8.75 3.59
CA THR A 78 5.92 -9.66 4.66
C THR A 78 4.99 -8.99 5.65
N ILE A 79 5.26 -7.71 5.95
CA ILE A 79 4.44 -6.95 6.88
C ILE A 79 3.01 -6.82 6.37
N LEU A 80 2.86 -6.58 5.06
CA LEU A 80 1.54 -6.45 4.45
C LEU A 80 0.74 -7.75 4.60
N SER A 81 1.43 -8.88 4.44
CA SER A 81 0.79 -10.19 4.56
C SER A 81 0.27 -10.41 5.99
N GLN A 82 0.98 -9.84 6.98
CA GLN A 82 0.59 -9.98 8.38
C GLN A 82 -0.75 -9.29 8.65
N GLN A 83 -1.04 -8.23 7.89
CA GLN A 83 -2.29 -7.49 8.05
C GLN A 83 -3.50 -8.36 7.70
N ARG A 84 -4.23 -8.78 8.73
CA ARG A 84 -5.41 -9.62 8.54
C ARG A 84 -6.69 -8.85 8.82
N GLY A 85 -7.77 -9.24 8.12
CA GLY A 85 -9.05 -8.58 8.30
C GLY A 85 -9.02 -7.11 7.91
N GLU A 86 -8.92 -6.24 8.90
CA GLU A 86 -8.88 -4.79 8.67
C GLU A 86 -7.44 -4.34 8.45
N ILE A 87 -7.20 -3.62 7.36
CA ILE A 87 -5.87 -3.13 7.04
C ILE A 87 -5.89 -1.63 6.74
N GLU A 88 -5.10 -0.88 7.50
CA GLU A 88 -5.01 0.57 7.33
C GLU A 88 -3.81 0.94 6.47
N PHE A 89 -4.01 1.90 5.56
CA PHE A 89 -2.94 2.36 4.67
C PHE A 89 -2.88 3.87 4.61
N GLU A 90 -1.68 4.42 4.81
CA GLU A 90 -1.48 5.87 4.78
C GLU A 90 -0.62 6.25 3.58
N VAL A 91 -1.22 7.00 2.64
CA VAL A 91 -0.51 7.43 1.44
C VAL A 91 -0.76 8.91 1.14
N VAL A 92 0.00 9.46 0.19
CA VAL A 92 -0.13 10.86 -0.19
C VAL A 92 -0.03 11.02 -1.71
N TYR A 93 -0.91 11.84 -2.28
CA TYR A 93 -0.92 12.08 -3.73
C TYR A 93 0.29 12.91 -4.14
N VAL A 94 1.08 12.36 -5.08
CA VAL A 94 2.28 13.06 -5.57
C VAL A 94 2.22 13.26 -7.08
N ALA A 95 2.11 14.52 -7.50
CA ALA A 95 2.04 14.86 -8.92
C ALA A 95 2.80 16.15 -9.22
N PRO A 9 -0.87 16.40 0.97
CA PRO A 9 -2.18 15.99 1.56
C PRO A 9 -2.24 14.49 1.81
N ILE A 10 -2.22 14.10 3.09
CA ILE A 10 -2.27 12.69 3.47
C ILE A 10 -3.70 12.15 3.39
N ARG A 11 -3.83 10.91 2.90
CA ARG A 11 -5.14 10.27 2.76
C ARG A 11 -5.18 8.96 3.55
N LYS A 12 -6.25 8.78 4.32
CA LYS A 12 -6.43 7.57 5.12
C LYS A 12 -7.49 6.66 4.50
N VAL A 13 -7.07 5.46 4.12
CA VAL A 13 -7.99 4.48 3.51
C VAL A 13 -7.92 3.13 4.20
N LEU A 14 -9.07 2.48 4.34
CA LEU A 14 -9.14 1.17 4.98
C LEU A 14 -9.34 0.05 3.95
N LEU A 15 -8.42 -0.91 3.94
CA LEU A 15 -8.48 -2.03 3.01
C LEU A 15 -8.81 -3.33 3.75
N LEU A 16 -9.67 -4.16 3.13
CA LEU A 16 -10.06 -5.43 3.73
C LEU A 16 -9.49 -6.60 2.92
N LYS A 17 -8.66 -7.42 3.57
CA LYS A 17 -8.06 -8.58 2.91
C LYS A 17 -8.68 -9.88 3.42
N GLU A 18 -9.08 -10.74 2.47
CA GLU A 18 -9.70 -12.02 2.80
C GLU A 18 -8.85 -13.18 2.26
N ASP A 19 -9.11 -14.39 2.77
CA ASP A 19 -8.39 -15.59 2.34
C ASP A 19 -8.50 -15.78 0.83
N HIS A 20 -9.67 -15.50 0.29
CA HIS A 20 -9.91 -15.64 -1.15
C HIS A 20 -9.50 -14.38 -1.92
N GLU A 21 -9.47 -13.23 -1.25
CA GLU A 21 -9.09 -11.97 -1.89
C GLU A 21 -7.59 -11.71 -1.74
N GLY A 22 -7.07 -10.81 -2.60
CA GLY A 22 -5.66 -10.49 -2.56
C GLY A 22 -5.41 -8.99 -2.45
N LEU A 23 -4.20 -8.57 -2.84
CA LEU A 23 -3.82 -7.16 -2.79
C LEU A 23 -4.53 -6.36 -3.87
N GLY A 24 -4.20 -6.62 -5.12
CA GLY A 24 -4.83 -5.92 -6.23
C GLY A 24 -4.07 -4.67 -6.67
N ILE A 25 -2.91 -4.41 -6.07
CA ILE A 25 -2.12 -3.24 -6.42
C ILE A 25 -0.63 -3.58 -6.53
N SER A 26 0.05 -2.93 -7.48
CA SER A 26 1.47 -3.15 -7.70
C SER A 26 2.30 -1.99 -7.16
N ILE A 27 3.39 -2.31 -6.49
CA ILE A 27 4.27 -1.29 -5.91
C ILE A 27 5.70 -1.41 -6.44
N THR A 28 6.44 -0.30 -6.40
CA THR A 28 7.82 -0.28 -6.88
C THR A 28 8.72 0.55 -5.96
N GLY A 29 10.02 0.53 -6.24
CA GLY A 29 10.98 1.29 -5.44
C GLY A 29 11.71 0.41 -4.44
N GLY A 30 12.28 1.04 -3.40
CA GLY A 30 13.00 0.30 -2.38
C GLY A 30 13.75 1.20 -1.41
N LYS A 31 13.48 1.02 -0.11
CA LYS A 31 14.14 1.82 0.92
C LYS A 31 15.66 1.61 0.90
N GLU A 32 16.09 0.37 0.64
CA GLU A 32 17.51 0.05 0.58
C GLU A 32 18.21 0.78 -0.56
N HIS A 33 17.46 1.03 -1.64
CA HIS A 33 18.01 1.73 -2.80
C HIS A 33 18.07 3.24 -2.55
N GLY A 34 17.15 3.74 -1.73
CA GLY A 34 17.11 5.16 -1.42
C GLY A 34 15.91 5.86 -2.03
N VAL A 35 14.80 5.14 -2.19
CA VAL A 35 13.58 5.71 -2.75
C VAL A 35 12.34 5.12 -2.08
N PRO A 36 11.38 5.99 -1.69
CA PRO A 36 10.14 5.55 -1.03
C PRO A 36 9.31 4.64 -1.93
N ILE A 37 8.44 3.83 -1.32
CA ILE A 37 7.59 2.91 -2.08
C ILE A 37 6.35 3.62 -2.58
N LEU A 38 6.09 3.50 -3.88
CA LEU A 38 4.93 4.15 -4.51
C LEU A 38 4.13 3.16 -5.35
N ILE A 39 2.82 3.39 -5.45
CA ILE A 39 1.93 2.53 -6.24
C ILE A 39 2.10 2.82 -7.73
N SER A 40 2.60 1.83 -8.47
CA SER A 40 2.80 1.99 -9.90
C SER A 40 1.52 1.70 -10.68
N GLU A 41 0.83 0.61 -10.33
CA GLU A 41 -0.41 0.24 -11.01
C GLU A 41 -1.40 -0.40 -10.05
N ILE A 42 -2.68 -0.43 -10.44
CA ILE A 42 -3.73 -1.01 -9.62
C ILE A 42 -4.60 -1.96 -10.45
N HIS A 43 -4.59 -3.23 -10.09
CA HIS A 43 -5.38 -4.25 -10.80
C HIS A 43 -6.88 -4.00 -10.62
N PRO A 44 -7.65 -4.06 -11.73
CA PRO A 44 -9.10 -3.84 -11.70
C PRO A 44 -9.87 -5.00 -11.09
N GLY A 45 -11.04 -4.70 -10.52
CA GLY A 45 -11.86 -5.73 -9.91
C GLY A 45 -11.29 -6.23 -8.60
N GLN A 46 -10.60 -5.35 -7.87
CA GLN A 46 -10.00 -5.71 -6.59
C GLN A 46 -10.39 -4.69 -5.52
N PRO A 47 -10.09 -4.98 -4.23
CA PRO A 47 -10.41 -4.08 -3.12
C PRO A 47 -9.86 -2.67 -3.31
N ALA A 48 -8.76 -2.57 -4.07
CA ALA A 48 -8.14 -1.28 -4.35
C ALA A 48 -9.13 -0.30 -4.99
N ASP A 49 -9.86 -0.79 -6.00
CA ASP A 49 -10.85 0.02 -6.70
C ASP A 49 -12.06 0.31 -5.79
N ARG A 50 -12.46 -0.69 -5.01
CA ARG A 50 -13.60 -0.55 -4.10
C ARG A 50 -13.39 0.62 -3.13
N CYS A 51 -12.15 0.78 -2.65
CA CYS A 51 -11.82 1.86 -1.73
C CYS A 51 -11.84 3.23 -2.41
N GLY A 52 -11.58 3.26 -3.72
CA GLY A 52 -11.57 4.51 -4.45
C GLY A 52 -10.39 5.40 -4.08
N GLY A 53 -9.35 4.80 -3.49
CA GLY A 53 -8.17 5.55 -3.09
C GLY A 53 -6.89 5.08 -3.78
N LEU A 54 -6.82 3.79 -4.09
CA LEU A 54 -5.65 3.22 -4.75
C LEU A 54 -5.56 3.71 -6.20
N HIS A 55 -4.88 4.84 -6.38
CA HIS A 55 -4.73 5.46 -7.70
C HIS A 55 -3.28 5.38 -8.17
N VAL A 56 -3.08 5.47 -9.50
CA VAL A 56 -1.74 5.42 -10.08
C VAL A 56 -0.92 6.61 -9.60
N GLY A 57 0.37 6.37 -9.32
CA GLY A 57 1.24 7.43 -8.84
C GLY A 57 0.93 7.82 -7.40
N ASP A 58 0.90 6.82 -6.52
CA ASP A 58 0.60 7.03 -5.11
C ASP A 58 1.83 6.77 -4.24
N ALA A 59 2.05 7.62 -3.22
CA ALA A 59 3.19 7.46 -2.33
C ALA A 59 2.77 6.97 -0.94
N ILE A 60 3.40 5.88 -0.48
CA ILE A 60 3.09 5.31 0.84
C ILE A 60 3.98 5.89 1.92
N LEU A 61 3.43 5.99 3.14
CA LEU A 61 4.18 6.50 4.28
C LEU A 61 3.99 5.60 5.51
N ALA A 62 2.73 5.33 5.87
CA ALA A 62 2.42 4.48 7.02
C ALA A 62 1.29 3.50 6.69
N VAL A 63 1.35 2.32 7.30
CA VAL A 63 0.33 1.28 7.09
C VAL A 63 -0.05 0.65 8.42
N ASN A 64 -1.32 0.84 8.82
CA ASN A 64 -1.82 0.28 10.07
C ASN A 64 -1.01 0.79 11.27
N GLY A 65 -0.52 2.02 11.17
CA GLY A 65 0.26 2.60 12.26
C GLY A 65 1.76 2.32 12.11
N VAL A 66 2.12 1.36 11.26
CA VAL A 66 3.53 1.01 11.05
C VAL A 66 4.14 1.86 9.94
N ASN A 67 5.37 2.33 10.16
CA ASN A 67 6.07 3.16 9.18
C ASN A 67 6.61 2.32 8.03
N LEU A 68 6.43 2.81 6.81
CA LEU A 68 6.90 2.11 5.61
C LEU A 68 8.26 2.66 5.15
N ARG A 69 8.54 3.92 5.46
CA ARG A 69 9.81 4.54 5.07
C ARG A 69 10.99 3.97 5.87
N ASP A 70 10.69 3.31 6.99
CA ASP A 70 11.73 2.73 7.83
C ASP A 70 11.90 1.22 7.55
N THR A 71 11.29 0.74 6.46
CA THR A 71 11.39 -0.68 6.09
C THR A 71 11.71 -0.84 4.62
N LYS A 72 12.41 -1.94 4.28
CA LYS A 72 12.78 -2.23 2.88
C LYS A 72 11.59 -2.73 2.07
N HIS A 73 11.70 -2.66 0.74
CA HIS A 73 10.63 -3.10 -0.15
C HIS A 73 10.22 -4.55 0.15
N LYS A 74 11.20 -5.45 0.20
CA LYS A 74 10.93 -6.86 0.51
C LYS A 74 10.32 -7.02 1.90
N GLU A 75 10.87 -6.28 2.86
CA GLU A 75 10.37 -6.34 4.24
C GLU A 75 8.94 -5.81 4.33
N ALA A 76 8.64 -4.76 3.56
CA ALA A 76 7.30 -4.18 3.56
C ALA A 76 6.26 -5.15 3.05
N VAL A 77 6.66 -6.02 2.10
CA VAL A 77 5.75 -7.01 1.55
C VAL A 77 5.29 -7.97 2.63
N THR A 78 6.22 -8.41 3.48
CA THR A 78 5.91 -9.32 4.57
C THR A 78 4.91 -8.68 5.53
N ILE A 79 5.11 -7.40 5.85
CA ILE A 79 4.22 -6.67 6.74
C ILE A 79 2.80 -6.66 6.19
N LEU A 80 2.67 -6.44 4.88
CA LEU A 80 1.36 -6.42 4.23
C LEU A 80 0.63 -7.74 4.44
N SER A 81 1.35 -8.85 4.38
CA SER A 81 0.77 -10.18 4.58
C SER A 81 0.22 -10.30 6.00
N GLN A 82 0.91 -9.69 6.97
CA GLN A 82 0.50 -9.73 8.37
C GLN A 82 -0.83 -8.99 8.58
N GLN A 83 -1.13 -8.04 7.68
CA GLN A 83 -2.36 -7.26 7.76
C GLN A 83 -3.59 -8.16 7.55
N ARG A 84 -4.12 -8.68 8.65
CA ARG A 84 -5.28 -9.57 8.60
C ARG A 84 -6.54 -8.83 9.03
N GLY A 85 -7.68 -9.24 8.46
CA GLY A 85 -8.96 -8.61 8.80
C GLY A 85 -9.01 -7.16 8.36
N GLU A 86 -8.76 -6.26 9.32
CA GLU A 86 -8.77 -4.82 9.04
C GLU A 86 -7.37 -4.34 8.69
N ILE A 87 -7.27 -3.48 7.67
CA ILE A 87 -5.99 -2.95 7.24
C ILE A 87 -6.08 -1.45 6.94
N GLU A 88 -5.24 -0.67 7.58
CA GLU A 88 -5.22 0.78 7.38
C GLU A 88 -4.08 1.18 6.46
N PHE A 89 -4.38 1.96 5.43
CA PHE A 89 -3.36 2.41 4.49
C PHE A 89 -3.26 3.94 4.50
N GLU A 90 -2.03 4.44 4.66
CA GLU A 90 -1.78 5.88 4.67
C GLU A 90 -0.84 6.26 3.53
N VAL A 91 -1.34 7.07 2.60
CA VAL A 91 -0.55 7.48 1.44
C VAL A 91 -0.77 8.97 1.10
N VAL A 92 0.04 9.48 0.18
CA VAL A 92 -0.04 10.88 -0.25
C VAL A 92 0.07 10.99 -1.77
N TYR A 93 -0.84 11.75 -2.38
CA TYR A 93 -0.83 11.96 -3.84
C TYR A 93 0.38 12.79 -4.27
N VAL A 94 1.14 12.29 -5.23
CA VAL A 94 2.33 12.99 -5.74
C VAL A 94 2.15 13.40 -7.20
N ALA A 95 2.53 14.64 -7.51
CA ALA A 95 2.42 15.16 -8.87
C ALA A 95 3.38 16.33 -9.10
N PRO A 9 0.30 16.55 2.28
CA PRO A 9 -1.06 16.14 2.75
C PRO A 9 -1.22 14.61 2.75
N ILE A 10 -1.26 14.03 3.94
CA ILE A 10 -1.42 12.58 4.09
C ILE A 10 -2.89 12.18 4.10
N ARG A 11 -3.19 11.04 3.47
CA ARG A 11 -4.57 10.53 3.41
C ARG A 11 -4.66 9.13 4.02
N LYS A 12 -5.62 8.96 4.93
CA LYS A 12 -5.82 7.67 5.59
C LYS A 12 -6.99 6.92 4.95
N VAL A 13 -6.70 5.75 4.39
CA VAL A 13 -7.73 4.93 3.74
C VAL A 13 -7.73 3.50 4.28
N LEU A 14 -8.92 2.94 4.44
CA LEU A 14 -9.07 1.57 4.95
C LEU A 14 -9.40 0.60 3.81
N LEU A 15 -8.61 -0.49 3.73
CA LEU A 15 -8.81 -1.49 2.68
C LEU A 15 -9.28 -2.82 3.28
N LEU A 16 -10.27 -3.44 2.62
CA LEU A 16 -10.81 -4.71 3.07
C LEU A 16 -10.38 -5.85 2.15
N LYS A 17 -9.62 -6.80 2.69
CA LYS A 17 -9.13 -7.93 1.91
C LYS A 17 -9.43 -9.25 2.63
N GLU A 18 -9.55 -10.32 1.86
CA GLU A 18 -9.83 -11.65 2.42
C GLU A 18 -8.63 -12.58 2.24
N ASP A 19 -8.63 -13.69 2.97
CA ASP A 19 -7.55 -14.66 2.91
C ASP A 19 -7.37 -15.18 1.48
N HIS A 20 -8.50 -15.38 0.79
CA HIS A 20 -8.49 -15.87 -0.59
C HIS A 20 -8.16 -14.73 -1.58
N GLU A 21 -8.51 -13.49 -1.21
CA GLU A 21 -8.26 -12.33 -2.06
C GLU A 21 -6.82 -11.82 -1.90
N GLY A 22 -6.36 -11.04 -2.88
CA GLY A 22 -5.01 -10.50 -2.84
C GLY A 22 -4.96 -9.07 -2.36
N LEU A 23 -4.01 -8.29 -2.90
CA LEU A 23 -3.84 -6.89 -2.53
C LEU A 23 -4.73 -5.98 -3.38
N GLY A 24 -4.62 -6.11 -4.70
CA GLY A 24 -5.42 -5.29 -5.61
C GLY A 24 -4.62 -4.18 -6.27
N ILE A 25 -3.40 -3.93 -5.79
CA ILE A 25 -2.54 -2.89 -6.35
C ILE A 25 -1.08 -3.35 -6.40
N SER A 26 -0.33 -2.81 -7.36
CA SER A 26 1.07 -3.16 -7.54
C SER A 26 1.98 -2.01 -7.10
N ILE A 27 3.05 -2.34 -6.38
CA ILE A 27 4.00 -1.33 -5.90
C ILE A 27 5.38 -1.54 -6.51
N THR A 28 6.15 -0.44 -6.62
CA THR A 28 7.49 -0.50 -7.18
C THR A 28 8.43 0.46 -6.45
N GLY A 29 9.70 0.07 -6.32
CA GLY A 29 10.68 0.88 -5.65
C GLY A 29 11.36 0.16 -4.50
N GLY A 30 12.13 0.89 -3.69
CA GLY A 30 12.82 0.28 -2.56
C GLY A 30 13.61 1.29 -1.74
N LYS A 31 13.29 1.37 -0.44
CA LYS A 31 13.98 2.30 0.46
C LYS A 31 15.49 2.06 0.49
N GLU A 32 15.90 0.80 0.27
CA GLU A 32 17.33 0.46 0.26
C GLU A 32 18.09 1.29 -0.79
N HIS A 33 17.40 1.65 -1.87
CA HIS A 33 18.00 2.44 -2.94
C HIS A 33 18.04 3.93 -2.56
N GLY A 34 17.04 4.37 -1.80
CA GLY A 34 16.98 5.76 -1.39
C GLY A 34 15.60 6.37 -1.57
N VAL A 35 14.85 5.86 -2.55
CA VAL A 35 13.51 6.36 -2.83
C VAL A 35 12.44 5.40 -2.28
N PRO A 36 11.43 5.95 -1.57
CA PRO A 36 10.35 5.14 -0.98
C PRO A 36 9.55 4.40 -2.04
N ILE A 37 8.88 3.32 -1.64
CA ILE A 37 8.08 2.52 -2.56
C ILE A 37 6.69 3.13 -2.75
N LEU A 38 6.21 3.14 -3.99
CA LEU A 38 4.89 3.70 -4.30
C LEU A 38 4.12 2.80 -5.27
N ILE A 39 2.80 3.01 -5.36
CA ILE A 39 1.94 2.22 -6.24
C ILE A 39 1.93 2.79 -7.66
N SER A 40 2.35 1.98 -8.62
CA SER A 40 2.39 2.39 -10.02
C SER A 40 1.30 1.70 -10.85
N GLU A 41 0.97 0.45 -10.49
CA GLU A 41 -0.04 -0.30 -11.21
C GLU A 41 -1.23 -0.65 -10.30
N ILE A 42 -2.43 -0.65 -10.87
CA ILE A 42 -3.64 -0.97 -10.11
C ILE A 42 -4.42 -2.10 -10.78
N HIS A 43 -4.63 -3.20 -10.05
CA HIS A 43 -5.38 -4.34 -10.59
C HIS A 43 -6.87 -4.05 -10.64
N PRO A 44 -7.48 -4.11 -11.84
CA PRO A 44 -8.91 -3.85 -12.02
C PRO A 44 -9.79 -4.97 -11.44
N GLY A 45 -11.03 -4.63 -11.10
CA GLY A 45 -11.95 -5.61 -10.54
C GLY A 45 -11.48 -6.13 -9.19
N GLN A 46 -10.90 -5.25 -8.39
CA GLN A 46 -10.39 -5.60 -7.07
C GLN A 46 -10.82 -4.57 -6.03
N PRO A 47 -10.51 -4.80 -4.73
CA PRO A 47 -10.86 -3.85 -3.65
C PRO A 47 -10.43 -2.42 -3.95
N ALA A 48 -9.35 -2.27 -4.72
CA ALA A 48 -8.83 -0.95 -5.08
C ALA A 48 -9.91 -0.13 -5.81
N ASP A 49 -10.56 -0.76 -6.78
CA ASP A 49 -11.62 -0.09 -7.54
C ASP A 49 -12.84 0.16 -6.67
N ARG A 50 -13.20 -0.84 -5.86
CA ARG A 50 -14.36 -0.72 -4.96
C ARG A 50 -14.19 0.44 -3.98
N CYS A 51 -12.96 0.72 -3.58
CA CYS A 51 -12.68 1.81 -2.64
C CYS A 51 -12.58 3.15 -3.36
N GLY A 52 -12.17 3.12 -4.63
CA GLY A 52 -12.02 4.35 -5.39
C GLY A 52 -10.96 5.29 -4.83
N GLY A 53 -10.09 4.76 -3.98
CA GLY A 53 -9.03 5.57 -3.37
C GLY A 53 -7.64 5.15 -3.81
N LEU A 54 -7.46 3.87 -4.14
CA LEU A 54 -6.16 3.38 -4.58
C LEU A 54 -5.87 3.80 -6.02
N HIS A 55 -5.60 5.08 -6.21
CA HIS A 55 -5.32 5.64 -7.53
C HIS A 55 -3.84 5.46 -7.89
N VAL A 56 -3.56 5.48 -9.19
CA VAL A 56 -2.18 5.34 -9.66
C VAL A 56 -1.33 6.52 -9.21
N GLY A 57 -0.13 6.23 -8.71
CA GLY A 57 0.76 7.28 -8.25
C GLY A 57 0.57 7.59 -6.78
N ASP A 58 0.51 6.55 -5.95
CA ASP A 58 0.34 6.71 -4.51
C ASP A 58 1.62 6.34 -3.77
N ALA A 59 2.13 7.26 -2.96
CA ALA A 59 3.36 7.01 -2.21
C ALA A 59 3.06 6.43 -0.82
N ILE A 60 3.59 5.24 -0.56
CA ILE A 60 3.37 4.57 0.73
C ILE A 60 4.12 5.27 1.86
N LEU A 61 3.48 5.32 3.03
CA LEU A 61 4.08 5.95 4.21
C LEU A 61 4.06 4.99 5.41
N ALA A 62 2.87 4.47 5.73
CA ALA A 62 2.74 3.54 6.86
C ALA A 62 1.57 2.56 6.65
N VAL A 63 1.62 1.43 7.37
CA VAL A 63 0.57 0.42 7.28
C VAL A 63 0.15 -0.06 8.67
N ASN A 64 -1.12 0.17 9.01
CA ASN A 64 -1.66 -0.22 10.31
C ASN A 64 -0.85 0.42 11.45
N GLY A 65 -0.42 1.67 11.24
CA GLY A 65 0.35 2.38 12.25
C GLY A 65 1.83 2.01 12.24
N VAL A 66 2.26 1.20 11.27
CA VAL A 66 3.66 0.79 11.17
C VAL A 66 4.42 1.66 10.17
N ASN A 67 5.45 2.35 10.65
CA ASN A 67 6.25 3.23 9.80
C ASN A 67 6.96 2.43 8.70
N LEU A 68 6.79 2.85 7.45
CA LEU A 68 7.41 2.17 6.32
C LEU A 68 8.45 3.07 5.64
N ARG A 69 8.71 4.25 6.21
CA ARG A 69 9.69 5.19 5.65
C ARG A 69 11.11 4.65 5.81
N ASP A 70 11.37 3.94 6.91
CA ASP A 70 12.69 3.37 7.17
C ASP A 70 12.71 1.84 6.94
N THR A 71 11.65 1.32 6.31
CA THR A 71 11.56 -0.11 6.03
C THR A 71 11.91 -0.41 4.57
N LYS A 72 12.33 -1.65 4.29
CA LYS A 72 12.71 -2.05 2.93
C LYS A 72 11.53 -2.67 2.19
N HIS A 73 11.63 -2.72 0.86
CA HIS A 73 10.57 -3.30 0.02
C HIS A 73 10.23 -4.72 0.45
N LYS A 74 11.26 -5.57 0.60
CA LYS A 74 11.05 -6.95 1.03
C LYS A 74 10.42 -7.01 2.42
N GLU A 75 10.86 -6.10 3.30
CA GLU A 75 10.32 -6.04 4.66
C GLU A 75 8.85 -5.67 4.65
N ALA A 76 8.47 -4.75 3.76
CA ALA A 76 7.09 -4.29 3.66
C ALA A 76 6.16 -5.42 3.24
N VAL A 77 6.67 -6.35 2.43
CA VAL A 77 5.87 -7.48 1.97
C VAL A 77 5.43 -8.34 3.16
N THR A 78 6.34 -8.55 4.10
CA THR A 78 6.05 -9.34 5.30
C THR A 78 5.08 -8.59 6.22
N ILE A 79 5.29 -7.29 6.38
CA ILE A 79 4.44 -6.46 7.23
C ILE A 79 3.00 -6.42 6.73
N LEU A 80 2.83 -6.15 5.43
CA LEU A 80 1.48 -6.09 4.84
C LEU A 80 0.78 -7.44 4.95
N SER A 81 1.54 -8.53 4.83
CA SER A 81 0.97 -9.88 4.92
C SER A 81 0.44 -10.15 6.32
N GLN A 82 1.11 -9.59 7.33
CA GLN A 82 0.69 -9.78 8.73
C GLN A 82 -0.69 -9.15 8.99
N GLN A 83 -1.01 -8.10 8.23
CA GLN A 83 -2.29 -7.41 8.38
C GLN A 83 -3.47 -8.33 8.02
N ARG A 84 -4.26 -8.69 9.04
CA ARG A 84 -5.41 -9.57 8.86
C ARG A 84 -6.72 -8.78 8.92
N GLY A 85 -7.69 -9.17 8.10
CA GLY A 85 -8.99 -8.50 8.08
C GLY A 85 -8.89 -7.04 7.68
N GLU A 86 -9.02 -6.15 8.66
CA GLU A 86 -8.94 -4.71 8.41
C GLU A 86 -7.49 -4.26 8.32
N ILE A 87 -7.15 -3.58 7.24
CA ILE A 87 -5.80 -3.09 7.04
C ILE A 87 -5.79 -1.59 6.71
N GLU A 88 -5.08 -0.82 7.53
CA GLU A 88 -4.97 0.61 7.34
C GLU A 88 -3.73 0.95 6.53
N PHE A 89 -3.91 1.78 5.49
CA PHE A 89 -2.80 2.19 4.64
C PHE A 89 -2.71 3.70 4.55
N GLU A 90 -1.51 4.24 4.79
CA GLU A 90 -1.30 5.68 4.72
C GLU A 90 -0.44 6.02 3.51
N VAL A 91 -1.02 6.76 2.57
CA VAL A 91 -0.33 7.16 1.36
C VAL A 91 -0.58 8.64 1.03
N VAL A 92 0.24 9.19 0.15
CA VAL A 92 0.12 10.59 -0.26
C VAL A 92 0.12 10.70 -1.78
N TYR A 93 -0.82 11.48 -2.32
CA TYR A 93 -0.93 11.68 -3.77
C TYR A 93 0.30 12.43 -4.31
N VAL A 94 1.05 11.76 -5.18
CA VAL A 94 2.24 12.36 -5.77
C VAL A 94 2.17 12.35 -7.30
N ALA A 95 2.18 13.54 -7.89
CA ALA A 95 2.11 13.68 -9.34
C ALA A 95 3.11 14.73 -9.85
N PRO A 9 -0.55 16.98 1.83
CA PRO A 9 -1.92 16.42 1.97
C PRO A 9 -1.90 14.92 2.21
N ILE A 10 -1.86 14.51 3.48
CA ILE A 10 -1.84 13.10 3.85
C ILE A 10 -3.25 12.51 3.89
N ARG A 11 -3.51 11.52 3.04
CA ARG A 11 -4.81 10.87 2.97
C ARG A 11 -4.75 9.46 3.55
N LYS A 12 -5.69 9.16 4.45
CA LYS A 12 -5.75 7.84 5.08
C LYS A 12 -6.89 7.00 4.50
N VAL A 13 -6.56 5.86 3.92
CA VAL A 13 -7.56 4.97 3.31
C VAL A 13 -7.46 3.56 3.89
N LEU A 14 -8.61 2.98 4.24
CA LEU A 14 -8.66 1.63 4.80
C LEU A 14 -9.01 0.61 3.72
N LEU A 15 -8.16 -0.40 3.56
CA LEU A 15 -8.37 -1.45 2.56
C LEU A 15 -8.76 -2.77 3.23
N LEU A 16 -9.82 -3.39 2.72
CA LEU A 16 -10.30 -4.66 3.26
C LEU A 16 -9.80 -5.83 2.43
N LYS A 17 -8.97 -6.68 3.03
CA LYS A 17 -8.42 -7.84 2.34
C LYS A 17 -8.49 -9.08 3.22
N GLU A 18 -9.01 -10.17 2.67
CA GLU A 18 -9.14 -11.42 3.40
C GLU A 18 -7.96 -12.34 3.11
N ASP A 19 -7.87 -13.44 3.86
CA ASP A 19 -6.80 -14.42 3.68
C ASP A 19 -6.81 -14.98 2.26
N HIS A 20 -8.01 -15.21 1.72
CA HIS A 20 -8.16 -15.76 0.38
C HIS A 20 -7.91 -14.70 -0.70
N GLU A 21 -8.12 -13.42 -0.35
CA GLU A 21 -7.92 -12.32 -1.30
C GLU A 21 -6.50 -11.76 -1.22
N GLY A 22 -6.13 -10.94 -2.22
CA GLY A 22 -4.80 -10.34 -2.26
C GLY A 22 -4.84 -8.82 -2.28
N LEU A 23 -3.70 -8.19 -2.60
CA LEU A 23 -3.59 -6.73 -2.66
C LEU A 23 -4.45 -6.16 -3.79
N GLY A 24 -4.05 -6.43 -5.03
CA GLY A 24 -4.78 -5.94 -6.19
C GLY A 24 -4.11 -4.79 -6.92
N ILE A 25 -2.91 -4.41 -6.49
CA ILE A 25 -2.17 -3.32 -7.13
C ILE A 25 -0.67 -3.59 -7.13
N SER A 26 0.03 -3.00 -8.09
CA SER A 26 1.48 -3.17 -8.20
C SER A 26 2.21 -1.97 -7.60
N ILE A 27 3.27 -2.26 -6.84
CA ILE A 27 4.05 -1.21 -6.19
C ILE A 27 5.49 -1.19 -6.72
N THR A 28 6.05 0.01 -6.84
CA THR A 28 7.42 0.18 -7.34
C THR A 28 8.28 0.93 -6.33
N GLY A 29 9.60 0.75 -6.45
CA GLY A 29 10.53 1.43 -5.55
C GLY A 29 11.07 0.49 -4.48
N GLY A 30 11.26 1.00 -3.27
CA GLY A 30 11.77 0.20 -2.19
C GLY A 30 12.83 0.90 -1.36
N LYS A 31 12.71 0.80 -0.04
CA LYS A 31 13.67 1.42 0.88
C LYS A 31 15.11 1.03 0.55
N GLU A 32 15.31 -0.17 0.01
CA GLU A 32 16.64 -0.66 -0.35
C GLU A 32 17.32 0.29 -1.35
N HIS A 33 16.51 0.97 -2.18
CA HIS A 33 17.04 1.90 -3.16
C HIS A 33 17.08 3.34 -2.62
N GLY A 34 17.04 3.49 -1.30
CA GLY A 34 17.06 4.81 -0.70
C GLY A 34 15.90 5.69 -1.13
N VAL A 35 14.76 5.07 -1.44
CA VAL A 35 13.58 5.80 -1.86
C VAL A 35 12.29 5.11 -1.40
N PRO A 36 11.29 5.89 -0.95
CA PRO A 36 10.00 5.34 -0.49
C PRO A 36 9.27 4.60 -1.60
N ILE A 37 8.40 3.66 -1.21
CA ILE A 37 7.63 2.88 -2.17
C ILE A 37 6.33 3.59 -2.55
N LEU A 38 5.97 3.56 -3.83
CA LEU A 38 4.76 4.21 -4.33
C LEU A 38 3.98 3.29 -5.27
N ILE A 39 2.68 3.55 -5.40
CA ILE A 39 1.81 2.76 -6.28
C ILE A 39 1.81 3.32 -7.70
N SER A 40 2.05 2.44 -8.67
CA SER A 40 2.07 2.85 -10.08
C SER A 40 1.02 2.08 -10.90
N GLU A 41 0.90 0.78 -10.66
CA GLU A 41 -0.05 -0.04 -11.40
C GLU A 41 -1.22 -0.47 -10.50
N ILE A 42 -2.41 -0.54 -11.09
CA ILE A 42 -3.61 -0.94 -10.36
C ILE A 42 -4.42 -1.96 -11.14
N HIS A 43 -4.85 -3.03 -10.47
CA HIS A 43 -5.63 -4.10 -11.11
C HIS A 43 -7.11 -3.96 -10.76
N PRO A 44 -7.95 -3.48 -11.71
CA PRO A 44 -9.40 -3.32 -11.49
C PRO A 44 -10.07 -4.61 -11.04
N GLY A 45 -11.14 -4.46 -10.26
CA GLY A 45 -11.86 -5.63 -9.77
C GLY A 45 -11.46 -6.01 -8.35
N GLN A 46 -10.20 -5.75 -8.00
CA GLN A 46 -9.69 -6.07 -6.67
C GLN A 46 -10.18 -5.04 -5.64
N PRO A 47 -10.02 -5.33 -4.33
CA PRO A 47 -10.45 -4.42 -3.26
C PRO A 47 -9.80 -3.04 -3.36
N ALA A 48 -8.60 -2.98 -3.94
CA ALA A 48 -7.89 -1.71 -4.11
C ALA A 48 -8.68 -0.75 -4.98
N ASP A 49 -9.20 -1.26 -6.11
CA ASP A 49 -9.99 -0.45 -7.03
C ASP A 49 -11.35 -0.10 -6.42
N ARG A 50 -11.94 -1.06 -5.72
CA ARG A 50 -13.23 -0.85 -5.07
C ARG A 50 -13.17 0.26 -4.02
N CYS A 51 -11.99 0.44 -3.42
CA CYS A 51 -11.80 1.46 -2.39
C CYS A 51 -11.80 2.87 -2.99
N GLY A 52 -11.38 2.98 -4.25
CA GLY A 52 -11.34 4.28 -4.92
C GLY A 52 -10.10 5.09 -4.56
N GLY A 53 -9.86 5.29 -3.26
CA GLY A 53 -8.72 6.06 -2.80
C GLY A 53 -7.40 5.61 -3.41
N LEU A 54 -7.27 4.31 -3.66
CA LEU A 54 -6.05 3.77 -4.25
C LEU A 54 -5.94 4.18 -5.72
N HIS A 55 -5.23 5.29 -5.96
CA HIS A 55 -5.04 5.81 -7.30
C HIS A 55 -3.57 5.75 -7.73
N VAL A 56 -3.35 5.76 -9.05
CA VAL A 56 -1.99 5.71 -9.59
C VAL A 56 -1.19 6.95 -9.14
N GLY A 57 0.01 6.70 -8.62
CA GLY A 57 0.84 7.79 -8.15
C GLY A 57 0.64 8.09 -6.67
N ASP A 58 0.59 7.04 -5.85
CA ASP A 58 0.38 7.18 -4.41
C ASP A 58 1.65 6.77 -3.65
N ALA A 59 2.18 7.69 -2.84
CA ALA A 59 3.39 7.41 -2.06
C ALA A 59 3.04 6.86 -0.68
N ILE A 60 3.55 5.66 -0.36
CA ILE A 60 3.29 5.02 0.92
C ILE A 60 4.13 5.65 2.04
N LEU A 61 3.55 5.70 3.24
CA LEU A 61 4.24 6.27 4.40
C LEU A 61 3.97 5.43 5.66
N ALA A 62 2.69 5.18 5.95
CA ALA A 62 2.31 4.39 7.12
C ALA A 62 1.40 3.21 6.75
N VAL A 63 1.56 2.11 7.50
CA VAL A 63 0.76 0.91 7.27
C VAL A 63 0.28 0.33 8.61
N ASN A 64 -1.03 0.33 8.80
CA ASN A 64 -1.64 -0.18 10.05
C ASN A 64 -1.03 0.53 11.27
N GLY A 65 -0.72 1.82 11.11
CA GLY A 65 -0.15 2.59 12.20
C GLY A 65 1.39 2.55 12.24
N VAL A 66 1.99 1.56 11.58
CA VAL A 66 3.44 1.43 11.57
C VAL A 66 4.04 2.04 10.30
N ASN A 67 5.03 2.92 10.48
CA ASN A 67 5.69 3.58 9.36
C ASN A 67 6.50 2.59 8.53
N LEU A 68 6.44 2.73 7.21
CA LEU A 68 7.17 1.86 6.30
C LEU A 68 8.34 2.59 5.63
N ARG A 69 8.68 3.77 6.16
CA ARG A 69 9.78 4.57 5.61
C ARG A 69 11.14 3.93 5.91
N ASP A 70 11.24 3.25 7.06
CA ASP A 70 12.48 2.60 7.46
C ASP A 70 12.44 1.09 7.21
N THR A 71 11.42 0.62 6.48
CA THR A 71 11.27 -0.80 6.17
C THR A 71 11.57 -1.06 4.70
N LYS A 72 12.39 -2.08 4.43
CA LYS A 72 12.77 -2.43 3.06
C LYS A 72 11.55 -2.90 2.26
N HIS A 73 11.65 -2.83 0.93
CA HIS A 73 10.56 -3.24 0.04
C HIS A 73 10.14 -4.69 0.31
N LYS A 74 11.14 -5.59 0.33
CA LYS A 74 10.87 -7.01 0.58
C LYS A 74 10.27 -7.20 1.98
N GLU A 75 10.77 -6.43 2.94
CA GLU A 75 10.28 -6.50 4.32
C GLU A 75 8.82 -6.05 4.39
N ALA A 76 8.48 -5.02 3.61
CA ALA A 76 7.12 -4.49 3.58
C ALA A 76 6.12 -5.52 3.06
N VAL A 77 6.55 -6.34 2.11
CA VAL A 77 5.69 -7.38 1.54
C VAL A 77 5.27 -8.38 2.61
N THR A 78 6.20 -8.71 3.51
CA THR A 78 5.93 -9.65 4.59
C THR A 78 4.89 -9.06 5.55
N ILE A 79 5.09 -7.81 5.97
CA ILE A 79 4.17 -7.15 6.87
C ILE A 79 2.79 -7.01 6.25
N LEU A 80 2.76 -6.63 4.96
CA LEU A 80 1.51 -6.48 4.23
C LEU A 80 0.69 -7.77 4.26
N SER A 81 1.38 -8.90 4.13
CA SER A 81 0.72 -10.20 4.15
C SER A 81 0.12 -10.49 5.53
N GLN A 82 0.79 -10.00 6.58
CA GLN A 82 0.32 -10.21 7.96
C GLN A 82 -1.01 -9.48 8.19
N GLN A 83 -1.25 -8.39 7.46
CA GLN A 83 -2.49 -7.62 7.59
C GLN A 83 -3.72 -8.46 7.27
N ARG A 84 -4.55 -8.71 8.28
CA ARG A 84 -5.75 -9.52 8.11
C ARG A 84 -7.02 -8.72 8.45
N GLY A 85 -8.09 -9.00 7.71
CA GLY A 85 -9.35 -8.31 7.94
C GLY A 85 -9.27 -6.84 7.60
N GLU A 86 -9.21 -5.99 8.64
CA GLU A 86 -9.13 -4.55 8.45
C GLU A 86 -7.67 -4.12 8.31
N ILE A 87 -7.34 -3.48 7.20
CA ILE A 87 -6.00 -3.01 6.93
C ILE A 87 -5.97 -1.51 6.70
N GLU A 88 -5.14 -0.81 7.47
CA GLU A 88 -5.02 0.64 7.36
C GLU A 88 -3.87 1.02 6.42
N PHE A 89 -4.17 1.87 5.43
CA PHE A 89 -3.17 2.31 4.45
C PHE A 89 -3.03 3.83 4.47
N GLU A 90 -1.80 4.30 4.55
CA GLU A 90 -1.54 5.74 4.56
C GLU A 90 -0.62 6.12 3.39
N VAL A 91 -1.16 6.92 2.47
CA VAL A 91 -0.40 7.34 1.29
C VAL A 91 -0.70 8.80 0.94
N VAL A 92 0.09 9.36 0.02
CA VAL A 92 -0.08 10.75 -0.41
C VAL A 92 -0.08 10.85 -1.94
N TYR A 93 -0.96 11.70 -2.48
CA TYR A 93 -1.06 11.90 -3.93
C TYR A 93 0.21 12.56 -4.48
N VAL A 94 0.88 11.87 -5.40
CA VAL A 94 2.11 12.38 -6.01
C VAL A 94 2.02 12.37 -7.53
N ALA A 95 1.89 13.56 -8.11
CA ALA A 95 1.79 13.72 -9.56
C ALA A 95 0.47 13.18 -10.08
N PRO A 9 -0.22 17.03 1.79
CA PRO A 9 -1.58 16.42 1.83
C PRO A 9 -1.50 14.90 1.98
N ILE A 10 -2.06 14.40 3.08
CA ILE A 10 -2.06 12.96 3.35
C ILE A 10 -3.38 12.31 2.93
N ARG A 11 -3.29 11.12 2.35
CA ARG A 11 -4.46 10.38 1.90
C ARG A 11 -4.69 9.14 2.75
N LYS A 12 -5.81 9.12 3.47
CA LYS A 12 -6.16 7.99 4.32
C LYS A 12 -7.12 7.04 3.61
N VAL A 13 -6.64 5.83 3.29
CA VAL A 13 -7.45 4.84 2.59
C VAL A 13 -7.39 3.48 3.29
N LEU A 14 -8.56 2.87 3.49
CA LEU A 14 -8.65 1.56 4.15
C LEU A 14 -8.82 0.45 3.11
N LEU A 15 -8.07 -0.63 3.29
CA LEU A 15 -8.14 -1.78 2.37
C LEU A 15 -8.58 -3.04 3.12
N LEU A 16 -9.71 -3.60 2.69
CA LEU A 16 -10.25 -4.81 3.31
C LEU A 16 -10.15 -6.00 2.35
N LYS A 17 -9.50 -7.07 2.81
CA LYS A 17 -9.33 -8.27 2.00
C LYS A 17 -9.58 -9.54 2.82
N GLU A 18 -10.12 -10.57 2.16
CA GLU A 18 -10.40 -11.83 2.82
C GLU A 18 -9.33 -12.87 2.53
N ASP A 19 -9.36 -13.99 3.25
CA ASP A 19 -8.38 -15.06 3.05
C ASP A 19 -8.44 -15.60 1.63
N HIS A 20 -9.65 -15.71 1.08
CA HIS A 20 -9.83 -16.20 -0.28
C HIS A 20 -9.38 -15.16 -1.31
N GLU A 21 -9.46 -13.87 -0.95
CA GLU A 21 -9.04 -12.78 -1.84
C GLU A 21 -7.54 -12.52 -1.72
N GLY A 22 -7.03 -11.58 -2.54
CA GLY A 22 -5.61 -11.25 -2.52
C GLY A 22 -5.35 -9.77 -2.29
N LEU A 23 -4.19 -9.30 -2.76
CA LEU A 23 -3.80 -7.90 -2.60
C LEU A 23 -4.64 -6.99 -3.50
N GLY A 24 -4.44 -7.11 -4.81
CA GLY A 24 -5.18 -6.30 -5.76
C GLY A 24 -4.46 -5.02 -6.18
N ILE A 25 -3.22 -4.84 -5.70
CA ILE A 25 -2.44 -3.65 -6.04
C ILE A 25 -0.97 -3.98 -6.20
N SER A 26 -0.27 -3.22 -7.05
CA SER A 26 1.16 -3.43 -7.30
C SER A 26 1.95 -2.17 -6.97
N ILE A 27 3.10 -2.35 -6.30
CA ILE A 27 3.95 -1.22 -5.91
C ILE A 27 5.36 -1.40 -6.46
N THR A 28 6.09 -0.28 -6.57
CA THR A 28 7.46 -0.30 -7.07
C THR A 28 8.33 0.71 -6.32
N GLY A 29 9.61 0.37 -6.16
CA GLY A 29 10.54 1.24 -5.46
C GLY A 29 11.29 0.52 -4.35
N GLY A 30 11.82 1.29 -3.40
CA GLY A 30 12.55 0.70 -2.29
C GLY A 30 13.36 1.71 -1.51
N LYS A 31 13.06 1.85 -0.22
CA LYS A 31 13.77 2.80 0.65
C LYS A 31 15.28 2.57 0.61
N GLU A 32 15.70 1.29 0.48
CA GLU A 32 17.11 0.95 0.44
C GLU A 32 17.82 1.67 -0.71
N HIS A 33 17.09 1.95 -1.80
CA HIS A 33 17.64 2.65 -2.95
C HIS A 33 17.74 4.15 -2.68
N GLY A 34 16.83 4.67 -1.86
CA GLY A 34 16.84 6.08 -1.53
C GLY A 34 15.44 6.71 -1.61
N VAL A 35 14.59 6.17 -2.48
CA VAL A 35 13.24 6.68 -2.66
C VAL A 35 12.19 5.70 -2.09
N PRO A 36 11.17 6.22 -1.39
CA PRO A 36 10.10 5.39 -0.81
C PRO A 36 9.33 4.62 -1.87
N ILE A 37 8.69 3.52 -1.47
CA ILE A 37 7.92 2.69 -2.39
C ILE A 37 6.52 3.27 -2.60
N LEU A 38 6.07 3.29 -3.85
CA LEU A 38 4.75 3.82 -4.19
C LEU A 38 3.97 2.88 -5.12
N ILE A 39 2.65 3.09 -5.19
CA ILE A 39 1.78 2.27 -6.03
C ILE A 39 1.75 2.80 -7.47
N SER A 40 1.98 1.91 -8.43
CA SER A 40 1.98 2.28 -9.84
C SER A 40 0.87 1.56 -10.61
N GLU A 41 0.62 0.28 -10.29
CA GLU A 41 -0.42 -0.50 -10.96
C GLU A 41 -1.55 -0.87 -10.00
N ILE A 42 -2.77 -0.92 -10.54
CA ILE A 42 -3.95 -1.26 -9.75
C ILE A 42 -4.78 -2.33 -10.46
N HIS A 43 -5.19 -3.36 -9.71
CA HIS A 43 -5.99 -4.44 -10.28
C HIS A 43 -7.48 -4.13 -10.21
N PRO A 44 -8.13 -3.92 -11.38
CA PRO A 44 -9.57 -3.61 -11.44
C PRO A 44 -10.43 -4.73 -10.89
N GLY A 45 -11.48 -4.37 -10.14
CA GLY A 45 -12.37 -5.36 -9.56
C GLY A 45 -12.00 -5.71 -8.13
N GLN A 46 -10.72 -5.63 -7.80
CA GLN A 46 -10.24 -5.93 -6.46
C GLN A 46 -10.67 -4.86 -5.47
N PRO A 47 -10.50 -5.10 -4.14
CA PRO A 47 -10.87 -4.15 -3.10
C PRO A 47 -10.32 -2.74 -3.36
N ALA A 48 -9.16 -2.66 -4.02
CA ALA A 48 -8.53 -1.38 -4.32
C ALA A 48 -9.45 -0.54 -5.22
N ASP A 49 -10.00 -1.15 -6.25
CA ASP A 49 -10.89 -0.46 -7.18
C ASP A 49 -12.23 -0.14 -6.50
N ARG A 50 -12.72 -1.06 -5.68
CA ARG A 50 -13.98 -0.89 -4.97
C ARG A 50 -13.95 0.37 -4.09
N CYS A 51 -12.77 0.69 -3.54
CA CYS A 51 -12.61 1.86 -2.68
C CYS A 51 -12.73 3.17 -3.48
N GLY A 52 -12.37 3.11 -4.76
CA GLY A 52 -12.42 4.30 -5.61
C GLY A 52 -11.45 5.39 -5.16
N GLY A 53 -10.48 5.02 -4.31
CA GLY A 53 -9.51 5.98 -3.82
C GLY A 53 -8.09 5.64 -4.23
N LEU A 54 -7.78 4.35 -4.28
CA LEU A 54 -6.44 3.89 -4.67
C LEU A 54 -6.13 4.32 -6.10
N HIS A 55 -5.37 5.40 -6.23
CA HIS A 55 -4.99 5.93 -7.54
C HIS A 55 -3.49 5.72 -7.79
N VAL A 56 -3.12 5.71 -9.07
CA VAL A 56 -1.72 5.54 -9.46
C VAL A 56 -0.87 6.70 -8.97
N GLY A 57 0.27 6.38 -8.36
CA GLY A 57 1.15 7.42 -7.84
C GLY A 57 0.94 7.70 -6.36
N ASP A 58 0.86 6.63 -5.57
CA ASP A 58 0.65 6.77 -4.12
C ASP A 58 1.89 6.30 -3.37
N ALA A 59 2.50 7.21 -2.61
CA ALA A 59 3.70 6.88 -1.84
C ALA A 59 3.35 6.39 -0.43
N ILE A 60 3.81 5.19 -0.10
CA ILE A 60 3.55 4.59 1.21
C ILE A 60 4.43 5.20 2.29
N LEU A 61 3.81 5.53 3.43
CA LEU A 61 4.51 6.10 4.58
C LEU A 61 4.25 5.29 5.84
N ALA A 62 2.96 5.02 6.12
CA ALA A 62 2.57 4.25 7.29
C ALA A 62 1.52 3.19 6.94
N VAL A 63 1.59 2.06 7.62
CA VAL A 63 0.65 0.96 7.39
C VAL A 63 0.24 0.31 8.72
N ASN A 64 -1.05 0.42 9.04
CA ASN A 64 -1.58 -0.15 10.28
C ASN A 64 -0.86 0.45 11.51
N GLY A 65 -0.47 1.71 11.41
CA GLY A 65 0.22 2.37 12.51
C GLY A 65 1.73 2.18 12.48
N VAL A 66 2.21 1.21 11.69
CA VAL A 66 3.63 0.93 11.58
C VAL A 66 4.26 1.76 10.46
N ASN A 67 5.35 2.46 10.78
CA ASN A 67 6.05 3.30 9.81
C ASN A 67 6.97 2.45 8.93
N LEU A 68 7.03 2.78 7.65
CA LEU A 68 7.87 2.05 6.71
C LEU A 68 8.97 2.94 6.12
N ARG A 69 9.28 4.04 6.81
CA ARG A 69 10.32 4.97 6.34
C ARG A 69 11.72 4.36 6.51
N ASP A 70 11.91 3.56 7.55
CA ASP A 70 13.21 2.93 7.81
C ASP A 70 13.22 1.44 7.42
N THR A 71 12.17 0.97 6.76
CA THR A 71 12.09 -0.42 6.33
C THR A 71 12.55 -0.57 4.88
N LYS A 72 12.52 -1.81 4.37
CA LYS A 72 12.94 -2.10 2.99
C LYS A 72 11.75 -2.58 2.15
N HIS A 73 11.89 -2.49 0.83
CA HIS A 73 10.83 -2.93 -0.09
C HIS A 73 10.41 -4.37 0.21
N LYS A 74 11.38 -5.27 0.28
CA LYS A 74 11.10 -6.68 0.57
C LYS A 74 10.42 -6.83 1.93
N GLU A 75 10.91 -6.08 2.92
CA GLU A 75 10.34 -6.12 4.27
C GLU A 75 8.89 -5.63 4.27
N ALA A 76 8.60 -4.62 3.45
CA ALA A 76 7.26 -4.06 3.37
C ALA A 76 6.27 -5.10 2.83
N VAL A 77 6.73 -5.91 1.87
CA VAL A 77 5.88 -6.95 1.28
C VAL A 77 5.45 -7.96 2.34
N THR A 78 6.41 -8.38 3.17
CA THR A 78 6.13 -9.34 4.23
C THR A 78 5.12 -8.77 5.22
N ILE A 79 5.33 -7.52 5.63
CA ILE A 79 4.42 -6.86 6.57
C ILE A 79 3.02 -6.76 6.00
N LEU A 80 2.92 -6.44 4.71
CA LEU A 80 1.63 -6.31 4.03
C LEU A 80 0.84 -7.61 4.15
N SER A 81 1.54 -8.74 4.02
CA SER A 81 0.90 -10.06 4.11
C SER A 81 0.39 -10.32 5.53
N GLN A 82 1.11 -9.79 6.53
CA GLN A 82 0.72 -9.97 7.93
C GLN A 82 -0.61 -9.30 8.24
N GLN A 83 -0.93 -8.23 7.49
CA GLN A 83 -2.18 -7.50 7.69
C GLN A 83 -3.39 -8.38 7.36
N ARG A 84 -4.14 -8.75 8.40
CA ARG A 84 -5.31 -9.60 8.24
C ARG A 84 -6.60 -8.82 8.53
N GLY A 85 -7.67 -9.18 7.82
CA GLY A 85 -8.95 -8.51 8.02
C GLY A 85 -8.90 -7.03 7.66
N GLU A 86 -8.94 -6.18 8.68
CA GLU A 86 -8.89 -4.74 8.47
C GLU A 86 -7.44 -4.28 8.29
N ILE A 87 -7.18 -3.59 7.18
CA ILE A 87 -5.84 -3.10 6.90
C ILE A 87 -5.86 -1.59 6.65
N GLU A 88 -5.08 -0.86 7.44
CA GLU A 88 -4.99 0.59 7.31
C GLU A 88 -3.83 0.99 6.42
N PHE A 89 -4.09 1.85 5.44
CA PHE A 89 -3.06 2.32 4.52
C PHE A 89 -2.98 3.84 4.51
N GLU A 90 -1.76 4.35 4.66
CA GLU A 90 -1.53 5.79 4.65
C GLU A 90 -0.51 6.16 3.58
N VAL A 91 -0.96 6.90 2.57
CA VAL A 91 -0.10 7.31 1.47
C VAL A 91 -0.35 8.77 1.08
N VAL A 92 0.50 9.30 0.21
CA VAL A 92 0.37 10.69 -0.25
C VAL A 92 0.51 10.77 -1.77
N TYR A 93 -0.33 11.59 -2.40
CA TYR A 93 -0.30 11.75 -3.86
C TYR A 93 1.00 12.44 -4.29
N VAL A 94 1.82 11.72 -5.06
CA VAL A 94 3.10 12.26 -5.53
C VAL A 94 2.99 12.70 -7.00
N ALA A 95 3.51 13.89 -7.29
CA ALA A 95 3.48 14.44 -8.63
C ALA A 95 4.37 15.68 -8.74
N PRO A 9 -0.64 17.38 1.21
CA PRO A 9 -1.99 16.76 1.26
C PRO A 9 -1.92 15.23 1.40
N ILE A 10 -2.09 14.75 2.62
CA ILE A 10 -2.06 13.31 2.91
C ILE A 10 -3.46 12.72 2.96
N ARG A 11 -3.60 11.49 2.46
CA ARG A 11 -4.89 10.81 2.46
C ARG A 11 -4.81 9.46 3.17
N LYS A 12 -5.90 9.08 3.84
CA LYS A 12 -5.95 7.81 4.57
C LYS A 12 -6.98 6.87 3.95
N VAL A 13 -6.49 5.78 3.34
CA VAL A 13 -7.37 4.80 2.71
C VAL A 13 -7.33 3.46 3.46
N LEU A 14 -8.52 2.92 3.74
CA LEU A 14 -8.63 1.64 4.46
C LEU A 14 -8.97 0.51 3.49
N LEU A 15 -8.16 -0.55 3.51
CA LEU A 15 -8.38 -1.71 2.64
C LEU A 15 -8.66 -2.97 3.45
N LEU A 16 -9.58 -3.80 2.96
CA LEU A 16 -9.95 -5.04 3.63
C LEU A 16 -9.44 -6.25 2.84
N LYS A 17 -8.71 -7.14 3.52
CA LYS A 17 -8.16 -8.33 2.87
C LYS A 17 -8.95 -9.57 3.26
N GLU A 18 -9.50 -10.26 2.26
CA GLU A 18 -10.28 -11.47 2.49
C GLU A 18 -9.45 -12.72 2.21
N ASP A 19 -9.84 -13.84 2.82
CA ASP A 19 -9.12 -15.11 2.63
C ASP A 19 -9.08 -15.50 1.15
N HIS A 20 -10.19 -15.25 0.44
CA HIS A 20 -10.27 -15.58 -0.98
C HIS A 20 -9.70 -14.45 -1.84
N GLU A 21 -9.67 -13.23 -1.29
CA GLU A 21 -9.15 -12.06 -2.01
C GLU A 21 -7.65 -11.89 -1.79
N GLY A 22 -7.06 -10.89 -2.47
CA GLY A 22 -5.64 -10.63 -2.33
C GLY A 22 -5.31 -9.15 -2.28
N LEU A 23 -4.16 -8.79 -2.85
CA LEU A 23 -3.72 -7.40 -2.89
C LEU A 23 -4.49 -6.60 -3.95
N GLY A 24 -4.31 -6.99 -5.22
CA GLY A 24 -4.99 -6.30 -6.31
C GLY A 24 -4.27 -5.05 -6.81
N ILE A 25 -3.09 -4.78 -6.28
CA ILE A 25 -2.32 -3.60 -6.70
C ILE A 25 -0.83 -3.92 -6.80
N SER A 26 -0.08 -3.04 -7.48
CA SER A 26 1.35 -3.22 -7.66
C SER A 26 2.13 -2.03 -7.10
N ILE A 27 3.23 -2.33 -6.40
CA ILE A 27 4.06 -1.29 -5.79
C ILE A 27 5.45 -1.26 -6.41
N THR A 28 6.08 -0.08 -6.39
CA THR A 28 7.42 0.11 -6.95
C THR A 28 8.28 0.98 -6.03
N GLY A 29 9.61 0.78 -6.10
CA GLY A 29 10.53 1.56 -5.29
C GLY A 29 11.34 0.69 -4.33
N GLY A 30 12.04 1.34 -3.40
CA GLY A 30 12.85 0.61 -2.43
C GLY A 30 13.71 1.52 -1.58
N LYS A 31 13.49 1.49 -0.27
CA LYS A 31 14.26 2.31 0.67
C LYS A 31 15.75 2.00 0.60
N GLU A 32 16.09 0.75 0.25
CA GLU A 32 17.49 0.33 0.15
C GLU A 32 18.23 1.17 -0.88
N HIS A 33 17.51 1.61 -1.92
CA HIS A 33 18.10 2.43 -2.98
C HIS A 33 18.06 3.92 -2.62
N GLY A 34 17.06 4.30 -1.82
CA GLY A 34 16.92 5.69 -1.42
C GLY A 34 15.65 6.32 -1.96
N VAL A 35 14.58 5.54 -2.04
CA VAL A 35 13.30 6.04 -2.55
C VAL A 35 12.13 5.31 -1.89
N PRO A 36 11.10 6.06 -1.46
CA PRO A 36 9.91 5.47 -0.82
C PRO A 36 9.10 4.61 -1.78
N ILE A 37 8.31 3.69 -1.24
CA ILE A 37 7.49 2.80 -2.06
C ILE A 37 6.21 3.51 -2.46
N LEU A 38 5.88 3.45 -3.75
CA LEU A 38 4.68 4.10 -4.28
C LEU A 38 3.90 3.15 -5.19
N ILE A 39 2.59 3.40 -5.31
CA ILE A 39 1.73 2.58 -6.17
C ILE A 39 1.84 3.02 -7.62
N SER A 40 2.27 2.09 -8.48
CA SER A 40 2.42 2.39 -9.91
C SER A 40 1.34 1.70 -10.75
N GLU A 41 0.98 0.46 -10.36
CA GLU A 41 -0.04 -0.28 -11.09
C GLU A 41 -1.17 -0.72 -10.16
N ILE A 42 -2.40 -0.76 -10.69
CA ILE A 42 -3.56 -1.17 -9.90
C ILE A 42 -4.43 -2.13 -10.71
N HIS A 43 -4.53 -3.38 -10.26
CA HIS A 43 -5.33 -4.40 -10.94
C HIS A 43 -6.83 -4.12 -10.77
N PRO A 44 -7.59 -4.19 -11.88
CA PRO A 44 -9.04 -3.94 -11.85
C PRO A 44 -9.83 -5.11 -11.23
N GLY A 45 -11.05 -4.81 -10.78
CA GLY A 45 -11.90 -5.82 -10.17
C GLY A 45 -11.28 -6.43 -8.92
N GLN A 46 -10.85 -5.56 -8.01
CA GLN A 46 -10.22 -5.99 -6.77
C GLN A 46 -10.52 -5.00 -5.64
N PRO A 47 -10.10 -5.31 -4.39
CA PRO A 47 -10.32 -4.43 -3.23
C PRO A 47 -9.92 -2.98 -3.49
N ALA A 48 -8.85 -2.79 -4.28
CA ALA A 48 -8.36 -1.46 -4.59
C ALA A 48 -9.44 -0.64 -5.31
N ASP A 49 -10.09 -1.26 -6.29
CA ASP A 49 -11.15 -0.61 -7.04
C ASP A 49 -12.40 -0.41 -6.17
N ARG A 50 -12.68 -1.39 -5.31
CA ARG A 50 -13.84 -1.32 -4.41
C ARG A 50 -13.78 -0.08 -3.53
N CYS A 51 -12.57 0.34 -3.15
CA CYS A 51 -12.39 1.52 -2.30
C CYS A 51 -12.44 2.81 -3.11
N GLY A 52 -12.04 2.74 -4.39
CA GLY A 52 -12.04 3.92 -5.24
C GLY A 52 -11.04 4.98 -4.79
N GLY A 53 -10.10 4.59 -3.91
CA GLY A 53 -9.11 5.52 -3.41
C GLY A 53 -7.72 5.22 -3.95
N LEU A 54 -7.41 3.94 -4.16
CA LEU A 54 -6.12 3.53 -4.69
C LEU A 54 -5.94 4.02 -6.13
N HIS A 55 -5.20 5.11 -6.28
CA HIS A 55 -4.95 5.71 -7.59
C HIS A 55 -3.48 5.59 -7.98
N VAL A 56 -3.20 5.65 -9.28
CA VAL A 56 -1.83 5.57 -9.77
C VAL A 56 -1.02 6.76 -9.28
N GLY A 57 0.18 6.49 -8.75
CA GLY A 57 1.03 7.55 -8.25
C GLY A 57 0.74 7.88 -6.79
N ASP A 58 0.67 6.84 -5.96
CA ASP A 58 0.39 7.02 -4.53
C ASP A 58 1.64 6.72 -3.71
N ALA A 59 2.03 7.67 -2.86
CA ALA A 59 3.23 7.50 -2.02
C ALA A 59 2.90 6.87 -0.67
N ILE A 60 3.52 5.72 -0.38
CA ILE A 60 3.31 5.02 0.88
C ILE A 60 4.15 5.61 2.01
N LEU A 61 3.64 5.54 3.23
CA LEU A 61 4.35 6.05 4.40
C LEU A 61 4.29 5.06 5.56
N ALA A 62 3.07 4.65 5.95
CA ALA A 62 2.89 3.70 7.05
C ALA A 62 1.65 2.82 6.83
N VAL A 63 1.62 1.68 7.53
CA VAL A 63 0.50 0.75 7.43
C VAL A 63 0.10 0.22 8.80
N ASN A 64 -1.14 0.46 9.20
CA ASN A 64 -1.65 0.03 10.51
C ASN A 64 -0.78 0.55 11.64
N GLY A 65 -0.28 1.78 11.48
CA GLY A 65 0.57 2.38 12.50
C GLY A 65 1.99 1.84 12.50
N VAL A 66 2.37 1.12 11.44
CA VAL A 66 3.71 0.55 11.33
C VAL A 66 4.60 1.44 10.46
N ASN A 67 5.82 1.68 10.92
CA ASN A 67 6.77 2.52 10.19
C ASN A 67 7.29 1.79 8.95
N LEU A 68 7.18 2.45 7.79
CA LEU A 68 7.65 1.88 6.53
C LEU A 68 8.85 2.64 5.99
N ARG A 69 9.06 3.88 6.48
CA ARG A 69 10.19 4.70 6.03
C ARG A 69 11.53 4.04 6.33
N ASP A 70 11.60 3.29 7.43
CA ASP A 70 12.84 2.60 7.83
C ASP A 70 12.81 1.12 7.41
N THR A 71 11.84 0.74 6.57
CA THR A 71 11.73 -0.64 6.11
C THR A 71 12.08 -0.75 4.62
N LYS A 72 12.38 -1.97 4.19
CA LYS A 72 12.75 -2.24 2.79
C LYS A 72 11.53 -2.69 1.98
N HIS A 73 11.63 -2.59 0.65
CA HIS A 73 10.54 -2.99 -0.24
C HIS A 73 10.11 -4.44 0.04
N LYS A 74 11.09 -5.35 0.05
CA LYS A 74 10.80 -6.77 0.31
C LYS A 74 10.24 -6.96 1.71
N GLU A 75 10.80 -6.24 2.68
CA GLU A 75 10.34 -6.32 4.07
C GLU A 75 8.91 -5.80 4.21
N ALA A 76 8.58 -4.74 3.47
CA ALA A 76 7.25 -4.15 3.51
C ALA A 76 6.19 -5.14 3.01
N VAL A 77 6.57 -6.01 2.07
CA VAL A 77 5.66 -7.01 1.53
C VAL A 77 5.16 -7.95 2.62
N THR A 78 6.07 -8.36 3.49
CA THR A 78 5.73 -9.25 4.60
C THR A 78 4.87 -8.54 5.64
N ILE A 79 5.16 -7.26 5.89
CA ILE A 79 4.41 -6.48 6.87
C ILE A 79 2.96 -6.24 6.41
N LEU A 80 2.79 -5.83 5.14
CA LEU A 80 1.46 -5.56 4.60
C LEU A 80 0.62 -6.84 4.55
N SER A 81 1.27 -7.98 4.30
CA SER A 81 0.57 -9.25 4.24
C SER A 81 0.17 -9.73 5.64
N GLN A 82 0.91 -9.32 6.66
CA GLN A 82 0.62 -9.69 8.04
C GLN A 82 -0.71 -9.10 8.52
N GLN A 83 -1.09 -7.96 7.94
CA GLN A 83 -2.35 -7.30 8.30
C GLN A 83 -3.55 -8.22 8.06
N ARG A 84 -4.22 -8.62 9.15
CA ARG A 84 -5.37 -9.51 9.07
C ARG A 84 -6.68 -8.73 9.24
N GLY A 85 -7.73 -9.20 8.55
CA GLY A 85 -9.03 -8.55 8.63
C GLY A 85 -9.01 -7.15 8.06
N GLU A 86 -8.94 -6.16 8.96
CA GLU A 86 -8.90 -4.76 8.55
C GLU A 86 -7.46 -4.28 8.39
N ILE A 87 -7.20 -3.55 7.32
CA ILE A 87 -5.86 -3.04 7.05
C ILE A 87 -5.90 -1.54 6.78
N GLU A 88 -5.15 -0.78 7.59
CA GLU A 88 -5.08 0.66 7.43
C GLU A 88 -3.82 1.07 6.66
N PHE A 89 -4.01 1.75 5.53
CA PHE A 89 -2.89 2.19 4.71
C PHE A 89 -2.79 3.71 4.68
N GLU A 90 -1.60 4.22 4.96
CA GLU A 90 -1.37 5.66 4.96
C GLU A 90 -0.49 6.05 3.77
N VAL A 91 -1.06 6.84 2.87
CA VAL A 91 -0.34 7.28 1.67
C VAL A 91 -0.58 8.75 1.37
N VAL A 92 0.20 9.30 0.44
CA VAL A 92 0.09 10.70 0.05
C VAL A 92 0.11 10.85 -1.47
N TYR A 93 -0.82 11.62 -2.01
CA TYR A 93 -0.91 11.83 -3.45
C TYR A 93 0.30 12.63 -3.94
N VAL A 94 1.09 12.03 -4.84
CA VAL A 94 2.27 12.68 -5.38
C VAL A 94 2.16 12.84 -6.90
N ALA A 95 2.52 14.02 -7.39
CA ALA A 95 2.45 14.32 -8.83
C ALA A 95 3.85 14.40 -9.45
N PRO A 9 -1.44 15.53 -1.23
CA PRO A 9 -1.47 15.59 0.26
C PRO A 9 -1.55 14.20 0.88
N ILE A 10 -1.57 14.15 2.22
CA ILE A 10 -1.65 12.87 2.93
C ILE A 10 -3.08 12.33 2.94
N ARG A 11 -3.24 11.12 2.40
CA ARG A 11 -4.56 10.48 2.34
C ARG A 11 -4.60 9.22 3.20
N LYS A 12 -5.68 9.06 3.97
CA LYS A 12 -5.84 7.90 4.83
C LYS A 12 -7.01 7.04 4.36
N VAL A 13 -6.70 5.84 3.86
CA VAL A 13 -7.72 4.92 3.36
C VAL A 13 -7.49 3.51 3.91
N LEU A 14 -8.58 2.81 4.23
CA LEU A 14 -8.50 1.45 4.76
C LEU A 14 -8.70 0.42 3.65
N LEU A 15 -7.87 -0.62 3.63
CA LEU A 15 -7.96 -1.67 2.63
C LEU A 15 -8.47 -2.98 3.26
N LEU A 16 -9.58 -3.49 2.73
CA LEU A 16 -10.17 -4.73 3.22
C LEU A 16 -9.82 -5.89 2.30
N LYS A 17 -9.06 -6.85 2.84
CA LYS A 17 -8.65 -8.03 2.06
C LYS A 17 -8.98 -9.32 2.79
N GLU A 18 -9.31 -10.36 2.02
CA GLU A 18 -9.65 -11.66 2.59
C GLU A 18 -8.54 -12.68 2.34
N ASP A 19 -8.56 -13.77 3.10
CA ASP A 19 -7.56 -14.84 2.96
C ASP A 19 -7.56 -15.39 1.53
N HIS A 20 -8.75 -15.51 0.95
CA HIS A 20 -8.90 -16.02 -0.41
C HIS A 20 -8.59 -14.93 -1.46
N GLU A 21 -8.82 -13.66 -1.09
CA GLU A 21 -8.58 -12.54 -2.00
C GLU A 21 -7.12 -12.09 -1.96
N GLY A 22 -6.74 -11.29 -2.96
CA GLY A 22 -5.37 -10.79 -3.04
C GLY A 22 -5.28 -9.29 -2.80
N LEU A 23 -4.11 -8.71 -3.06
CA LEU A 23 -3.88 -7.28 -2.88
C LEU A 23 -4.69 -6.45 -3.87
N GLY A 24 -4.47 -6.70 -5.17
CA GLY A 24 -5.19 -5.98 -6.20
C GLY A 24 -4.45 -4.75 -6.72
N ILE A 25 -3.21 -4.54 -6.26
CA ILE A 25 -2.42 -3.39 -6.69
C ILE A 25 -0.93 -3.74 -6.77
N SER A 26 -0.20 -3.01 -7.61
CA SER A 26 1.23 -3.24 -7.79
C SER A 26 2.04 -2.04 -7.27
N ILE A 27 3.14 -2.35 -6.58
CA ILE A 27 4.01 -1.30 -6.02
C ILE A 27 5.40 -1.32 -6.66
N THR A 28 6.08 -0.17 -6.64
CA THR A 28 7.41 -0.04 -7.22
C THR A 28 8.33 0.78 -6.32
N GLY A 29 9.64 0.67 -6.56
CA GLY A 29 10.62 1.42 -5.78
C GLY A 29 11.26 0.56 -4.68
N GLY A 30 11.66 1.21 -3.58
CA GLY A 30 12.27 0.50 -2.48
C GLY A 30 13.21 1.36 -1.65
N LYS A 31 12.95 1.43 -0.34
CA LYS A 31 13.78 2.23 0.58
C LYS A 31 15.26 1.84 0.47
N GLU A 32 15.53 0.57 0.17
CA GLU A 32 16.91 0.09 0.04
C GLU A 32 17.68 0.89 -1.02
N HIS A 33 16.95 1.37 -2.04
CA HIS A 33 17.57 2.16 -3.10
C HIS A 33 17.67 3.64 -2.71
N GLY A 34 16.85 4.06 -1.76
CA GLY A 34 16.87 5.45 -1.31
C GLY A 34 15.57 6.20 -1.61
N VAL A 35 14.49 5.45 -1.84
CA VAL A 35 13.19 6.05 -2.13
C VAL A 35 12.05 5.20 -1.58
N PRO A 36 11.00 5.83 -1.00
CA PRO A 36 9.85 5.11 -0.45
C PRO A 36 9.13 4.29 -1.51
N ILE A 37 8.39 3.27 -1.07
CA ILE A 37 7.65 2.41 -1.99
C ILE A 37 6.31 3.05 -2.36
N LEU A 38 6.05 3.18 -3.67
CA LEU A 38 4.81 3.79 -4.15
C LEU A 38 4.04 2.83 -5.07
N ILE A 39 2.75 3.13 -5.27
CA ILE A 39 1.90 2.32 -6.13
C ILE A 39 1.85 2.90 -7.55
N SER A 40 2.17 2.06 -8.54
CA SER A 40 2.17 2.49 -9.95
C SER A 40 1.01 1.85 -10.73
N GLU A 41 0.66 0.61 -10.39
CA GLU A 41 -0.43 -0.10 -11.07
C GLU A 41 -1.52 -0.54 -10.10
N ILE A 42 -2.76 -0.54 -10.57
CA ILE A 42 -3.90 -0.95 -9.74
C ILE A 42 -4.81 -1.90 -10.53
N HIS A 43 -4.85 -3.16 -10.10
CA HIS A 43 -5.69 -4.17 -10.75
C HIS A 43 -7.17 -3.92 -10.48
N PRO A 44 -8.00 -3.90 -11.54
CA PRO A 44 -9.45 -3.68 -11.42
C PRO A 44 -10.19 -4.89 -10.86
N GLY A 45 -11.34 -4.65 -10.25
CA GLY A 45 -12.14 -5.73 -9.68
C GLY A 45 -11.58 -6.25 -8.37
N GLN A 46 -10.97 -5.36 -7.60
CA GLN A 46 -10.37 -5.71 -6.31
C GLN A 46 -10.72 -4.66 -5.26
N PRO A 47 -10.35 -4.89 -3.98
CA PRO A 47 -10.61 -3.94 -2.89
C PRO A 47 -10.17 -2.52 -3.22
N ALA A 48 -9.09 -2.40 -4.00
CA ALA A 48 -8.56 -1.10 -4.39
C ALA A 48 -9.59 -0.30 -5.20
N ASP A 49 -10.23 -0.96 -6.16
CA ASP A 49 -11.25 -0.31 -6.99
C ASP A 49 -12.51 0.00 -6.18
N ARG A 50 -12.94 -0.96 -5.36
CA ARG A 50 -14.12 -0.78 -4.52
C ARG A 50 -13.98 0.42 -3.59
N CYS A 51 -12.75 0.68 -3.14
CA CYS A 51 -12.48 1.80 -2.24
C CYS A 51 -12.48 3.14 -3.00
N GLY A 52 -12.14 3.10 -4.28
CA GLY A 52 -12.10 4.31 -5.09
C GLY A 52 -11.00 5.28 -4.64
N GLY A 53 -10.02 4.77 -3.89
CA GLY A 53 -8.92 5.60 -3.42
C GLY A 53 -7.57 5.20 -3.97
N LEU A 54 -7.40 3.90 -4.26
CA LEU A 54 -6.15 3.39 -4.80
C LEU A 54 -5.87 3.98 -6.19
N HIS A 55 -5.07 5.04 -6.23
CA HIS A 55 -4.72 5.71 -7.48
C HIS A 55 -3.23 5.59 -7.78
N VAL A 56 -2.87 5.73 -9.05
CA VAL A 56 -1.47 5.65 -9.48
C VAL A 56 -0.67 6.82 -8.92
N GLY A 57 0.49 6.51 -8.32
CA GLY A 57 1.34 7.55 -7.75
C GLY A 57 1.08 7.77 -6.27
N ASP A 58 0.94 6.68 -5.51
CA ASP A 58 0.70 6.75 -4.08
C ASP A 58 1.90 6.23 -3.29
N ALA A 59 2.52 7.08 -2.48
CA ALA A 59 3.67 6.67 -1.68
C ALA A 59 3.26 6.17 -0.30
N ILE A 60 3.66 4.94 0.02
CA ILE A 60 3.34 4.32 1.31
C ILE A 60 4.15 4.95 2.44
N LEU A 61 3.50 5.21 3.57
CA LEU A 61 4.16 5.79 4.73
C LEU A 61 3.95 4.92 5.98
N ALA A 62 2.69 4.60 6.28
CA ALA A 62 2.36 3.77 7.44
C ALA A 62 1.30 2.72 7.09
N VAL A 63 1.42 1.54 7.71
CA VAL A 63 0.49 0.45 7.49
C VAL A 63 -0.01 -0.11 8.82
N ASN A 64 -1.31 0.02 9.07
CA ASN A 64 -1.92 -0.46 10.31
C ASN A 64 -1.28 0.20 11.53
N GLY A 65 -0.88 1.46 11.38
CA GLY A 65 -0.26 2.19 12.48
C GLY A 65 1.25 2.01 12.54
N VAL A 66 1.78 0.99 11.83
CA VAL A 66 3.21 0.73 11.82
C VAL A 66 3.90 1.53 10.70
N ASN A 67 5.03 2.15 11.04
CA ASN A 67 5.78 2.96 10.08
C ASN A 67 6.46 2.08 9.03
N LEU A 68 6.29 2.44 7.76
CA LEU A 68 6.90 1.70 6.65
C LEU A 68 7.90 2.55 5.87
N ARG A 69 8.11 3.80 6.30
CA ARG A 69 9.06 4.70 5.61
C ARG A 69 10.51 4.27 5.85
N ASP A 70 10.78 3.62 6.98
CA ASP A 70 12.14 3.19 7.31
C ASP A 70 12.38 1.70 7.00
N THR A 71 11.42 1.05 6.34
CA THR A 71 11.56 -0.37 5.99
C THR A 71 11.86 -0.55 4.51
N LYS A 72 12.65 -1.58 4.18
CA LYS A 72 13.03 -1.87 2.80
C LYS A 72 11.85 -2.42 2.00
N HIS A 73 11.93 -2.36 0.67
CA HIS A 73 10.86 -2.87 -0.20
C HIS A 73 10.53 -4.32 0.15
N LYS A 74 11.56 -5.16 0.21
CA LYS A 74 11.36 -6.58 0.53
C LYS A 74 10.72 -6.75 1.91
N GLU A 75 11.18 -5.96 2.89
CA GLU A 75 10.64 -6.01 4.24
C GLU A 75 9.19 -5.52 4.26
N ALA A 76 8.91 -4.48 3.46
CA ALA A 76 7.56 -3.91 3.40
C ALA A 76 6.55 -4.93 2.86
N VAL A 77 7.01 -5.83 1.97
CA VAL A 77 6.13 -6.84 1.39
C VAL A 77 5.59 -7.76 2.49
N THR A 78 6.46 -8.10 3.44
CA THR A 78 6.07 -8.96 4.55
C THR A 78 5.05 -8.25 5.44
N ILE A 79 5.26 -6.95 5.67
CA ILE A 79 4.35 -6.15 6.49
C ILE A 79 2.93 -6.19 5.93
N LEU A 80 2.84 -6.06 4.60
CA LEU A 80 1.54 -6.09 3.92
C LEU A 80 0.85 -7.42 4.15
N SER A 81 1.60 -8.52 4.04
CA SER A 81 1.05 -9.86 4.25
C SER A 81 0.62 -10.06 5.70
N GLN A 82 1.31 -9.39 6.63
CA GLN A 82 0.99 -9.50 8.05
C GLN A 82 -0.39 -8.90 8.35
N GLN A 83 -0.81 -7.93 7.54
CA GLN A 83 -2.11 -7.28 7.72
C GLN A 83 -3.25 -8.28 7.54
N ARG A 84 -4.23 -8.23 8.45
CA ARG A 84 -5.38 -9.13 8.40
C ARG A 84 -6.69 -8.37 8.60
N GLY A 85 -7.74 -8.81 7.90
CA GLY A 85 -9.03 -8.17 8.02
C GLY A 85 -8.99 -6.67 7.73
N GLU A 86 -9.06 -5.87 8.78
CA GLU A 86 -9.00 -4.42 8.63
C GLU A 86 -7.57 -3.95 8.50
N ILE A 87 -7.25 -3.33 7.37
CA ILE A 87 -5.90 -2.84 7.11
C ILE A 87 -5.91 -1.33 6.89
N GLU A 88 -5.12 -0.61 7.69
CA GLU A 88 -5.04 0.84 7.58
C GLU A 88 -3.88 1.24 6.67
N PHE A 89 -4.19 1.97 5.61
CA PHE A 89 -3.16 2.41 4.67
C PHE A 89 -3.00 3.93 4.69
N GLU A 90 -1.76 4.37 4.83
CA GLU A 90 -1.45 5.80 4.87
C GLU A 90 -0.47 6.14 3.75
N VAL A 91 -0.93 6.95 2.79
CA VAL A 91 -0.11 7.34 1.65
C VAL A 91 -0.30 8.83 1.31
N VAL A 92 0.54 9.34 0.41
CA VAL A 92 0.45 10.73 -0.02
C VAL A 92 0.48 10.83 -1.54
N TYR A 93 -0.43 11.63 -2.11
CA TYR A 93 -0.50 11.82 -3.56
C TYR A 93 0.70 12.62 -4.06
N VAL A 94 1.54 11.97 -4.88
CA VAL A 94 2.73 12.62 -5.43
C VAL A 94 2.75 12.50 -6.96
N ALA A 95 2.81 13.65 -7.63
CA ALA A 95 2.83 13.69 -9.09
C ALA A 95 4.25 13.60 -9.63
#